data_7KBY
# 
_entry.id   7KBY 
# 
_audit_conform.dict_name       mmcif_pdbx.dic 
_audit_conform.dict_version    5.380 
_audit_conform.dict_location   http://mmcif.pdb.org/dictionaries/ascii/mmcif_pdbx.dic 
# 
loop_
_database_2.database_id 
_database_2.database_code 
_database_2.pdbx_database_accession 
_database_2.pdbx_DOI 
PDB   7KBY         pdb_00007kby 10.2210/pdb7kby/pdb 
WWPDB D_1000252213 ?            ?                   
# 
_pdbx_database_status.status_code                     REL 
_pdbx_database_status.status_code_sf                  REL 
_pdbx_database_status.status_code_mr                  ? 
_pdbx_database_status.entry_id                        7KBY 
_pdbx_database_status.recvd_initial_deposition_date   2020-10-03 
_pdbx_database_status.SG_entry                        N 
_pdbx_database_status.deposit_site                    RCSB 
_pdbx_database_status.process_site                    RCSB 
_pdbx_database_status.status_code_cs                  ? 
_pdbx_database_status.status_code_nmr_data            ? 
_pdbx_database_status.methods_development_category    ? 
_pdbx_database_status.pdb_format_compatible           Y 
# 
loop_
_audit_author.name 
_audit_author.pdbx_ordinal 
_audit_author.identifier_ORCID 
'Miller, K.R.'      1 0000-0003-1963-2908 
'Follmer, A.H.'     2 0000-0002-6244-6804 
'Jasniewski, A.J.'  3 0000-0001-7614-0796 
'Sabuncu, S.'       4 ?                   
'Biswas, S.'        5 ?                   
'Albert, T.'        6 ?                   
'Hendrich, M.P.'    7 0000-0003-4775-0389 
'Moenne-Loccoz, P.' 8 0000-0002-7684-7617 
'Borovik, A.S.'     9 0000-0001-5049-9952 
# 
_citation.abstract                  ? 
_citation.abstract_id_CAS           ? 
_citation.book_id_ISBN              ? 
_citation.book_publisher            ? 
_citation.book_publisher_city       ? 
_citation.book_title                ? 
_citation.coordinate_linkage        ? 
_citation.country                   US 
_citation.database_id_Medline       ? 
_citation.details                   ? 
_citation.id                        primary 
_citation.journal_abbrev            J.Am.Chem.Soc. 
_citation.journal_id_ASTM           JACSAT 
_citation.journal_id_CSD            ? 
_citation.journal_id_ISSN           1520-5126 
_citation.journal_full              ? 
_citation.journal_issue             ? 
_citation.journal_volume            143 
_citation.language                  ? 
_citation.page_first                2384 
_citation.page_last                 2393 
_citation.title                     'Artificial Metalloproteins with Dinuclear Iron-Hydroxido Centers.' 
_citation.year                      2021 
_citation.database_id_CSD           ? 
_citation.pdbx_database_id_DOI      10.1021/jacs.0c12564 
_citation.pdbx_database_id_PubMed   33528256 
_citation.unpublished_flag          ? 
# 
loop_
_citation_author.citation_id 
_citation_author.name 
_citation_author.ordinal 
_citation_author.identifier_ORCID 
primary 'Miller, K.R.'      1  ?                   
primary 'Biswas, S.'        2  ?                   
primary 'Jasniewski, A.'    3  0000-0001-7614-0796 
primary 'Follmer, A.H.'     4  0000-0002-6244-6804 
primary 'Biswas, A.'        5  ?                   
primary 'Albert, T.'        6  0000-0001-7248-0873 
primary 'Sabuncu, S.'       7  0000-0001-8346-8175 
primary 'Bominaar, E.L.'    8  0000-0002-5125-265X 
primary 'Hendrich, M.P.'    9  0000-0003-4775-0389 
primary 'Moenne-Loccoz, P.' 10 0000-0002-7684-7617 
primary 'Borovik, A.S.'     11 0000-0001-5049-9952 
# 
_cell.angle_alpha                  90.000 
_cell.angle_alpha_esd              ? 
_cell.angle_beta                   90.000 
_cell.angle_beta_esd               ? 
_cell.angle_gamma                  90.000 
_cell.angle_gamma_esd              ? 
_cell.entry_id                     7KBY 
_cell.details                      ? 
_cell.formula_units_Z              ? 
_cell.length_a                     57.560 
_cell.length_a_esd                 ? 
_cell.length_b                     57.560 
_cell.length_b_esd                 ? 
_cell.length_c                     183.450 
_cell.length_c_esd                 ? 
_cell.volume                       ? 
_cell.volume_esd                   ? 
_cell.Z_PDB                        16 
_cell.reciprocal_angle_alpha       ? 
_cell.reciprocal_angle_beta        ? 
_cell.reciprocal_angle_gamma       ? 
_cell.reciprocal_angle_alpha_esd   ? 
_cell.reciprocal_angle_beta_esd    ? 
_cell.reciprocal_angle_gamma_esd   ? 
_cell.reciprocal_length_a          ? 
_cell.reciprocal_length_b          ? 
_cell.reciprocal_length_c          ? 
_cell.reciprocal_length_a_esd      ? 
_cell.reciprocal_length_b_esd      ? 
_cell.reciprocal_length_c_esd      ? 
_cell.pdbx_unique_axis             ? 
# 
_symmetry.entry_id                         7KBY 
_symmetry.cell_setting                     ? 
_symmetry.Int_Tables_number                98 
_symmetry.space_group_name_Hall            ? 
_symmetry.space_group_name_H-M             'I 41 2 2' 
_symmetry.pdbx_full_space_group_name_H-M   ? 
# 
loop_
_entity.id 
_entity.type 
_entity.src_method 
_entity.pdbx_description 
_entity.formula_weight 
_entity.pdbx_number_of_molecules 
_entity.pdbx_ec 
_entity.pdbx_mutation 
_entity.pdbx_fragment 
_entity.details 
1 polymer     man Streptavidin 16561.932 1  ? 'K121A, L124Y' ? ? 
2 non-polymer syn 
;{N-(4-{bis[(pyridin-2-yl-kappaN)methyl]amino-kappaN}butyl)-5-[(3aS,4S,6aR)-2-oxohexahydro-1H-thieno[3,4-d]imidazol-4-yl]pentanamide}iron(3+)
;
552.513   1  ? ?              ? ? 
3 non-polymer syn 'CYANIDE ION' 26.017    1  ? ?              ? ? 
4 non-polymer syn 'ACETATE ION' 59.044    1  ? ?              ? ? 
5 water       nat water 18.015    70 ? ?              ? ? 
# 
_entity_poly.entity_id                      1 
_entity_poly.type                           'polypeptide(L)' 
_entity_poly.nstd_linkage                   no 
_entity_poly.nstd_monomer                   no 
_entity_poly.pdbx_seq_one_letter_code       
;MASMTGGQQMGRDEAGITGTWYNQLGSTFIVTAGADGALTGTYESAVGNAESRYVLTGRYDSAPATDGSGTALGWTVAWK
NNYRNAHSATTWSGQYVGGAEARINTQWLLTSGTTEANAWASTYVGHDTFTKVKPSAASIDAAKKAGVNNGNPLDAVQQ
;
_entity_poly.pdbx_seq_one_letter_code_can   
;MASMTGGQQMGRDEAGITGTWYNQLGSTFIVTAGADGALTGTYESAVGNAESRYVLTGRYDSAPATDGSGTALGWTVAWK
NNYRNAHSATTWSGQYVGGAEARINTQWLLTSGTTEANAWASTYVGHDTFTKVKPSAASIDAAKKAGVNNGNPLDAVQQ
;
_entity_poly.pdbx_strand_id                 A 
_entity_poly.pdbx_target_identifier         ? 
# 
loop_
_entity_poly_seq.entity_id 
_entity_poly_seq.num 
_entity_poly_seq.mon_id 
_entity_poly_seq.hetero 
1 1   MET n 
1 2   ALA n 
1 3   SER n 
1 4   MET n 
1 5   THR n 
1 6   GLY n 
1 7   GLY n 
1 8   GLN n 
1 9   GLN n 
1 10  MET n 
1 11  GLY n 
1 12  ARG n 
1 13  ASP n 
1 14  GLU n 
1 15  ALA n 
1 16  GLY n 
1 17  ILE n 
1 18  THR n 
1 19  GLY n 
1 20  THR n 
1 21  TRP n 
1 22  TYR n 
1 23  ASN n 
1 24  GLN n 
1 25  LEU n 
1 26  GLY n 
1 27  SER n 
1 28  THR n 
1 29  PHE n 
1 30  ILE n 
1 31  VAL n 
1 32  THR n 
1 33  ALA n 
1 34  GLY n 
1 35  ALA n 
1 36  ASP n 
1 37  GLY n 
1 38  ALA n 
1 39  LEU n 
1 40  THR n 
1 41  GLY n 
1 42  THR n 
1 43  TYR n 
1 44  GLU n 
1 45  SER n 
1 46  ALA n 
1 47  VAL n 
1 48  GLY n 
1 49  ASN n 
1 50  ALA n 
1 51  GLU n 
1 52  SER n 
1 53  ARG n 
1 54  TYR n 
1 55  VAL n 
1 56  LEU n 
1 57  THR n 
1 58  GLY n 
1 59  ARG n 
1 60  TYR n 
1 61  ASP n 
1 62  SER n 
1 63  ALA n 
1 64  PRO n 
1 65  ALA n 
1 66  THR n 
1 67  ASP n 
1 68  GLY n 
1 69  SER n 
1 70  GLY n 
1 71  THR n 
1 72  ALA n 
1 73  LEU n 
1 74  GLY n 
1 75  TRP n 
1 76  THR n 
1 77  VAL n 
1 78  ALA n 
1 79  TRP n 
1 80  LYS n 
1 81  ASN n 
1 82  ASN n 
1 83  TYR n 
1 84  ARG n 
1 85  ASN n 
1 86  ALA n 
1 87  HIS n 
1 88  SER n 
1 89  ALA n 
1 90  THR n 
1 91  THR n 
1 92  TRP n 
1 93  SER n 
1 94  GLY n 
1 95  GLN n 
1 96  TYR n 
1 97  VAL n 
1 98  GLY n 
1 99  GLY n 
1 100 ALA n 
1 101 GLU n 
1 102 ALA n 
1 103 ARG n 
1 104 ILE n 
1 105 ASN n 
1 106 THR n 
1 107 GLN n 
1 108 TRP n 
1 109 LEU n 
1 110 LEU n 
1 111 THR n 
1 112 SER n 
1 113 GLY n 
1 114 THR n 
1 115 THR n 
1 116 GLU n 
1 117 ALA n 
1 118 ASN n 
1 119 ALA n 
1 120 TRP n 
1 121 ALA n 
1 122 SER n 
1 123 THR n 
1 124 TYR n 
1 125 VAL n 
1 126 GLY n 
1 127 HIS n 
1 128 ASP n 
1 129 THR n 
1 130 PHE n 
1 131 THR n 
1 132 LYS n 
1 133 VAL n 
1 134 LYS n 
1 135 PRO n 
1 136 SER n 
1 137 ALA n 
1 138 ALA n 
1 139 SER n 
1 140 ILE n 
1 141 ASP n 
1 142 ALA n 
1 143 ALA n 
1 144 LYS n 
1 145 LYS n 
1 146 ALA n 
1 147 GLY n 
1 148 VAL n 
1 149 ASN n 
1 150 ASN n 
1 151 GLY n 
1 152 ASN n 
1 153 PRO n 
1 154 LEU n 
1 155 ASP n 
1 156 ALA n 
1 157 VAL n 
1 158 GLN n 
1 159 GLN n 
# 
_entity_src_gen.entity_id                          1 
_entity_src_gen.pdbx_src_id                        1 
_entity_src_gen.pdbx_alt_source_flag               sample 
_entity_src_gen.pdbx_seq_type                      'Biological sequence' 
_entity_src_gen.pdbx_beg_seq_num                   1 
_entity_src_gen.pdbx_end_seq_num                   159 
_entity_src_gen.gene_src_common_name               ? 
_entity_src_gen.gene_src_genus                     ? 
_entity_src_gen.pdbx_gene_src_gene                 ? 
_entity_src_gen.gene_src_species                   ? 
_entity_src_gen.gene_src_strain                    ? 
_entity_src_gen.gene_src_tissue                    ? 
_entity_src_gen.gene_src_tissue_fraction           ? 
_entity_src_gen.gene_src_details                   ? 
_entity_src_gen.pdbx_gene_src_fragment             ? 
_entity_src_gen.pdbx_gene_src_scientific_name      'Streptomyces avidinii' 
_entity_src_gen.pdbx_gene_src_ncbi_taxonomy_id     1895 
_entity_src_gen.pdbx_gene_src_variant              ? 
_entity_src_gen.pdbx_gene_src_cell_line            ? 
_entity_src_gen.pdbx_gene_src_atcc                 ? 
_entity_src_gen.pdbx_gene_src_organ                ? 
_entity_src_gen.pdbx_gene_src_organelle            ? 
_entity_src_gen.pdbx_gene_src_cell                 ? 
_entity_src_gen.pdbx_gene_src_cellular_location    ? 
_entity_src_gen.host_org_common_name               ? 
_entity_src_gen.pdbx_host_org_scientific_name      'Escherichia coli' 
_entity_src_gen.pdbx_host_org_ncbi_taxonomy_id     562 
_entity_src_gen.host_org_genus                     ? 
_entity_src_gen.pdbx_host_org_gene                 ? 
_entity_src_gen.pdbx_host_org_organ                ? 
_entity_src_gen.host_org_species                   ? 
_entity_src_gen.pdbx_host_org_tissue               ? 
_entity_src_gen.pdbx_host_org_tissue_fraction      ? 
_entity_src_gen.pdbx_host_org_strain               ? 
_entity_src_gen.pdbx_host_org_variant              ? 
_entity_src_gen.pdbx_host_org_cell_line            ? 
_entity_src_gen.pdbx_host_org_atcc                 ? 
_entity_src_gen.pdbx_host_org_culture_collection   ? 
_entity_src_gen.pdbx_host_org_cell                 ? 
_entity_src_gen.pdbx_host_org_organelle            ? 
_entity_src_gen.pdbx_host_org_cellular_location    ? 
_entity_src_gen.pdbx_host_org_vector_type          ? 
_entity_src_gen.pdbx_host_org_vector               ? 
_entity_src_gen.host_org_details                   ? 
_entity_src_gen.expression_system_id               ? 
_entity_src_gen.plasmid_name                       ? 
_entity_src_gen.plasmid_details                    ? 
_entity_src_gen.pdbx_description                   ? 
# 
_struct_ref.id                         1 
_struct_ref.db_name                    UNP 
_struct_ref.db_code                    SAV_STRAV 
_struct_ref.pdbx_db_accession          P22629 
_struct_ref.pdbx_db_isoform            ? 
_struct_ref.entity_id                  1 
_struct_ref.pdbx_seq_one_letter_code   
;EAGITGTWYNQLGSTFIVTAGADGALTGTYESAVGNAESRYVLTGRYDSAPATDGSGTALGWTVAWKNNYRNAHSATTWS
GQYVGGAEARINTQWLLTSGTTEANAWKSTLVGHDTFTKVKPSAASIDAAKKAGVNNGNPLDAVQQ
;
_struct_ref.pdbx_align_begin           38 
# 
_struct_ref_seq.align_id                      1 
_struct_ref_seq.ref_id                        1 
_struct_ref_seq.pdbx_PDB_id_code              7KBY 
_struct_ref_seq.pdbx_strand_id                A 
_struct_ref_seq.seq_align_beg                 14 
_struct_ref_seq.pdbx_seq_align_beg_ins_code   ? 
_struct_ref_seq.seq_align_end                 159 
_struct_ref_seq.pdbx_seq_align_end_ins_code   ? 
_struct_ref_seq.pdbx_db_accession             P22629 
_struct_ref_seq.db_align_beg                  38 
_struct_ref_seq.pdbx_db_align_beg_ins_code    ? 
_struct_ref_seq.db_align_end                  183 
_struct_ref_seq.pdbx_db_align_end_ins_code    ? 
_struct_ref_seq.pdbx_auth_seq_align_beg       14 
_struct_ref_seq.pdbx_auth_seq_align_end       159 
# 
loop_
_struct_ref_seq_dif.align_id 
_struct_ref_seq_dif.pdbx_pdb_id_code 
_struct_ref_seq_dif.mon_id 
_struct_ref_seq_dif.pdbx_pdb_strand_id 
_struct_ref_seq_dif.seq_num 
_struct_ref_seq_dif.pdbx_pdb_ins_code 
_struct_ref_seq_dif.pdbx_seq_db_name 
_struct_ref_seq_dif.pdbx_seq_db_accession_code 
_struct_ref_seq_dif.db_mon_id 
_struct_ref_seq_dif.pdbx_seq_db_seq_num 
_struct_ref_seq_dif.details 
_struct_ref_seq_dif.pdbx_auth_seq_num 
_struct_ref_seq_dif.pdbx_ordinal 
1 7KBY MET A 1   ? UNP P22629 ?   ?   'initiating methionine' 1   1  
1 7KBY ALA A 2   ? UNP P22629 ?   ?   'expression tag'        2   2  
1 7KBY SER A 3   ? UNP P22629 ?   ?   'expression tag'        3   3  
1 7KBY MET A 4   ? UNP P22629 ?   ?   'expression tag'        4   4  
1 7KBY THR A 5   ? UNP P22629 ?   ?   'expression tag'        5   5  
1 7KBY GLY A 6   ? UNP P22629 ?   ?   'expression tag'        6   6  
1 7KBY GLY A 7   ? UNP P22629 ?   ?   'expression tag'        7   7  
1 7KBY GLN A 8   ? UNP P22629 ?   ?   'expression tag'        8   8  
1 7KBY GLN A 9   ? UNP P22629 ?   ?   'expression tag'        9   9  
1 7KBY MET A 10  ? UNP P22629 ?   ?   'expression tag'        10  10 
1 7KBY GLY A 11  ? UNP P22629 ?   ?   'expression tag'        11  11 
1 7KBY ARG A 12  ? UNP P22629 ?   ?   'expression tag'        12  12 
1 7KBY ASP A 13  ? UNP P22629 ?   ?   'expression tag'        13  13 
1 7KBY ALA A 121 ? UNP P22629 LYS 145 'engineered mutation'   121 14 
1 7KBY TYR A 124 ? UNP P22629 LEU 148 'engineered mutation'   124 15 
# 
loop_
_chem_comp.id 
_chem_comp.type 
_chem_comp.mon_nstd_flag 
_chem_comp.name 
_chem_comp.pdbx_synonyms 
_chem_comp.formula 
_chem_comp.formula_weight 
ACT non-polymer         . 'ACETATE ION' ? 'C2 H3 O2 -1'          59.044  
ALA 'L-peptide linking' y ALANINE ? 'C3 H7 N O2'           89.093  
ARG 'L-peptide linking' y ARGININE ? 'C6 H15 N4 O2 1'       175.209 
ASN 'L-peptide linking' y ASPARAGINE ? 'C4 H8 N2 O3'          132.118 
ASP 'L-peptide linking' y 'ASPARTIC ACID' ? 'C4 H7 N O4'           133.103 
CYN non-polymer         . 'CYANIDE ION' ? 'C N -1'               26.017  
GLN 'L-peptide linking' y GLUTAMINE ? 'C5 H10 N2 O3'         146.144 
GLU 'L-peptide linking' y 'GLUTAMIC ACID' ? 'C5 H9 N O4'           147.129 
GLY 'peptide linking'   y GLYCINE ? 'C2 H5 N O2'           75.067  
HIS 'L-peptide linking' y HISTIDINE ? 'C6 H10 N3 O2 1'       156.162 
HOH non-polymer         . WATER ? 'H2 O'                 18.015  
ILE 'L-peptide linking' y ISOLEUCINE ? 'C6 H13 N O2'          131.173 
KM3 non-polymer         . 
;{N-(4-{bis[(pyridin-2-yl-kappaN)methyl]amino-kappaN}butyl)-5-[(3aS,4S,6aR)-2-oxohexahydro-1H-thieno[3,4-d]imidazol-4-yl]pentanamide}iron(3+)
;
? 'C26 H36 Fe N6 O2 S 3' 552.513 
LEU 'L-peptide linking' y LEUCINE ? 'C6 H13 N O2'          131.173 
LYS 'L-peptide linking' y LYSINE ? 'C6 H15 N2 O2 1'       147.195 
MET 'L-peptide linking' y METHIONINE ? 'C5 H11 N O2 S'        149.211 
PHE 'L-peptide linking' y PHENYLALANINE ? 'C9 H11 N O2'          165.189 
PRO 'L-peptide linking' y PROLINE ? 'C5 H9 N O2'           115.130 
SER 'L-peptide linking' y SERINE ? 'C3 H7 N O3'           105.093 
THR 'L-peptide linking' y THREONINE ? 'C4 H9 N O3'           119.119 
TRP 'L-peptide linking' y TRYPTOPHAN ? 'C11 H12 N2 O2'        204.225 
TYR 'L-peptide linking' y TYROSINE ? 'C9 H11 N O3'          181.189 
VAL 'L-peptide linking' y VALINE ? 'C5 H11 N O2'          117.146 
# 
_exptl.absorpt_coefficient_mu     ? 
_exptl.absorpt_correction_T_max   ? 
_exptl.absorpt_correction_T_min   ? 
_exptl.absorpt_correction_type    ? 
_exptl.absorpt_process_details    ? 
_exptl.entry_id                   7KBY 
_exptl.crystals_number            1 
_exptl.details                    ? 
_exptl.method                     'X-RAY DIFFRACTION' 
_exptl.method_details             ? 
# 
_exptl_crystal.colour                      ? 
_exptl_crystal.density_diffrn              ? 
_exptl_crystal.density_Matthews            2.29 
_exptl_crystal.density_method              ? 
_exptl_crystal.density_percent_sol         46.37 
_exptl_crystal.description                 ? 
_exptl_crystal.F_000                       ? 
_exptl_crystal.id                          1 
_exptl_crystal.preparation                 ? 
_exptl_crystal.size_max                    ? 
_exptl_crystal.size_mid                    ? 
_exptl_crystal.size_min                    ? 
_exptl_crystal.size_rad                    ? 
_exptl_crystal.colour_lustre               ? 
_exptl_crystal.colour_modifier             ? 
_exptl_crystal.colour_primary              ? 
_exptl_crystal.density_meas                ? 
_exptl_crystal.density_meas_esd            ? 
_exptl_crystal.density_meas_gt             ? 
_exptl_crystal.density_meas_lt             ? 
_exptl_crystal.density_meas_temp           ? 
_exptl_crystal.density_meas_temp_esd       ? 
_exptl_crystal.density_meas_temp_gt        ? 
_exptl_crystal.density_meas_temp_lt        ? 
_exptl_crystal.pdbx_crystal_image_url      ? 
_exptl_crystal.pdbx_crystal_image_format   ? 
_exptl_crystal.pdbx_mosaicity              ? 
_exptl_crystal.pdbx_mosaicity_esd          ? 
# 
_exptl_crystal_grow.apparatus       ? 
_exptl_crystal_grow.atmosphere      ? 
_exptl_crystal_grow.crystal_id      1 
_exptl_crystal_grow.details         ? 
_exptl_crystal_grow.method          'VAPOR DIFFUSION, SITTING DROP' 
_exptl_crystal_grow.method_ref      ? 
_exptl_crystal_grow.pH              4 
_exptl_crystal_grow.pressure        ? 
_exptl_crystal_grow.pressure_esd    ? 
_exptl_crystal_grow.seeding         ? 
_exptl_crystal_grow.seeding_ref     ? 
_exptl_crystal_grow.temp            295 
_exptl_crystal_grow.temp_details    ? 
_exptl_crystal_grow.temp_esd        ? 
_exptl_crystal_grow.time            ? 
_exptl_crystal_grow.pdbx_details    
;26 mg/mL
2.0 M ammonium sulfate, 0.1 M sodium acetate pH 4
;
_exptl_crystal_grow.pdbx_pH_range   ? 
# 
_diffrn.ambient_environment              ? 
_diffrn.ambient_temp                     100 
_diffrn.ambient_temp_details             ? 
_diffrn.ambient_temp_esd                 ? 
_diffrn.crystal_id                       1 
_diffrn.crystal_support                  ? 
_diffrn.crystal_treatment                ? 
_diffrn.details                          ? 
_diffrn.id                               1 
_diffrn.ambient_pressure                 ? 
_diffrn.ambient_pressure_esd             ? 
_diffrn.ambient_pressure_gt              ? 
_diffrn.ambient_pressure_lt              ? 
_diffrn.ambient_temp_gt                  ? 
_diffrn.ambient_temp_lt                  ? 
_diffrn.pdbx_serial_crystal_experiment   N 
# 
_diffrn_detector.details                      ? 
_diffrn_detector.detector                     PIXEL 
_diffrn_detector.diffrn_id                    1 
_diffrn_detector.type                         'DECTRIS PILATUS3 6M' 
_diffrn_detector.area_resol_mean              ? 
_diffrn_detector.dtime                        ? 
_diffrn_detector.pdbx_frames_total            ? 
_diffrn_detector.pdbx_collection_time_total   ? 
_diffrn_detector.pdbx_collection_date         2019-03-16 
_diffrn_detector.pdbx_frequency               ? 
# 
_diffrn_radiation.collimation                      ? 
_diffrn_radiation.diffrn_id                        1 
_diffrn_radiation.filter_edge                      ? 
_diffrn_radiation.inhomogeneity                    ? 
_diffrn_radiation.monochromator                    ? 
_diffrn_radiation.polarisn_norm                    ? 
_diffrn_radiation.polarisn_ratio                   ? 
_diffrn_radiation.probe                            ? 
_diffrn_radiation.type                             ? 
_diffrn_radiation.xray_symbol                      ? 
_diffrn_radiation.wavelength_id                    1 
_diffrn_radiation.pdbx_monochromatic_or_laue_m_l   M 
_diffrn_radiation.pdbx_wavelength_list             ? 
_diffrn_radiation.pdbx_wavelength                  ? 
_diffrn_radiation.pdbx_diffrn_protocol             'SINGLE WAVELENGTH' 
_diffrn_radiation.pdbx_analyzer                    ? 
_diffrn_radiation.pdbx_scattering_type             x-ray 
# 
_diffrn_radiation_wavelength.id           1 
_diffrn_radiation_wavelength.wavelength   1 
_diffrn_radiation_wavelength.wt           1.0 
# 
_diffrn_source.current                     ? 
_diffrn_source.details                     ? 
_diffrn_source.diffrn_id                   1 
_diffrn_source.power                       ? 
_diffrn_source.size                        ? 
_diffrn_source.source                      SYNCHROTRON 
_diffrn_source.target                      ? 
_diffrn_source.type                        'ALS BEAMLINE 5.0.2' 
_diffrn_source.voltage                     ? 
_diffrn_source.take-off_angle              ? 
_diffrn_source.pdbx_wavelength_list        1 
_diffrn_source.pdbx_wavelength             ? 
_diffrn_source.pdbx_synchrotron_beamline   5.0.2 
_diffrn_source.pdbx_synchrotron_site       ALS 
# 
_reflns.B_iso_Wilson_estimate            ? 
_reflns.entry_id                         7KBY 
_reflns.data_reduction_details           ? 
_reflns.data_reduction_method            ? 
_reflns.d_resolution_high                1.700 
_reflns.d_resolution_low                 45.860 
_reflns.details                          ? 
_reflns.limit_h_max                      ? 
_reflns.limit_h_min                      ? 
_reflns.limit_k_max                      ? 
_reflns.limit_k_min                      ? 
_reflns.limit_l_max                      ? 
_reflns.limit_l_min                      ? 
_reflns.number_all                       ? 
_reflns.number_obs                       17537 
_reflns.observed_criterion               ? 
_reflns.observed_criterion_F_max         ? 
_reflns.observed_criterion_F_min         ? 
_reflns.observed_criterion_I_max         ? 
_reflns.observed_criterion_I_min         ? 
_reflns.observed_criterion_sigma_F       ? 
_reflns.observed_criterion_sigma_I       ? 
_reflns.percent_possible_obs             100.000 
_reflns.R_free_details                   ? 
_reflns.Rmerge_F_all                     ? 
_reflns.Rmerge_F_obs                     ? 
_reflns.Friedel_coverage                 ? 
_reflns.number_gt                        ? 
_reflns.threshold_expression             ? 
_reflns.pdbx_redundancy                  11.700 
_reflns.pdbx_Rmerge_I_obs                0.210 
_reflns.pdbx_Rmerge_I_all                ? 
_reflns.pdbx_Rsym_value                  ? 
_reflns.pdbx_netI_over_av_sigmaI         ? 
_reflns.pdbx_netI_over_sigmaI            9.100 
_reflns.pdbx_res_netI_over_av_sigmaI_2   ? 
_reflns.pdbx_res_netI_over_sigmaI_2      ? 
_reflns.pdbx_chi_squared                 ? 
_reflns.pdbx_scaling_rejects             43 
_reflns.pdbx_d_res_high_opt              ? 
_reflns.pdbx_d_res_low_opt               ? 
_reflns.pdbx_d_res_opt_method            ? 
_reflns.phase_calculation_details        ? 
_reflns.pdbx_Rrim_I_all                  0.220 
_reflns.pdbx_Rpim_I_all                  0.063 
_reflns.pdbx_d_opt                       ? 
_reflns.pdbx_number_measured_all         205175 
_reflns.pdbx_diffrn_id                   1 
_reflns.pdbx_ordinal                     1 
_reflns.pdbx_CC_half                     0.997 
_reflns.pdbx_CC_star                     ? 
_reflns.pdbx_R_split                     ? 
# 
loop_
_reflns_shell.d_res_high 
_reflns_shell.d_res_low 
_reflns_shell.meanI_over_sigI_all 
_reflns_shell.meanI_over_sigI_obs 
_reflns_shell.number_measured_all 
_reflns_shell.number_measured_obs 
_reflns_shell.number_possible 
_reflns_shell.number_unique_all 
_reflns_shell.number_unique_obs 
_reflns_shell.percent_possible_all 
_reflns_shell.percent_possible_obs 
_reflns_shell.Rmerge_F_all 
_reflns_shell.Rmerge_F_obs 
_reflns_shell.Rmerge_I_all 
_reflns_shell.Rmerge_I_obs 
_reflns_shell.meanI_over_sigI_gt 
_reflns_shell.meanI_over_uI_all 
_reflns_shell.meanI_over_uI_gt 
_reflns_shell.number_measured_gt 
_reflns_shell.number_unique_gt 
_reflns_shell.percent_possible_gt 
_reflns_shell.Rmerge_F_gt 
_reflns_shell.Rmerge_I_gt 
_reflns_shell.pdbx_redundancy 
_reflns_shell.pdbx_Rsym_value 
_reflns_shell.pdbx_chi_squared 
_reflns_shell.pdbx_netI_over_sigmaI_all 
_reflns_shell.pdbx_netI_over_sigmaI_obs 
_reflns_shell.pdbx_Rrim_I_all 
_reflns_shell.pdbx_Rpim_I_all 
_reflns_shell.pdbx_rejects 
_reflns_shell.pdbx_ordinal 
_reflns_shell.pdbx_diffrn_id 
_reflns_shell.pdbx_CC_half 
_reflns_shell.pdbx_CC_star 
_reflns_shell.pdbx_R_split 
1.700 1.730  ? ? 10529 ? ? ? 899 100.000 ? ? ? ? 1.840 ? ? ? ? ? ? ? ? 11.700 ? ? ? 1.800  1.922 0.549 ? 1 1 0.380 ? ? 
9.000 45.860 ? ? 1700  ? ? ? 158 99.100  ? ? ? ? 0.063 ? ? ? ? ? ? ? ? 10.800 ? ? ? 26.900 0.067 0.020 ? 2 1 0.994 ? ? 
# 
_refine.aniso_B[1][1]                            -0.5600 
_refine.aniso_B[1][2]                            0.0000 
_refine.aniso_B[1][3]                            -0.0000 
_refine.aniso_B[2][2]                            -0.5600 
_refine.aniso_B[2][3]                            0.0000 
_refine.aniso_B[3][3]                            1.1100 
_refine.B_iso_max                                79.810 
_refine.B_iso_mean                               20.9500 
_refine.B_iso_min                                10.970 
_refine.correlation_coeff_Fo_to_Fc               0.9590 
_refine.correlation_coeff_Fo_to_Fc_free          0.9430 
_refine.details                                  
'HYDROGENS HAVE BEEN ADDED IN THE RIDING POSITIONS U VALUES      : REFINED INDIVIDUALLY' 
_refine.diff_density_max                         ? 
_refine.diff_density_max_esd                     ? 
_refine.diff_density_min                         ? 
_refine.diff_density_min_esd                     ? 
_refine.diff_density_rms                         ? 
_refine.diff_density_rms_esd                     ? 
_refine.entry_id                                 7KBY 
_refine.pdbx_refine_id                           'X-RAY DIFFRACTION' 
_refine.ls_abs_structure_details                 ? 
_refine.ls_abs_structure_Flack                   ? 
_refine.ls_abs_structure_Flack_esd               ? 
_refine.ls_abs_structure_Rogers                  ? 
_refine.ls_abs_structure_Rogers_esd              ? 
_refine.ls_d_res_high                            1.7000 
_refine.ls_d_res_low                             41.9500 
_refine.ls_extinction_coef                       ? 
_refine.ls_extinction_coef_esd                   ? 
_refine.ls_extinction_expression                 ? 
_refine.ls_extinction_method                     ? 
_refine.ls_goodness_of_fit_all                   ? 
_refine.ls_goodness_of_fit_all_esd               ? 
_refine.ls_goodness_of_fit_obs                   ? 
_refine.ls_goodness_of_fit_obs_esd               ? 
_refine.ls_hydrogen_treatment                    ? 
_refine.ls_matrix_type                           ? 
_refine.ls_number_constraints                    ? 
_refine.ls_number_parameters                     ? 
_refine.ls_number_reflns_all                     ? 
_refine.ls_number_reflns_obs                     16550 
_refine.ls_number_reflns_R_free                  956 
_refine.ls_number_reflns_R_work                  ? 
_refine.ls_number_restraints                     ? 
_refine.ls_percent_reflns_obs                    99.9200 
_refine.ls_percent_reflns_R_free                 5.5000 
_refine.ls_R_factor_all                          ? 
_refine.ls_R_factor_obs                          0.1936 
_refine.ls_R_factor_R_free                       0.2241 
_refine.ls_R_factor_R_free_error                 ? 
_refine.ls_R_factor_R_free_error_details         ? 
_refine.ls_R_factor_R_work                       0.1919 
_refine.ls_R_Fsqd_factor_obs                     ? 
_refine.ls_R_I_factor_obs                        ? 
_refine.ls_redundancy_reflns_all                 ? 
_refine.ls_redundancy_reflns_obs                 ? 
_refine.ls_restrained_S_all                      ? 
_refine.ls_restrained_S_obs                      ? 
_refine.ls_shift_over_esd_max                    ? 
_refine.ls_shift_over_esd_mean                   ? 
_refine.ls_structure_factor_coef                 ? 
_refine.ls_weighting_details                     ? 
_refine.ls_weighting_scheme                      ? 
_refine.ls_wR_factor_all                         ? 
_refine.ls_wR_factor_obs                         ? 
_refine.ls_wR_factor_R_free                      ? 
_refine.ls_wR_factor_R_work                      ? 
_refine.occupancy_max                            ? 
_refine.occupancy_min                            ? 
_refine.solvent_model_details                    MASK 
_refine.solvent_model_param_bsol                 ? 
_refine.solvent_model_param_ksol                 ? 
_refine.pdbx_R_complete                          ? 
_refine.ls_R_factor_gt                           ? 
_refine.ls_goodness_of_fit_gt                    ? 
_refine.ls_goodness_of_fit_ref                   ? 
_refine.ls_shift_over_su_max                     ? 
_refine.ls_shift_over_su_max_lt                  ? 
_refine.ls_shift_over_su_mean                    ? 
_refine.ls_shift_over_su_mean_lt                 ? 
_refine.pdbx_ls_sigma_I                          ? 
_refine.pdbx_ls_sigma_F                          0.000 
_refine.pdbx_ls_sigma_Fsqd                       ? 
_refine.pdbx_data_cutoff_high_absF               ? 
_refine.pdbx_data_cutoff_high_rms_absF           ? 
_refine.pdbx_data_cutoff_low_absF                ? 
_refine.pdbx_isotropic_thermal_model             ? 
_refine.pdbx_ls_cross_valid_method               THROUGHOUT 
_refine.pdbx_method_to_determine_struct          'MOLECULAR REPLACEMENT' 
_refine.pdbx_starting_model                      2QCB 
_refine.pdbx_stereochemistry_target_values       'MAXIMUM LIKELIHOOD' 
_refine.pdbx_R_Free_selection_details            RANDOM 
_refine.pdbx_stereochem_target_val_spec_case     ? 
_refine.pdbx_overall_ESU_R                       0.0970 
_refine.pdbx_overall_ESU_R_Free                  0.0980 
_refine.pdbx_solvent_vdw_probe_radii             1.2000 
_refine.pdbx_solvent_ion_probe_radii             0.8000 
_refine.pdbx_solvent_shrinkage_radii             0.8000 
_refine.pdbx_real_space_R                        ? 
_refine.pdbx_density_correlation                 ? 
_refine.pdbx_pd_number_of_powder_patterns        ? 
_refine.pdbx_pd_number_of_points                 ? 
_refine.pdbx_pd_meas_number_of_points            ? 
_refine.pdbx_pd_proc_ls_prof_R_factor            ? 
_refine.pdbx_pd_proc_ls_prof_wR_factor           ? 
_refine.pdbx_pd_Marquardt_correlation_coeff      ? 
_refine.pdbx_pd_Fsqrd_R_factor                   ? 
_refine.pdbx_pd_ls_matrix_band_width             ? 
_refine.pdbx_overall_phase_error                 ? 
_refine.pdbx_overall_SU_R_free_Cruickshank_DPI   ? 
_refine.pdbx_overall_SU_R_free_Blow_DPI          ? 
_refine.pdbx_overall_SU_R_Blow_DPI               ? 
_refine.pdbx_TLS_residual_ADP_flag               ? 
_refine.pdbx_diffrn_id                           1 
_refine.overall_SU_B                             ? 
_refine.overall_SU_ML                            ? 
_refine.overall_SU_R_Cruickshank_DPI             ? 
_refine.overall_SU_R_free                        ? 
_refine.overall_FOM_free_R_set                   ? 
_refine.overall_FOM_work_R_set                   ? 
_refine.pdbx_average_fsc_overall                 ? 
_refine.pdbx_average_fsc_work                    ? 
_refine.pdbx_average_fsc_free                    ? 
# 
_refine_hist.pdbx_refine_id                   'X-RAY DIFFRACTION' 
_refine_hist.cycle_id                         final 
_refine_hist.details                          ? 
_refine_hist.d_res_high                       1.7000 
_refine_hist.d_res_low                        41.9500 
_refine_hist.number_atoms_solvent             70 
_refine_hist.number_atoms_total               1040 
_refine_hist.number_reflns_all                ? 
_refine_hist.number_reflns_obs                ? 
_refine_hist.number_reflns_R_free             ? 
_refine_hist.number_reflns_R_work             ? 
_refine_hist.R_factor_all                     ? 
_refine_hist.R_factor_obs                     ? 
_refine_hist.R_factor_R_free                  ? 
_refine_hist.R_factor_R_work                  ? 
_refine_hist.pdbx_number_residues_total       124 
_refine_hist.pdbx_B_iso_mean_ligand           34.02 
_refine_hist.pdbx_B_iso_mean_solvent          31.03 
_refine_hist.pdbx_number_atoms_protein        928 
_refine_hist.pdbx_number_atoms_nucleic_acid   0 
_refine_hist.pdbx_number_atoms_ligand         42 
_refine_hist.pdbx_number_atoms_lipid          ? 
_refine_hist.pdbx_number_atoms_carb           ? 
_refine_hist.pdbx_pseudo_atom_details         ? 
# 
loop_
_refine_ls_restr.pdbx_refine_id 
_refine_ls_restr.criterion 
_refine_ls_restr.dev_ideal 
_refine_ls_restr.dev_ideal_target 
_refine_ls_restr.number 
_refine_ls_restr.rejects 
_refine_ls_restr.type 
_refine_ls_restr.weight 
_refine_ls_restr.pdbx_restraint_function 
'X-RAY DIFFRACTION' ? 0.013  0.013  1006 ? r_bond_refined_d       ? ? 
'X-RAY DIFFRACTION' ? 0.038  0.018  816  ? r_bond_other_d         ? ? 
'X-RAY DIFFRACTION' ? 2.685  1.802  1372 ? r_angle_refined_deg    ? ? 
'X-RAY DIFFRACTION' ? 2.960  1.574  1879 ? r_angle_other_deg      ? ? 
'X-RAY DIFFRACTION' ? 8.152  5.000  123  ? r_dihedral_angle_1_deg ? ? 
'X-RAY DIFFRACTION' ? 29.941 21.800 50   ? r_dihedral_angle_2_deg ? ? 
'X-RAY DIFFRACTION' ? 13.985 15.000 129  ? r_dihedral_angle_3_deg ? ? 
'X-RAY DIFFRACTION' ? 19.118 15.000 6    ? r_dihedral_angle_4_deg ? ? 
'X-RAY DIFFRACTION' ? 0.072  0.200  130  ? r_chiral_restr         ? ? 
'X-RAY DIFFRACTION' ? 0.011  0.020  1144 ? r_gen_planes_refined   ? ? 
'X-RAY DIFFRACTION' ? 0.018  0.020  230  ? r_gen_planes_other     ? ? 
# 
_refine_ls_shell.pdbx_refine_id                   'X-RAY DIFFRACTION' 
_refine_ls_shell.d_res_high                       1.7000 
_refine_ls_shell.d_res_low                        1.7440 
_refine_ls_shell.number_reflns_all                1261 
_refine_ls_shell.number_reflns_obs                ? 
_refine_ls_shell.number_reflns_R_free             65 
_refine_ls_shell.number_reflns_R_work             1196 
_refine_ls_shell.percent_reflns_obs               100.0000 
_refine_ls_shell.percent_reflns_R_free            ? 
_refine_ls_shell.R_factor_all                     ? 
_refine_ls_shell.R_factor_obs                     ? 
_refine_ls_shell.R_factor_R_free                  0.3090 
_refine_ls_shell.R_factor_R_free_error            0.0000 
_refine_ls_shell.R_factor_R_work                  0.3150 
_refine_ls_shell.redundancy_reflns_all            ? 
_refine_ls_shell.redundancy_reflns_obs            ? 
_refine_ls_shell.wR_factor_all                    ? 
_refine_ls_shell.wR_factor_obs                    ? 
_refine_ls_shell.wR_factor_R_free                 ? 
_refine_ls_shell.wR_factor_R_work                 ? 
_refine_ls_shell.pdbx_R_complete                  ? 
_refine_ls_shell.pdbx_total_number_of_bins_used   20 
_refine_ls_shell.pdbx_phase_error                 ? 
_refine_ls_shell.pdbx_fsc_work                    ? 
_refine_ls_shell.pdbx_fsc_free                    ? 
# 
_struct.entry_id                     7KBY 
_struct.title                        'Artificial Metalloproteins with Dinuclear Iron Centers' 
_struct.pdbx_model_details           ? 
_struct.pdbx_formula_weight          ? 
_struct.pdbx_formula_weight_method   ? 
_struct.pdbx_model_type_details      ? 
_struct.pdbx_CASP_flag               N 
# 
_struct_keywords.entry_id        7KBY 
_struct_keywords.text            'Biotin binding Artificial Metalloprotein, METAL BINDING PROTEIN' 
_struct_keywords.pdbx_keywords   'METAL BINDING PROTEIN' 
# 
loop_
_struct_asym.id 
_struct_asym.pdbx_blank_PDB_chainid_flag 
_struct_asym.pdbx_modified 
_struct_asym.entity_id 
_struct_asym.details 
A N N 1 ? 
B N N 2 ? 
C N N 3 ? 
D N N 4 ? 
E N N 5 ? 
# 
loop_
_struct_conf.conf_type_id 
_struct_conf.id 
_struct_conf.pdbx_PDB_helix_id 
_struct_conf.beg_label_comp_id 
_struct_conf.beg_label_asym_id 
_struct_conf.beg_label_seq_id 
_struct_conf.pdbx_beg_PDB_ins_code 
_struct_conf.end_label_comp_id 
_struct_conf.end_label_asym_id 
_struct_conf.end_label_seq_id 
_struct_conf.pdbx_end_PDB_ins_code 
_struct_conf.beg_auth_comp_id 
_struct_conf.beg_auth_asym_id 
_struct_conf.beg_auth_seq_id 
_struct_conf.end_auth_comp_id 
_struct_conf.end_auth_asym_id 
_struct_conf.end_auth_seq_id 
_struct_conf.pdbx_PDB_helix_class 
_struct_conf.details 
_struct_conf.pdbx_PDB_helix_length 
HELX_P HELX_P1 AA1 ASP A 13  ? THR A 18  ? ASP A 13  THR A 18  1 ? 6 
HELX_P HELX_P2 AA2 ASN A 118 ? ALA A 121 ? ASN A 118 ALA A 121 5 ? 4 
# 
_struct_conf_type.id          HELX_P 
_struct_conf_type.criteria    ? 
_struct_conf_type.reference   ? 
# 
loop_
_struct_conn.id 
_struct_conn.conn_type_id 
_struct_conn.pdbx_leaving_atom_flag 
_struct_conn.pdbx_PDB_id 
_struct_conn.ptnr1_label_asym_id 
_struct_conn.ptnr1_label_comp_id 
_struct_conn.ptnr1_label_seq_id 
_struct_conn.ptnr1_label_atom_id 
_struct_conn.pdbx_ptnr1_label_alt_id 
_struct_conn.pdbx_ptnr1_PDB_ins_code 
_struct_conn.pdbx_ptnr1_standard_comp_id 
_struct_conn.ptnr1_symmetry 
_struct_conn.ptnr2_label_asym_id 
_struct_conn.ptnr2_label_comp_id 
_struct_conn.ptnr2_label_seq_id 
_struct_conn.ptnr2_label_atom_id 
_struct_conn.pdbx_ptnr2_label_alt_id 
_struct_conn.pdbx_ptnr2_PDB_ins_code 
_struct_conn.ptnr1_auth_asym_id 
_struct_conn.ptnr1_auth_comp_id 
_struct_conn.ptnr1_auth_seq_id 
_struct_conn.ptnr2_auth_asym_id 
_struct_conn.ptnr2_auth_comp_id 
_struct_conn.ptnr2_auth_seq_id 
_struct_conn.ptnr2_symmetry 
_struct_conn.pdbx_ptnr3_label_atom_id 
_struct_conn.pdbx_ptnr3_label_seq_id 
_struct_conn.pdbx_ptnr3_label_comp_id 
_struct_conn.pdbx_ptnr3_label_asym_id 
_struct_conn.pdbx_ptnr3_label_alt_id 
_struct_conn.pdbx_ptnr3_PDB_ins_code 
_struct_conn.details 
_struct_conn.pdbx_dist_value 
_struct_conn.pdbx_value_order 
_struct_conn.pdbx_role 
metalc1 metalc ? ? A TYR 124 OH  ? ? ? 1_555 B KM3 . FE1 ? ? A TYR 124 A KM3 201 1_555  ? ? ? ? ? ? ? 1.827 ? ? 
metalc2 metalc ? ? B KM3 .   FE1 ? ? ? 1_555 C CYN . N   ? ? A KM3 201 A CYN 202 1_555  ? ? ? ? ? ? ? 2.474 ? ? 
metalc3 metalc ? ? B KM3 .   FE1 ? ? ? 1_555 E HOH . O   ? ? A KM3 201 A HOH 301 1_555  ? ? ? ? ? ? ? 2.039 ? ? 
metalc4 metalc ? ? B KM3 .   FE1 ? ? ? 1_555 E HOH . O   ? ? A KM3 201 A HOH 301 10_665 ? ? ? ? ? ? ? 2.039 ? ? 
# 
_struct_conn_type.id          metalc 
_struct_conn_type.criteria    ? 
_struct_conn_type.reference   ? 
# 
_struct_sheet.id               AA1 
_struct_sheet.type             ? 
_struct_sheet.number_strands   9 
_struct_sheet.details          ? 
# 
loop_
_struct_sheet_order.sheet_id 
_struct_sheet_order.range_id_1 
_struct_sheet_order.range_id_2 
_struct_sheet_order.offset 
_struct_sheet_order.sense 
AA1 1 2 ? anti-parallel 
AA1 2 3 ? anti-parallel 
AA1 3 4 ? anti-parallel 
AA1 4 5 ? anti-parallel 
AA1 5 6 ? anti-parallel 
AA1 6 7 ? anti-parallel 
AA1 7 8 ? anti-parallel 
AA1 8 9 ? anti-parallel 
# 
loop_
_struct_sheet_range.sheet_id 
_struct_sheet_range.id 
_struct_sheet_range.beg_label_comp_id 
_struct_sheet_range.beg_label_asym_id 
_struct_sheet_range.beg_label_seq_id 
_struct_sheet_range.pdbx_beg_PDB_ins_code 
_struct_sheet_range.end_label_comp_id 
_struct_sheet_range.end_label_asym_id 
_struct_sheet_range.end_label_seq_id 
_struct_sheet_range.pdbx_end_PDB_ins_code 
_struct_sheet_range.beg_auth_comp_id 
_struct_sheet_range.beg_auth_asym_id 
_struct_sheet_range.beg_auth_seq_id 
_struct_sheet_range.end_auth_comp_id 
_struct_sheet_range.end_auth_asym_id 
_struct_sheet_range.end_auth_seq_id 
AA1 1 GLY A 19  ? ASN A 23  ? GLY A 19  ASN A 23  
AA1 2 THR A 28  ? ALA A 33  ? THR A 28  ALA A 33  
AA1 3 ALA A 38  ? GLU A 44  ? ALA A 38  GLU A 44  
AA1 4 TYR A 54  ? TYR A 60  ? TYR A 54  TYR A 60  
AA1 5 THR A 71  ? LYS A 80  ? THR A 71  LYS A 80  
AA1 6 ASN A 85  ? VAL A 97  ? ASN A 85  VAL A 97  
AA1 7 ARG A 103 ? SER A 112 ? ARG A 103 SER A 112 
AA1 8 THR A 123 ? THR A 131 ? THR A 123 THR A 131 
AA1 9 GLY A 19  ? ASN A 23  ? GLY A 19  ASN A 23  
# 
loop_
_pdbx_struct_sheet_hbond.sheet_id 
_pdbx_struct_sheet_hbond.range_id_1 
_pdbx_struct_sheet_hbond.range_id_2 
_pdbx_struct_sheet_hbond.range_1_label_atom_id 
_pdbx_struct_sheet_hbond.range_1_label_comp_id 
_pdbx_struct_sheet_hbond.range_1_label_asym_id 
_pdbx_struct_sheet_hbond.range_1_label_seq_id 
_pdbx_struct_sheet_hbond.range_1_PDB_ins_code 
_pdbx_struct_sheet_hbond.range_1_auth_atom_id 
_pdbx_struct_sheet_hbond.range_1_auth_comp_id 
_pdbx_struct_sheet_hbond.range_1_auth_asym_id 
_pdbx_struct_sheet_hbond.range_1_auth_seq_id 
_pdbx_struct_sheet_hbond.range_2_label_atom_id 
_pdbx_struct_sheet_hbond.range_2_label_comp_id 
_pdbx_struct_sheet_hbond.range_2_label_asym_id 
_pdbx_struct_sheet_hbond.range_2_label_seq_id 
_pdbx_struct_sheet_hbond.range_2_PDB_ins_code 
_pdbx_struct_sheet_hbond.range_2_auth_atom_id 
_pdbx_struct_sheet_hbond.range_2_auth_comp_id 
_pdbx_struct_sheet_hbond.range_2_auth_asym_id 
_pdbx_struct_sheet_hbond.range_2_auth_seq_id 
AA1 1 2 N GLY A 19  ? N GLY A 19  O VAL A 31  ? O VAL A 31  
AA1 2 3 N THR A 32  ? N THR A 32  O THR A 40  ? O THR A 40  
AA1 3 4 N LEU A 39  ? N LEU A 39  O GLY A 58  ? O GLY A 58  
AA1 4 5 N THR A 57  ? N THR A 57  O THR A 76  ? O THR A 76  
AA1 5 6 N TRP A 79  ? N TRP A 79  O SER A 88  ? O SER A 88  
AA1 6 7 N VAL A 97  ? N VAL A 97  O ARG A 103 ? O ARG A 103 
AA1 7 8 N LEU A 110 ? N LEU A 110 O TYR A 124 ? O TYR A 124 
AA1 8 9 O THR A 131 ? O THR A 131 N TYR A 22  ? N TYR A 22  
# 
_atom_sites.entry_id                    7KBY 
_atom_sites.Cartn_transf_matrix[1][1]   ? 
_atom_sites.Cartn_transf_matrix[1][2]   ? 
_atom_sites.Cartn_transf_matrix[1][3]   ? 
_atom_sites.Cartn_transf_matrix[2][1]   ? 
_atom_sites.Cartn_transf_matrix[2][2]   ? 
_atom_sites.Cartn_transf_matrix[2][3]   ? 
_atom_sites.Cartn_transf_matrix[3][1]   ? 
_atom_sites.Cartn_transf_matrix[3][2]   ? 
_atom_sites.Cartn_transf_matrix[3][3]   ? 
_atom_sites.Cartn_transf_vector[1]      ? 
_atom_sites.Cartn_transf_vector[2]      ? 
_atom_sites.Cartn_transf_vector[3]      ? 
_atom_sites.fract_transf_matrix[1][1]   -0.00309358 
_atom_sites.fract_transf_matrix[1][2]   0.00708980 
_atom_sites.fract_transf_matrix[1][3]   0.01555589 
_atom_sites.fract_transf_matrix[2][1]   -0.01693314 
_atom_sites.fract_transf_matrix[2][2]   0.00090178 
_atom_sites.fract_transf_matrix[2][3]   -0.00377847 
_atom_sites.fract_transf_matrix[3][1]   -0.00073716 
_atom_sites.fract_transf_matrix[3][2]   -0.00496839 
_atom_sites.fract_transf_matrix[3][3]   0.00211781 
_atom_sites.fract_transf_vector[1]      0.239448 
_atom_sites.fract_transf_vector[2]      0.425059 
_atom_sites.fract_transf_vector[3]      -0.009107 
_atom_sites.solution_primary            ? 
_atom_sites.solution_secondary          ? 
_atom_sites.solution_hydrogens          ? 
_atom_sites.special_details             ? 
# 
loop_
_atom_type.symbol 
C  
FE 
N  
O  
S  
# 
loop_
_atom_site.group_PDB 
_atom_site.id 
_atom_site.type_symbol 
_atom_site.label_atom_id 
_atom_site.label_alt_id 
_atom_site.label_comp_id 
_atom_site.label_asym_id 
_atom_site.label_entity_id 
_atom_site.label_seq_id 
_atom_site.pdbx_PDB_ins_code 
_atom_site.Cartn_x 
_atom_site.Cartn_y 
_atom_site.Cartn_z 
_atom_site.occupancy 
_atom_site.B_iso_or_equiv 
_atom_site.pdbx_formal_charge 
_atom_site.auth_seq_id 
_atom_site.auth_comp_id 
_atom_site.auth_asym_id 
_atom_site.auth_atom_id 
_atom_site.pdbx_PDB_model_num 
ATOM   1    N  N   . GLY A 1 11  ? 6.190   -18.404 -1.569  1.00 38.20 ? 11  GLY A N   1 
ATOM   2    C  CA  . GLY A 1 11  ? 5.125   -17.614 -0.854  1.00 37.05 ? 11  GLY A CA  1 
ATOM   3    C  C   . GLY A 1 11  ? 3.751   -18.011 -1.357  1.00 36.75 ? 11  GLY A C   1 
ATOM   4    O  O   . GLY A 1 11  ? 3.583   -17.965 -2.586  1.00 35.42 ? 11  GLY A O   1 
ATOM   5    N  N   . ARG A 1 12  ? 2.805   -18.388 -0.483  1.00 36.22 ? 12  ARG A N   1 
ATOM   6    C  CA  . ARG A 1 12  ? 1.497   -18.963 -0.920  1.00 38.23 ? 12  ARG A CA  1 
ATOM   7    C  C   . ARG A 1 12  ? 0.796   -18.010 -1.892  1.00 37.66 ? 12  ARG A C   1 
ATOM   8    O  O   . ARG A 1 12  ? 0.265   -18.498 -2.878  1.00 36.53 ? 12  ARG A O   1 
ATOM   9    C  CB  . ARG A 1 12  ? 0.572   -19.297 0.250   1.00 42.33 ? 12  ARG A CB  1 
ATOM   10   C  CG  . ARG A 1 12  ? -0.782  -19.892 -0.141  1.00 51.11 ? 12  ARG A CG  1 
ATOM   11   C  CD  . ARG A 1 12  ? -1.409  -20.623 1.049   1.00 60.62 ? 12  ARG A CD  1 
ATOM   12   N  NE  . ARG A 1 12  ? -2.841  -20.524 1.408   1.00 71.06 ? 12  ARG A NE  1 
ATOM   13   C  CZ  . ARG A 1 12  ? -3.669  -19.461 1.331   1.00 74.80 ? 12  ARG A CZ  1 
ATOM   14   N  NH1 . ARG A 1 12  ? -3.297  -18.277 0.854   1.00 68.78 ? 12  ARG A NH1 1 
ATOM   15   N  NH2 . ARG A 1 12  ? -4.916  -19.604 1.748   1.00 76.39 ? 12  ARG A NH2 1 
ATOM   16   N  N   . ASP A 1 13  ? 0.789   -16.698 -1.632  1.00 35.05 ? 13  ASP A N   1 
ATOM   17   C  CA  . ASP A 1 13  ? 0.016   -15.719 -2.441  1.00 31.97 ? 13  ASP A CA  1 
ATOM   18   C  C   . ASP A 1 13  ? 0.981   -14.836 -3.214  1.00 33.08 ? 13  ASP A C   1 
ATOM   19   O  O   . ASP A 1 13  ? 0.554   -13.784 -3.700  1.00 30.38 ? 13  ASP A O   1 
ATOM   20   C  CB  . ASP A 1 13  ? -0.929  -14.916 -1.547  1.00 32.62 ? 13  ASP A CB  1 
ATOM   21   C  CG  . ASP A 1 13  ? -1.885  -15.833 -0.823  1.00 33.16 ? 13  ASP A CG  1 
ATOM   22   O  OD1 . ASP A 1 13  ? -2.675  -16.507 -1.517  1.00 34.29 ? 13  ASP A OD1 1 
ATOM   23   O  OD2 . ASP A 1 13  ? -1.799  -15.915 0.405   1.00 33.44 ? 13  ASP A OD2 1 
ATOM   24   N  N   . GLU A 1 14  ? 2.240   -15.264 -3.336  1.00 32.42 ? 14  GLU A N   1 
ATOM   25   C  CA  . GLU A 1 14  ? 3.287   -14.499 -4.057  1.00 32.42 ? 14  GLU A CA  1 
ATOM   26   C  C   . GLU A 1 14  ? 2.756   -14.129 -5.455  1.00 31.57 ? 14  GLU A C   1 
ATOM   27   O  O   . GLU A 1 14  ? 2.839   -12.923 -5.897  1.00 25.36 ? 14  GLU A O   1 
ATOM   28   C  CB  . GLU A 1 14  ? 4.545   -15.371 -4.067  1.00 32.05 ? 14  GLU A CB  1 
ATOM   29   C  CG  . GLU A 1 14  ? 5.628   -14.828 -4.953  1.00 34.83 ? 14  GLU A CG  1 
ATOM   30   C  CD  . GLU A 1 14  ? 6.988   -15.474 -4.774  1.00 35.87 ? 14  GLU A CD  1 
ATOM   31   O  OE1 . GLU A 1 14  ? 7.918   -15.021 -5.466  1.00 37.85 ? 14  GLU A OE1 1 
ATOM   32   O  OE2 . GLU A 1 14  ? 7.101   -16.426 -3.958  1.00 37.34 ? 14  GLU A OE2 1 
ATOM   33   N  N   . ALA A 1 15  ? 2.271   -15.154 -6.163  1.00 31.93 ? 15  ALA A N   1 
ATOM   34   C  CA  . ALA A 1 15  ? 1.691   -15.036 -7.521  1.00 32.33 ? 15  ALA A CA  1 
ATOM   35   C  C   . ALA A 1 15  ? 0.453   -14.119 -7.482  1.00 28.39 ? 15  ALA A C   1 
ATOM   36   O  O   . ALA A 1 15  ? 0.395   -13.191 -8.318  1.00 31.16 ? 15  ALA A O   1 
ATOM   37   C  CB  . ALA A 1 15  ? 1.364   -16.421 -8.026  1.00 32.10 ? 15  ALA A CB  1 
ATOM   38   N  N   . GLY A 1 16  ? -0.460  -14.354 -6.528  1.00 25.19 ? 16  GLY A N   1 
ATOM   39   C  CA  . GLY A 1 16  ? -1.714  -13.601 -6.341  1.00 22.41 ? 16  GLY A CA  1 
ATOM   40   C  C   . GLY A 1 16  ? -1.454  -12.110 -6.141  1.00 21.96 ? 16  GLY A C   1 
ATOM   41   O  O   . GLY A 1 16  ? -2.171  -11.284 -6.757  1.00 20.25 ? 16  GLY A O   1 
ATOM   42   N  N   . ILE A 1 17  ? -0.424  -11.765 -5.357  1.00 20.98 ? 17  ILE A N   1 
ATOM   43   C  CA  . ILE A 1 17  ? -0.159  -10.360 -4.932  1.00 18.67 ? 17  ILE A CA  1 
ATOM   44   C  C   . ILE A 1 17  ? 0.617   -9.612  -6.005  1.00 18.69 ? 17  ILE A C   1 
ATOM   45   O  O   . ILE A 1 17  ? 0.322   -8.432  -6.236  1.00 17.66 ? 17  ILE A O   1 
ATOM   46   C  CB  . ILE A 1 17  ? 0.560   -10.343 -3.575  1.00 19.36 ? 17  ILE A CB  1 
ATOM   47   C  CG1 . ILE A 1 17  ? -0.363  -10.913 -2.490  1.00 19.49 ? 17  ILE A CG1 1 
ATOM   48   C  CG2 . ILE A 1 17  ? 1.036   -8.937  -3.259  1.00 18.01 ? 17  ILE A CG2 1 
ATOM   49   C  CD1 . ILE A 1 17  ? 0.312   -11.178 -1.159  1.00 21.73 ? 17  ILE A CD1 1 
ATOM   50   N  N   . THR A 1 18  ? 1.595   -10.259 -6.622  1.00 20.94 ? 18  THR A N   1 
ATOM   51   C  CA  . THR A 1 18  ? 2.531   -9.600  -7.560  1.00 21.73 ? 18  THR A CA  1 
ATOM   52   C  C   . THR A 1 18  ? 1.726   -9.030  -8.719  1.00 20.08 ? 18  THR A C   1 
ATOM   53   O  O   . THR A 1 18  ? 0.821   -9.722  -9.210  1.00 21.37 ? 18  THR A O   1 
ATOM   54   C  CB  . THR A 1 18  ? 3.614   -10.567 -8.052  1.00 23.24 ? 18  THR A CB  1 
ATOM   55   O  OG1 . THR A 1 18  ? 4.415   -10.953 -6.932  1.00 21.24 ? 18  THR A OG1 1 
ATOM   56   C  CG2 . THR A 1 18  ? 4.445   -9.936  -9.149  1.00 23.78 ? 18  THR A CG2 1 
ATOM   57   N  N   . GLY A 1 19  ? 2.023   -7.792  -9.112  1.00 19.11 ? 19  GLY A N   1 
ATOM   58   C  CA  . GLY A 1 19  ? 1.358   -7.160  -10.258 1.00 20.54 ? 19  GLY A CA  1 
ATOM   59   C  C   . GLY A 1 19  ? 0.834   -5.765  -9.989  1.00 21.59 ? 19  GLY A C   1 
ATOM   60   O  O   . GLY A 1 19  ? 1.255   -5.104  -9.004  1.00 21.11 ? 19  GLY A O   1 
ATOM   61   N  N   . THR A 1 20  ? -0.124  -5.353  -10.811 1.00 20.06 ? 20  THR A N   1 
ATOM   62   C  CA  . THR A 1 20  ? -0.657  -3.979  -10.813 1.00 21.25 ? 20  THR A CA  1 
ATOM   63   C  C   . THR A 1 20  ? -2.028  -4.010  -10.145 1.00 22.02 ? 20  THR A C   1 
ATOM   64   O  O   . THR A 1 20  ? -2.863  -4.901  -10.462 1.00 19.30 ? 20  THR A O   1 
ATOM   65   C  CB  . THR A 1 20  ? -0.677  -3.369  -12.220 1.00 22.37 ? 20  THR A CB  1 
ATOM   66   O  OG1 . THR A 1 20  ? 0.636   -3.430  -12.785 1.00 22.49 ? 20  THR A OG1 1 
ATOM   67   C  CG2 . THR A 1 20  ? -1.108  -1.928  -12.190 1.00 22.95 ? 20  THR A CG2 1 
ATOM   68   N  N   . TRP A 1 21  ? -2.232  -3.055  -9.233  1.00 19.65 ? 21  TRP A N   1 
ATOM   69   C  CA  . TRP A 1 21  ? -3.486  -2.883  -8.473  1.00 17.26 ? 21  TRP A CA  1 
ATOM   70   C  C   . TRP A 1 21  ? -3.952  -1.443  -8.580  1.00 17.37 ? 21  TRP A C   1 
ATOM   71   O  O   . TRP A 1 21  ? -3.123  -0.564  -8.789  1.00 16.19 ? 21  TRP A O   1 
ATOM   72   C  CB  . TRP A 1 21  ? -3.251  -3.277  -7.029  1.00 16.74 ? 21  TRP A CB  1 
ATOM   73   C  CG  . TRP A 1 21  ? -2.908  -4.714  -6.830  1.00 16.77 ? 21  TRP A CG  1 
ATOM   74   C  CD1 . TRP A 1 21  ? -1.667  -5.278  -6.783  1.00 16.14 ? 21  TRP A CD1 1 
ATOM   75   C  CD2 . TRP A 1 21  ? -3.841  -5.745  -6.507  1.00 15.95 ? 21  TRP A CD2 1 
ATOM   76   N  NE1 . TRP A 1 21  ? -1.775  -6.608  -6.494  1.00 16.42 ? 21  TRP A NE1 1 
ATOM   77   C  CE2 . TRP A 1 21  ? -3.098  -6.916  -6.298  1.00 16.53 ? 21  TRP A CE2 1 
ATOM   78   C  CE3 . TRP A 1 21  ? -5.227  -5.777  -6.326  1.00 17.27 ? 21  TRP A CE3 1 
ATOM   79   C  CZ2 . TRP A 1 21  ? -3.705  -8.118  -5.923  1.00 16.42 ? 21  TRP A CZ2 1 
ATOM   80   C  CZ3 . TRP A 1 21  ? -5.831  -6.972  -5.977  1.00 18.18 ? 21  TRP A CZ3 1 
ATOM   81   C  CH2 . TRP A 1 21  ? -5.078  -8.128  -5.810  1.00 18.01 ? 21  TRP A CH2 1 
ATOM   82   N  N   . TYR A 1 22  ? -5.268  -1.243  -8.483  1.00 17.14 ? 22  TYR A N   1 
ATOM   83   C  CA  . TYR A 1 22  ? -5.935  0.070   -8.625  1.00 18.34 ? 22  TYR A CA  1 
ATOM   84   C  C   . TYR A 1 22  ? -6.892  0.238   -7.447  1.00 16.31 ? 22  TYR A C   1 
ATOM   85   O  O   . TYR A 1 22  ? -7.580  -0.747  -7.091  1.00 16.27 ? 22  TYR A O   1 
ATOM   86   C  CB  . TYR A 1 22  ? -6.706  0.137   -9.947  1.00 20.60 ? 22  TYR A CB  1 
ATOM   87   C  CG  . TYR A 1 22  ? -5.880  -0.253  -11.147 1.00 19.57 ? 22  TYR A CG  1 
ATOM   88   C  CD1 . TYR A 1 22  ? -5.056  0.666   -11.757 1.00 19.78 ? 22  TYR A CD1 1 
ATOM   89   C  CD2 . TYR A 1 22  ? -5.893  -1.551  -11.639 1.00 21.77 ? 22  TYR A CD2 1 
ATOM   90   C  CE1 . TYR A 1 22  ? -4.295  0.326   -12.863 1.00 20.88 ? 22  TYR A CE1 1 
ATOM   91   C  CE2 . TYR A 1 22  ? -5.112  -1.918  -12.722 1.00 21.96 ? 22  TYR A CE2 1 
ATOM   92   C  CZ  . TYR A 1 22  ? -4.320  -0.962  -13.351 1.00 22.76 ? 22  TYR A CZ  1 
ATOM   93   O  OH  . TYR A 1 22  ? -3.539  -1.270  -14.451 1.00 22.29 ? 22  TYR A OH  1 
ATOM   94   N  N   . ASN A 1 23  ? -6.869  1.400   -6.807  1.00 16.33 ? 23  ASN A N   1 
ATOM   95   C  CA  . ASN A 1 23  ? -7.819  1.676   -5.704  1.00 16.90 ? 23  ASN A CA  1 
ATOM   96   C  C   . ASN A 1 23  ? -8.992  2.509   -6.219  1.00 17.61 ? 23  ASN A C   1 
ATOM   97   O  O   . ASN A 1 23  ? -8.979  2.954   -7.405  1.00 20.29 ? 23  ASN A O   1 
ATOM   98   C  CB  . ASN A 1 23  ? -7.128  2.230   -4.450  1.00 14.48 ? 23  ASN A CB  1 
ATOM   99   C  CG  . ASN A 1 23  ? -6.666  3.660   -4.569  1.00 14.61 ? 23  ASN A CG  1 
ATOM   100  O  OD1 . ASN A 1 23  ? -7.002  4.352   -5.522  1.00 13.32 ? 23  ASN A OD1 1 
ATOM   101  N  ND2 . ASN A 1 23  ? -5.901  4.120   -3.584  1.00 14.61 ? 23  ASN A ND2 1 
ATOM   102  N  N   . GLN A 1 24  ? -9.910  2.838   -5.307  1.00 16.90 ? 24  GLN A N   1 
ATOM   103  C  CA  . GLN A 1 24  ? -11.182 3.538   -5.596  1.00 17.15 ? 24  GLN A CA  1 
ATOM   104  C  C   . GLN A 1 24  ? -10.898 4.998   -5.966  1.00 16.98 ? 24  GLN A C   1 
ATOM   105  O  O   . GLN A 1 24  ? -11.809 5.647   -6.466  1.00 17.95 ? 24  GLN A O   1 
ATOM   106  C  CB  . GLN A 1 24  ? -12.103 3.426   -4.387  1.00 16.82 ? 24  GLN A CB  1 
ATOM   107  C  CG  . GLN A 1 24  ? -11.715 4.291   -3.177  1.00 17.47 ? 24  GLN A CG  1 
ATOM   108  C  CD  . GLN A 1 24  ? -10.482 3.886   -2.387  1.00 18.15 ? 24  GLN A CD  1 
ATOM   109  O  OE1 . GLN A 1 24  ? -9.955  2.775   -2.531  1.00 16.80 ? 24  GLN A OE1 1 
ATOM   110  N  NE2 . GLN A 1 24  ? -10.022 4.796   -1.515  1.00 17.35 ? 24  GLN A NE2 1 
ATOM   111  N  N   . LEU A 1 25  ? -9.693  5.498   -5.736  1.00 17.35 ? 25  LEU A N   1 
ATOM   112  C  CA  . LEU A 1 25  ? -9.350  6.920   -6.039  1.00 18.08 ? 25  LEU A CA  1 
ATOM   113  C  C   . LEU A 1 25  ? -8.721  6.987   -7.430  1.00 19.30 ? 25  LEU A C   1 
ATOM   114  O  O   . LEU A 1 25  ? -8.448  8.102   -7.877  1.00 22.43 ? 25  LEU A O   1 
ATOM   115  C  CB  . LEU A 1 25  ? -8.374  7.467   -4.991  1.00 18.87 ? 25  LEU A CB  1 
ATOM   116  C  CG  . LEU A 1 25  ? -8.910  7.552   -3.567  1.00 19.91 ? 25  LEU A CG  1 
ATOM   117  C  CD1 . LEU A 1 25  ? -7.821  7.920   -2.577  1.00 21.04 ? 25  LEU A CD1 1 
ATOM   118  C  CD2 . LEU A 1 25  ? -10.055 8.541   -3.503  1.00 21.72 ? 25  LEU A CD2 1 
ATOM   119  N  N   . GLY A 1 26  ? -8.460  5.836   -8.051  1.00 20.00 ? 26  GLY A N   1 
ATOM   120  C  CA  . GLY A 1 26  ? -7.759  5.768   -9.343  1.00 20.45 ? 26  GLY A CA  1 
ATOM   121  C  C   . GLY A 1 26  ? -6.250  5.723   -9.169  1.00 19.70 ? 26  GLY A C   1 
ATOM   122  O  O   . GLY A 1 26  ? -5.543  5.910   -10.176 1.00 21.72 ? 26  GLY A O   1 
ATOM   123  N  N   . SER A 1 27  ? -5.727  5.497   -7.957  1.00 17.87 ? 27  SER A N   1 
ATOM   124  C  CA  . SER A 1 27  ? -4.266  5.331   -7.743  1.00 16.17 ? 27  SER A CA  1 
ATOM   125  C  C   . SER A 1 27  ? -3.800  3.969   -8.253  1.00 16.17 ? 27  SER A C   1 
ATOM   126  O  O   . SER A 1 27  ? -4.573  3.022   -8.220  1.00 18.00 ? 27  SER A O   1 
ATOM   127  C  CB  . SER A 1 27  ? -3.916  5.504   -6.281  1.00 15.80 ? 27  SER A CB  1 
ATOM   128  O  OG  . SER A 1 27  ? -4.251  6.804   -5.835  1.00 14.95 ? 27  SER A OG  1 
ATOM   129  N  N   . THR A 1 28  ? -2.517  3.846   -8.569  1.00 17.93 ? 28  THR A N   1 
ATOM   130  C  CA  . THR A 1 28  ? -1.873  2.621   -9.115  1.00 18.67 ? 28  THR A CA  1 
ATOM   131  C  C   . THR A 1 28  ? -0.770  2.146   -8.194  1.00 17.51 ? 28  THR A C   1 
ATOM   132  O  O   . THR A 1 28  ? 0.132   2.911   -7.893  1.00 18.06 ? 28  THR A O   1 
ATOM   133  C  CB  . THR A 1 28  ? -1.245  2.849   -10.501 1.00 20.48 ? 28  THR A CB  1 
ATOM   134  O  OG1 . THR A 1 28  ? -2.203  3.513   -11.296 1.00 22.25 ? 28  THR A OG1 1 
ATOM   135  C  CG2 . THR A 1 28  ? -0.855  1.562   -11.182 1.00 23.08 ? 28  THR A CG2 1 
ATOM   136  N  N   . PHE A 1 29  ? -0.810  0.870   -7.847  1.00 18.15 ? 29  PHE A N   1 
ATOM   137  C  CA  . PHE A 1 29  ? 0.126   0.199   -6.927  1.00 19.62 ? 29  PHE A CA  1 
ATOM   138  C  C   . PHE A 1 29  ? 0.696   -0.966  -7.742  1.00 20.26 ? 29  PHE A C   1 
ATOM   139  O  O   . PHE A 1 29  ? -0.096  -1.849  -8.159  1.00 20.61 ? 29  PHE A O   1 
ATOM   140  C  CB  . PHE A 1 29  ? -0.680  -0.179  -5.671  1.00 19.26 ? 29  PHE A CB  1 
ATOM   141  C  CG  . PHE A 1 29  ? -0.126  -1.214  -4.746  1.00 19.78 ? 29  PHE A CG  1 
ATOM   142  C  CD1 . PHE A 1 29  ? 1.136   -1.077  -4.198  1.00 20.41 ? 29  PHE A CD1 1 
ATOM   143  C  CD2 . PHE A 1 29  ? -0.932  -2.247  -4.288  1.00 18.86 ? 29  PHE A CD2 1 
ATOM   144  C  CE1 . PHE A 1 29  ? 1.619   -1.994  -3.278  1.00 20.11 ? 29  PHE A CE1 1 
ATOM   145  C  CE2 . PHE A 1 29  ? -0.436  -3.189  -3.408  1.00 19.13 ? 29  PHE A CE2 1 
ATOM   146  C  CZ  . PHE A 1 29  ? 0.822   -3.048  -2.872  1.00 19.29 ? 29  PHE A CZ  1 
ATOM   147  N  N   . ILE A 1 30  ? 1.999   -0.944  -7.976  1.00 19.47 ? 30  ILE A N   1 
ATOM   148  C  CA  . ILE A 1 30  ? 2.719   -1.984  -8.743  1.00 22.02 ? 30  ILE A CA  1 
ATOM   149  C  C   . ILE A 1 30  ? 3.654   -2.670  -7.772  1.00 19.76 ? 30  ILE A C   1 
ATOM   150  O  O   . ILE A 1 30  ? 4.437   -1.979  -7.151  1.00 19.59 ? 30  ILE A O   1 
ATOM   151  C  CB  . ILE A 1 30  ? 3.438   -1.353  -9.950  1.00 28.89 ? 30  ILE A CB  1 
ATOM   152  C  CG1 . ILE A 1 30  ? 2.416   -0.730  -10.908 1.00 29.71 ? 30  ILE A CG1 1 
ATOM   153  C  CG2 . ILE A 1 30  ? 4.313   -2.412  -10.620 1.00 29.98 ? 30  ILE A CG2 1 
ATOM   154  C  CD1 . ILE A 1 30  ? 2.990   0.249   -11.919 1.00 32.30 ? 30  ILE A CD1 1 
ATOM   155  N  N   . VAL A 1 31  ? 3.465   -3.959  -7.531  1.00 19.55 ? 31  VAL A N   1 
ATOM   156  C  CA  . VAL A 1 31  ? 4.213   -4.640  -6.446  1.00 20.64 ? 31  VAL A CA  1 
ATOM   157  C  C   . VAL A 1 31  ? 4.783   -5.981  -6.923  1.00 21.51 ? 31  VAL A C   1 
ATOM   158  O  O   . VAL A 1 31  ? 4.149   -6.687  -7.733  1.00 21.19 ? 31  VAL A O   1 
ATOM   159  C  CB  . VAL A 1 31  ? 3.328   -4.808  -5.200  1.00 22.51 ? 31  VAL A CB  1 
ATOM   160  C  CG1 . VAL A 1 31  ? 2.184   -5.788  -5.421  1.00 21.34 ? 31  VAL A CG1 1 
ATOM   161  C  CG2 . VAL A 1 31  ? 4.168   -5.182  -3.981  1.00 22.52 ? 31  VAL A CG2 1 
ATOM   162  N  N   . THR A 1 32  ? 5.975   -6.311  -6.428  1.00 21.38 ? 32  THR A N   1 
ATOM   163  C  CA  . THR A 1 32  ? 6.507   -7.684  -6.481  1.00 20.50 ? 32  THR A CA  1 
ATOM   164  C  C   . THR A 1 32  ? 6.519   -8.250  -5.071  1.00 20.69 ? 32  THR A C   1 
ATOM   165  O  O   . THR A 1 32  ? 7.166   -7.652  -4.193  1.00 19.04 ? 32  THR A O   1 
ATOM   166  C  CB  . THR A 1 32  ? 7.890   -7.735  -7.140  1.00 23.40 ? 32  THR A CB  1 
ATOM   167  O  OG1 . THR A 1 32  ? 7.820   -7.098  -8.410  1.00 24.30 ? 32  THR A OG1 1 
ATOM   168  C  CG2 . THR A 1 32  ? 8.376   -9.155  -7.348  1.00 24.84 ? 32  THR A CG2 1 
ATOM   169  N  N   . ALA A 1 33  ? 5.910   -9.420  -4.897  1.00 20.38 ? 33  ALA A N   1 
ATOM   170  C  CA  . ALA A 1 33  ? 5.966   -10.202 -3.655  1.00 21.79 ? 33  ALA A CA  1 
ATOM   171  C  C   . ALA A 1 33  ? 7.117   -11.200 -3.774  1.00 25.25 ? 33  ALA A C   1 
ATOM   172  O  O   . ALA A 1 33  ? 7.139   -11.955 -4.770  1.00 23.72 ? 33  ALA A O   1 
ATOM   173  C  CB  . ALA A 1 33  ? 4.632   -10.861 -3.419  1.00 21.98 ? 33  ALA A CB  1 
ATOM   174  N  N   . GLY A 1 34  ? 8.034   -11.192 -2.800  1.00 23.94 ? 34  GLY A N   1 
ATOM   175  C  CA  . GLY A 1 34  ? 9.201   -12.095 -2.732  1.00 22.82 ? 34  GLY A CA  1 
ATOM   176  C  C   . GLY A 1 34  ? 8.872   -13.364 -1.958  1.00 22.93 ? 34  GLY A C   1 
ATOM   177  O  O   . GLY A 1 34  ? 7.988   -13.310 -1.096  1.00 21.23 ? 34  GLY A O   1 
ATOM   178  N  N   . ALA A 1 35  ? 9.553   -14.483 -2.221  1.00 23.53 ? 35  ALA A N   1 
ATOM   179  C  CA  . ALA A 1 35  ? 9.271   -15.785 -1.558  1.00 26.93 ? 35  ALA A CA  1 
ATOM   180  C  C   . ALA A 1 35  ? 9.462   -15.659 -0.037  1.00 29.62 ? 35  ALA A C   1 
ATOM   181  O  O   . ALA A 1 35  ? 8.892   -16.473 0.690   1.00 34.38 ? 35  ALA A O   1 
ATOM   182  C  CB  . ALA A 1 35  ? 10.172  -16.857 -2.111  1.00 29.45 ? 35  ALA A CB  1 
ATOM   183  N  N   . ASP A 1 36  ? 10.237  -14.657 0.386   1.00 33.91 ? 36  ASP A N   1 
ATOM   184  C  CA  . ASP A 1 36  ? 10.726  -14.382 1.765   1.00 36.22 ? 36  ASP A CA  1 
ATOM   185  C  C   . ASP A 1 36  ? 9.770   -13.452 2.539   1.00 35.78 ? 36  ASP A C   1 
ATOM   186  O  O   . ASP A 1 36  ? 10.088  -13.139 3.700   1.00 38.97 ? 36  ASP A O   1 
ATOM   187  C  CB  . ASP A 1 36  ? 12.101  -13.699 1.680   1.00 39.63 ? 36  ASP A CB  1 
ATOM   188  C  CG  . ASP A 1 36  ? 12.093  -12.369 0.905   1.00 45.88 ? 36  ASP A CG  1 
ATOM   189  O  OD1 . ASP A 1 36  ? 11.166  -12.169 0.072   1.00 36.27 ? 36  ASP A OD1 1 
ATOM   190  O  OD2 . ASP A 1 36  ? 13.012  -11.519 1.140   1.00 47.41 ? 36  ASP A OD2 1 
ATOM   191  N  N   . GLY A 1 37  ? 8.685   -12.959 1.925   1.00 25.16 ? 37  GLY A N   1 
ATOM   192  C  CA  . GLY A 1 37  ? 7.741   -12.042 2.585   1.00 21.85 ? 37  GLY A CA  1 
ATOM   193  C  C   . GLY A 1 37  ? 7.969   -10.599 2.166   1.00 18.91 ? 37  GLY A C   1 
ATOM   194  O  O   . GLY A 1 37  ? 7.265   -9.732  2.697   1.00 17.33 ? 37  GLY A O   1 
ATOM   195  N  N   . ALA A 1 38  ? 8.881   -10.325 1.237   1.00 18.47 ? 38  ALA A N   1 
ATOM   196  C  CA  . ALA A 1 38  ? 9.164   -8.921  0.843   1.00 18.63 ? 38  ALA A CA  1 
ATOM   197  C  C   . ALA A 1 38  ? 8.072   -8.403  -0.099  1.00 18.02 ? 38  ALA A C   1 
ATOM   198  O  O   . ALA A 1 38  ? 7.570   -9.184  -0.920  1.00 16.33 ? 38  ALA A O   1 
ATOM   199  C  CB  . ALA A 1 38  ? 10.526  -8.824  0.224   1.00 21.47 ? 38  ALA A CB  1 
ATOM   200  N  N   . LEU A 1 39  ? 7.784   -7.099  -0.032  1.00 17.08 ? 39  LEU A N   1 
ATOM   201  C  CA  . LEU A 1 39  ? 6.983   -6.369  -1.033  1.00 17.87 ? 39  LEU A CA  1 
ATOM   202  C  C   . LEU A 1 39  ? 7.839   -5.200  -1.462  1.00 17.28 ? 39  LEU A C   1 
ATOM   203  O  O   . LEU A 1 39  ? 8.395   -4.540  -0.563  1.00 16.12 ? 39  LEU A O   1 
ATOM   204  C  CB  . LEU A 1 39  ? 5.666   -5.818  -0.456  1.00 17.77 ? 39  LEU A CB  1 
ATOM   205  C  CG  . LEU A 1 39  ? 4.646   -6.820  0.056   1.00 18.34 ? 39  LEU A CG  1 
ATOM   206  C  CD1 . LEU A 1 39  ? 3.418   -6.086  0.594   1.00 16.85 ? 39  LEU A CD1 1 
ATOM   207  C  CD2 . LEU A 1 39  ? 4.217   -7.793  -1.042  1.00 19.29 ? 39  LEU A CD2 1 
ATOM   208  N  N   . THR A 1 40  ? 8.004   -5.027  -2.763  1.00 16.66 ? 40  THR A N   1 
ATOM   209  C  CA  . THR A 1 40  ? 8.777   -3.905  -3.357  1.00 18.78 ? 40  THR A CA  1 
ATOM   210  C  C   . THR A 1 40  ? 8.022   -3.428  -4.584  1.00 17.26 ? 40  THR A C   1 
ATOM   211  O  O   . THR A 1 40  ? 7.481   -4.291  -5.292  1.00 20.83 ? 40  THR A O   1 
ATOM   212  C  CB  . THR A 1 40  ? 10.194  -4.366  -3.736  1.00 19.83 ? 40  THR A CB  1 
ATOM   213  O  OG1 A THR A 1 40  ? 10.041  -5.361  -4.740  0.50 23.41 ? 40  THR A OG1 1 
ATOM   214  O  OG1 B THR A 1 40  ? 10.041  -5.361  -4.740  0.50 23.41 ? 40  THR A OG1 1 
ATOM   215  C  CG2 A THR A 1 40  ? 10.931  -5.032  -2.605  0.50 19.68 ? 40  THR A CG2 1 
ATOM   216  C  CG2 B THR A 1 40  ? 10.931  -5.031  -2.605  0.50 19.68 ? 40  THR A CG2 1 
ATOM   217  N  N   . GLY A 1 41  ? 8.087   -2.130  -4.896  1.00 15.24 ? 41  GLY A N   1 
ATOM   218  C  CA  . GLY A 1 41  ? 7.422   -1.645  -6.092  1.00 15.90 ? 41  GLY A CA  1 
ATOM   219  C  C   . GLY A 1 41  ? 7.319   -0.148  -6.070  1.00 15.97 ? 41  GLY A C   1 
ATOM   220  O  O   . GLY A 1 41  ? 8.177   0.490   -5.464  1.00 15.06 ? 41  GLY A O   1 
ATOM   221  N  N   . THR A 1 42  ? 6.256   0.358   -6.678  1.00 15.43 ? 42  THR A N   1 
ATOM   222  C  CA  . THR A 1 42  ? 6.023   1.803   -6.849  1.00 18.03 ? 42  THR A CA  1 
ATOM   223  C  C   . THR A 1 42  ? 4.535   2.069   -6.660  1.00 16.32 ? 42  THR A C   1 
ATOM   224  O  O   . THR A 1 42  ? 3.724   1.191   -6.919  1.00 17.46 ? 42  THR A O   1 
ATOM   225  C  CB  . THR A 1 42  ? 6.510   2.307   -8.219  1.00 18.88 ? 42  THR A CB  1 
ATOM   226  O  OG1 . THR A 1 42  ? 5.713   1.699   -9.237  1.00 17.55 ? 42  THR A OG1 1 
ATOM   227  C  CG2 . THR A 1 42  ? 7.984   2.013   -8.433  1.00 20.56 ? 42  THR A CG2 1 
ATOM   228  N  N   . TYR A 1 43  ? 4.245   3.297   -6.294  1.00 15.07 ? 43  TYR A N   1 
ATOM   229  C  CA  . TYR A 1 43  ? 2.890   3.773   -6.017  1.00 15.48 ? 43  TYR A CA  1 
ATOM   230  C  C   . TYR A 1 43  ? 2.750   5.086   -6.758  1.00 15.90 ? 43  TYR A C   1 
ATOM   231  O  O   . TYR A 1 43  ? 3.661   5.887   -6.662  1.00 18.11 ? 43  TYR A O   1 
ATOM   232  C  CB  . TYR A 1 43  ? 2.664   3.984   -4.519  1.00 15.39 ? 43  TYR A CB  1 
ATOM   233  C  CG  . TYR A 1 43  ? 1.206   3.991   -4.144  1.00 14.17 ? 43  TYR A CG  1 
ATOM   234  C  CD1 . TYR A 1 43  ? 0.439   5.134   -4.257  1.00 13.79 ? 43  TYR A CD1 1 
ATOM   235  C  CD2 . TYR A 1 43  ? 0.587   2.837   -3.685  1.00 14.90 ? 43  TYR A CD2 1 
ATOM   236  C  CE1 . TYR A 1 43  ? -0.915  5.144   -3.930  1.00 14.29 ? 43  TYR A CE1 1 
ATOM   237  C  CE2 . TYR A 1 43  ? -0.754  2.825   -3.348  1.00 14.61 ? 43  TYR A CE2 1 
ATOM   238  C  CZ  . TYR A 1 43  ? -1.510  3.973   -3.469  1.00 14.46 ? 43  TYR A CZ  1 
ATOM   239  O  OH  . TYR A 1 43  ? -2.828  3.945   -3.138  1.00 14.89 ? 43  TYR A OH  1 
ATOM   240  N  N   . GLU A 1 44  ? 1.609   5.280   -7.395  1.00 15.42 ? 44  GLU A N   1 
ATOM   241  C  CA  . GLU A 1 44  ? 1.252   6.558   -8.051  1.00 17.52 ? 44  GLU A CA  1 
ATOM   242  C  C   . GLU A 1 44  ? -0.127  6.957   -7.533  1.00 15.84 ? 44  GLU A C   1 
ATOM   243  O  O   . GLU A 1 44  ? -1.100  6.247   -7.785  1.00 16.83 ? 44  GLU A O   1 
ATOM   244  C  CB  . GLU A 1 44  ? 1.272   6.382   -9.574  1.00 17.68 ? 44  GLU A CB  1 
ATOM   245  C  CG  . GLU A 1 44  ? 0.937   7.657   -10.313 1.00 21.25 ? 44  GLU A CG  1 
ATOM   246  C  CD  . GLU A 1 44  ? 1.191   7.577   -11.811 1.00 23.40 ? 44  GLU A CD  1 
ATOM   247  O  OE1 . GLU A 1 44  ? 1.162   8.645   -12.443 1.00 25.27 ? 44  GLU A OE1 1 
ATOM   248  O  OE2 . GLU A 1 44  ? 1.486   6.481   -12.309 1.00 23.02 ? 44  GLU A OE2 1 
ATOM   249  N  N   . SER A 1 45  ? -0.184  8.058   -6.797  1.00 17.32 ? 45  SER A N   1 
ATOM   250  C  CA  . SER A 1 45  ? -1.429  8.574   -6.193  1.00 16.21 ? 45  SER A CA  1 
ATOM   251  C  C   . SER A 1 45  ? -2.176  9.449   -7.174  1.00 18.70 ? 45  SER A C   1 
ATOM   252  O  O   . SER A 1 45  ? -1.574  10.419  -7.652  1.00 18.85 ? 45  SER A O   1 
ATOM   253  C  CB  . SER A 1 45  ? -1.172  9.356   -4.969  1.00 15.23 ? 45  SER A CB  1 
ATOM   254  O  OG  . SER A 1 45  ? -2.392  9.808   -4.436  1.00 15.77 ? 45  SER A OG  1 
ATOM   255  N  N   . ALA A 1 46  ? -3.467  9.185   -7.347  1.00 19.82 ? 46  ALA A N   1 
ATOM   256  C  CA  . ALA A 1 46  ? -4.360  10.021  -8.177  1.00 19.83 ? 46  ALA A CA  1 
ATOM   257  C  C   . ALA A 1 46  ? -4.692  11.311  -7.417  1.00 20.93 ? 46  ALA A C   1 
ATOM   258  O  O   . ALA A 1 46  ? -5.209  12.234  -8.029  1.00 20.11 ? 46  ALA A O   1 
ATOM   259  C  CB  . ALA A 1 46  ? -5.581  9.215   -8.529  1.00 22.04 ? 46  ALA A CB  1 
ATOM   260  N  N   . VAL A 1 47  ? -4.405  11.408  -6.119  1.00 19.71 ? 47  VAL A N   1 
ATOM   261  C  CA  . VAL A 1 47  ? -4.814  12.596  -5.305  1.00 18.71 ? 47  VAL A CA  1 
ATOM   262  C  C   . VAL A 1 47  ? -3.650  13.089  -4.447  1.00 17.98 ? 47  VAL A C   1 
ATOM   263  O  O   . VAL A 1 47  ? -2.657  12.355  -4.244  1.00 17.32 ? 47  VAL A O   1 
ATOM   264  C  CB  . VAL A 1 47  ? -6.041  12.308  -4.416  1.00 18.55 ? 47  VAL A CB  1 
ATOM   265  C  CG1 . VAL A 1 47  ? -7.254  11.841  -5.208  1.00 17.41 ? 47  VAL A CG1 1 
ATOM   266  C  CG2 . VAL A 1 47  ? -5.692  11.261  -3.353  1.00 18.51 ? 47  VAL A CG2 1 
ATOM   267  N  N   . GLY A 1 48  ? -3.796  14.318  -3.962  1.00 18.49 ? 48  GLY A N   1 
ATOM   268  C  CA  . GLY A 1 48  ? -2.902  14.916  -2.960  1.00 19.06 ? 48  GLY A CA  1 
ATOM   269  C  C   . GLY A 1 48  ? -1.633  15.473  -3.580  1.00 20.41 ? 48  GLY A C   1 
ATOM   270  O  O   . GLY A 1 48  ? -1.566  15.615  -4.802  1.00 18.81 ? 48  GLY A O   1 
ATOM   271  N  N   . ASN A 1 49  ? -0.647  15.744  -2.743  1.00 19.42 ? 49  ASN A N   1 
ATOM   272  C  CA  . ASN A 1 49  ? 0.601   16.444  -3.129  1.00 20.00 ? 49  ASN A CA  1 
ATOM   273  C  C   . ASN A 1 49  ? 1.588   15.391  -3.660  1.00 19.44 ? 49  ASN A C   1 
ATOM   274  O  O   . ASN A 1 49  ? 2.541   15.009  -2.969  1.00 20.43 ? 49  ASN A O   1 
ATOM   275  C  CB  . ASN A 1 49  ? 1.078   17.259  -1.940  1.00 21.75 ? 49  ASN A CB  1 
ATOM   276  C  CG  . ASN A 1 49  ? 2.246   18.129  -2.310  1.00 21.53 ? 49  ASN A CG  1 
ATOM   277  O  OD1 . ASN A 1 49  ? 2.619   18.185  -3.482  1.00 22.21 ? 49  ASN A OD1 1 
ATOM   278  N  ND2 . ASN A 1 49  ? 2.865   18.702  -1.307  1.00 19.12 ? 49  ASN A ND2 1 
ATOM   279  N  N   . ALA A 1 50  ? 1.334   14.911  -4.861  1.00 18.52 ? 50  ALA A N   1 
ATOM   280  C  CA  . ALA A 1 50  ? 1.977   13.716  -5.426  1.00 19.68 ? 50  ALA A CA  1 
ATOM   281  C  C   . ALA A 1 50  ? 2.041   13.860  -6.928  1.00 19.48 ? 50  ALA A C   1 
ATOM   282  O  O   . ALA A 1 50  ? 1.054   14.257  -7.487  1.00 19.62 ? 50  ALA A O   1 
ATOM   283  C  CB  . ALA A 1 50  ? 1.198   12.470  -5.054  1.00 19.42 ? 50  ALA A CB  1 
ATOM   284  N  N   . GLU A 1 51  ? 3.136   13.446  -7.548  1.00 21.01 ? 51  GLU A N   1 
ATOM   285  C  CA  . GLU A 1 51  ? 3.139   13.214  -9.011  1.00 23.18 ? 51  GLU A CA  1 
ATOM   286  C  C   . GLU A 1 51  ? 4.120   12.092  -9.338  1.00 19.89 ? 51  GLU A C   1 
ATOM   287  O  O   . GLU A 1 51  ? 5.165   11.979  -8.718  1.00 20.53 ? 51  GLU A O   1 
ATOM   288  C  CB  . GLU A 1 51  ? 3.420   14.505  -9.794  1.00 26.73 ? 51  GLU A CB  1 
ATOM   289  C  CG  . GLU A 1 51  ? 4.853   14.936  -9.725  1.00 31.63 ? 51  GLU A CG  1 
ATOM   290  C  CD  . GLU A 1 51  ? 5.183   16.212  -10.493 1.00 34.99 ? 51  GLU A CD  1 
ATOM   291  O  OE1 . GLU A 1 51  ? 5.584   16.062  -11.668 1.00 33.66 ? 51  GLU A OE1 1 
ATOM   292  O  OE2 . GLU A 1 51  ? 5.059   17.336  -9.917  1.00 37.18 ? 51  GLU A OE2 1 
ATOM   293  N  N   . SER A 1 52  ? 3.750   11.299  -10.323 1.00 20.64 ? 52  SER A N   1 
ATOM   294  C  CA  . SER A 1 52  ? 4.563   10.203  -10.873 1.00 20.91 ? 52  SER A CA  1 
ATOM   295  C  C   . SER A 1 52  ? 4.664   9.101   -9.817  1.00 20.00 ? 52  SER A C   1 
ATOM   296  O  O   . SER A 1 52  ? 3.776   9.047   -8.930  1.00 21.19 ? 52  SER A O   1 
ATOM   297  C  CB  . SER A 1 52  ? 5.908   10.676  -11.318 1.00 22.87 ? 52  SER A CB  1 
ATOM   298  O  OG  . SER A 1 52  ? 6.471   9.675   -12.136 1.00 24.87 ? 52  SER A OG  1 
ATOM   299  N  N   . ARG A 1 53  ? 5.724   8.308   -9.884  1.00 20.16 ? 53  ARG A N   1 
ATOM   300  C  CA  . ARG A 1 53  ? 5.884   7.085   -9.060  1.00 21.02 ? 53  ARG A CA  1 
ATOM   301  C  C   . ARG A 1 53  ? 6.754   7.403   -7.836  1.00 19.79 ? 53  ARG A C   1 
ATOM   302  O  O   . ARG A 1 53  ? 7.715   8.220   -7.918  1.00 19.26 ? 53  ARG A O   1 
ATOM   303  C  CB  . ARG A 1 53  ? 6.482   5.946   -9.892  1.00 24.01 ? 53  ARG A CB  1 
ATOM   304  C  CG  . ARG A 1 53  ? 5.663   5.444   -11.090 1.00 28.63 ? 53  ARG A CG  1 
ATOM   305  C  CD  . ARG A 1 53  ? 6.459   4.607   -12.170 1.00 35.05 ? 53  ARG A CD  1 
ATOM   306  N  NE  A ARG A 1 53  ? 5.251   3.829   -12.435 0.50 35.46 ? 53  ARG A NE  1 
ATOM   307  N  NE  B ARG A 1 53  ? 7.492   5.625   -11.968 0.50 38.89 ? 53  ARG A NE  1 
ATOM   308  C  CZ  A ARG A 1 53  ? 5.214   2.877   -13.380 0.50 38.69 ? 53  ARG A CZ  1 
ATOM   309  C  CZ  B ARG A 1 53  ? 7.773   6.614   -12.837 0.50 40.87 ? 53  ARG A CZ  1 
ATOM   310  N  NH1 A ARG A 1 53  ? 4.087   2.255   -13.670 0.50 41.56 ? 53  ARG A NH1 1 
ATOM   311  N  NH1 B ARG A 1 53  ? 8.746   7.469   -12.569 0.50 40.98 ? 53  ARG A NH1 1 
ATOM   312  N  NH2 A ARG A 1 53  ? 6.312   2.522   -14.026 0.50 37.94 ? 53  ARG A NH2 1 
ATOM   313  N  NH2 B ARG A 1 53  ? 7.047   6.797   -13.927 0.50 41.28 ? 53  ARG A NH2 1 
ATOM   314  N  N   . TYR A 1 54  ? 6.450   6.717   -6.727  1.00 18.03 ? 54  TYR A N   1 
ATOM   315  C  CA  . TYR A 1 54  ? 7.213   6.743   -5.464  1.00 15.59 ? 54  TYR A CA  1 
ATOM   316  C  C   . TYR A 1 54  ? 7.535   5.296   -5.107  1.00 15.93 ? 54  TYR A C   1 
ATOM   317  O  O   . TYR A 1 54  ? 6.719   4.405   -5.326  1.00 14.45 ? 54  TYR A O   1 
ATOM   318  C  CB  . TYR A 1 54  ? 6.405   7.396   -4.337  1.00 14.76 ? 54  TYR A CB  1 
ATOM   319  C  CG  . TYR A 1 54  ? 6.037   8.824   -4.609  1.00 14.31 ? 54  TYR A CG  1 
ATOM   320  C  CD1 . TYR A 1 54  ? 4.980   9.135   -5.440  1.00 14.26 ? 54  TYR A CD1 1 
ATOM   321  C  CD2 . TYR A 1 54  ? 6.746   9.861   -4.045  1.00 15.06 ? 54  TYR A CD2 1 
ATOM   322  C  CE1 . TYR A 1 54  ? 4.664   10.456  -5.727  1.00 15.40 ? 54  TYR A CE1 1 
ATOM   323  C  CE2 . TYR A 1 54  ? 6.423   11.183  -4.294  1.00 14.64 ? 54  TYR A CE2 1 
ATOM   324  C  CZ  . TYR A 1 54  ? 5.396   11.476  -5.170  1.00 16.56 ? 54  TYR A CZ  1 
ATOM   325  O  OH  . TYR A 1 54  ? 5.084   12.781  -5.460  1.00 18.19 ? 54  TYR A OH  1 
ATOM   326  N  N   . VAL A 1 55  ? 8.717   5.108   -4.544  1.00 14.88 ? 55  VAL A N   1 
ATOM   327  C  CA  . VAL A 1 55  ? 9.174   3.795   -4.051  1.00 15.96 ? 55  VAL A CA  1 
ATOM   328  C  C   . VAL A 1 55  ? 8.240   3.341   -2.935  1.00 15.47 ? 55  VAL A C   1 
ATOM   329  O  O   . VAL A 1 55  ? 7.907   4.137   -2.024  1.00 14.86 ? 55  VAL A O   1 
ATOM   330  C  CB  . VAL A 1 55  ? 10.638  3.869   -3.572  1.00 16.99 ? 55  VAL A CB  1 
ATOM   331  C  CG1 . VAL A 1 55  ? 11.049  2.560   -2.890  1.00 18.00 ? 55  VAL A CG1 1 
ATOM   332  C  CG2 . VAL A 1 55  ? 11.559  4.222   -4.727  1.00 17.70 ? 55  VAL A CG2 1 
ATOM   333  N  N   . LEU A 1 56  ? 7.951   2.055   -2.920  1.00 16.08 ? 56  LEU A N   1 
ATOM   334  C  CA  . LEU A 1 56  ? 7.285   1.453   -1.760  1.00 17.41 ? 56  LEU A CA  1 
ATOM   335  C  C   . LEU A 1 56  ? 8.028   0.202   -1.371  1.00 16.03 ? 56  LEU A C   1 
ATOM   336  O  O   . LEU A 1 56  ? 8.617   -0.432  -2.233  1.00 15.56 ? 56  LEU A O   1 
ATOM   337  C  CB  . LEU A 1 56  ? 5.820   1.148   -2.054  1.00 18.10 ? 56  LEU A CB  1 
ATOM   338  C  CG  . LEU A 1 56  ? 5.501   -0.017  -2.970  1.00 19.17 ? 56  LEU A CG  1 
ATOM   339  C  CD1 . LEU A 1 56  ? 5.419   -1.363  -2.205  1.00 17.03 ? 56  LEU A CD1 1 
ATOM   340  C  CD2 . LEU A 1 56  ? 4.160   0.243   -3.664  1.00 21.29 ? 56  LEU A CD2 1 
ATOM   341  N  N   . THR A 1 57  ? 7.982   -0.112  -0.091  1.00 14.67 ? 57  THR A N   1 
ATOM   342  C  CA  . THR A 1 57  ? 8.473   -1.396  0.436   1.00 14.44 ? 57  THR A CA  1 
ATOM   343  C  C   . THR A 1 57  ? 7.506   -1.888  1.497   1.00 13.19 ? 57  THR A C   1 
ATOM   344  O  O   . THR A 1 57  ? 6.933   -1.057  2.231   1.00 14.85 ? 57  THR A O   1 
ATOM   345  C  CB  . THR A 1 57  ? 9.924   -1.220  0.916   1.00 14.54 ? 57  THR A CB  1 
ATOM   346  O  OG1 . THR A 1 57  ? 10.373  -2.510  1.293   1.00 19.22 ? 57  THR A OG1 1 
ATOM   347  C  CG2 . THR A 1 57  ? 10.069  -0.308  2.099   1.00 13.67 ? 57  THR A CG2 1 
ATOM   348  N  N   . GLY A 1 58  ? 7.440   -3.190  1.692   1.00 13.02 ? 58  GLY A N   1 
ATOM   349  C  CA  . GLY A 1 58  ? 6.625   -3.678  2.789   1.00 13.02 ? 58  GLY A CA  1 
ATOM   350  C  C   . GLY A 1 58  ? 6.834   -5.149  3.000   1.00 13.08 ? 58  GLY A C   1 
ATOM   351  O  O   . GLY A 1 58  ? 7.850   -5.679  2.522   1.00 13.31 ? 58  GLY A O   1 
ATOM   352  N  N   . ARG A 1 59  ? 5.884   -5.770  3.649   1.00 13.50 ? 59  ARG A N   1 
ATOM   353  C  CA  . ARG A 1 59  ? 5.961   -7.212  4.026   1.00 14.47 ? 59  ARG A CA  1 
ATOM   354  C  C   . ARG A 1 59  ? 4.592   -7.865  3.877   1.00 15.53 ? 59  ARG A C   1 
ATOM   355  O  O   . ARG A 1 59  ? 3.535   -7.202  4.060   1.00 14.19 ? 59  ARG A O   1 
ATOM   356  C  CB  . ARG A 1 59  ? 6.476   -7.355  5.461   1.00 14.63 ? 59  ARG A CB  1 
ATOM   357  C  CG  . ARG A 1 59  ? 7.834   -6.725  5.721   1.00 15.92 ? 59  ARG A CG  1 
ATOM   358  C  CD  . ARG A 1 59  ? 9.059   -7.447  5.186   1.00 15.92 ? 59  ARG A CD  1 
ATOM   359  N  NE  . ARG A 1 59  ? 9.133   -8.805  5.713   1.00 16.26 ? 59  ARG A NE  1 
ATOM   360  C  CZ  . ARG A 1 59  ? 9.850   -9.776  5.172   1.00 16.86 ? 59  ARG A CZ  1 
ATOM   361  N  NH1 . ARG A 1 59  ? 10.608  -9.523  4.127   1.00 17.19 ? 59  ARG A NH1 1 
ATOM   362  N  NH2 . ARG A 1 59  ? 9.839   -10.987 5.696   1.00 17.36 ? 59  ARG A NH2 1 
ATOM   363  N  N   . TYR A 1 60  ? 4.585   -9.185  3.711   1.00 15.34 ? 60  TYR A N   1 
ATOM   364  C  CA  . TYR A 1 60  ? 3.330   -9.945  3.713   1.00 14.89 ? 60  TYR A CA  1 
ATOM   365  C  C   . TYR A 1 60  ? 3.624   -11.300 4.355   1.00 14.95 ? 60  TYR A C   1 
ATOM   366  O  O   . TYR A 1 60  ? 4.784   -11.700 4.395   1.00 15.20 ? 60  TYR A O   1 
ATOM   367  C  CB  . TYR A 1 60  ? 2.776   -10.070 2.287   1.00 15.01 ? 60  TYR A CB  1 
ATOM   368  C  CG  . TYR A 1 60  ? 3.439   -11.111 1.413   1.00 16.53 ? 60  TYR A CG  1 
ATOM   369  C  CD1 . TYR A 1 60  ? 4.671   -10.872 0.831   1.00 17.15 ? 60  TYR A CD1 1 
ATOM   370  C  CD2 . TYR A 1 60  ? 2.851   -12.357 1.201   1.00 17.30 ? 60  TYR A CD2 1 
ATOM   371  C  CE1 . TYR A 1 60  ? 5.284   -11.816 0.019   1.00 19.25 ? 60  TYR A CE1 1 
ATOM   372  C  CE2 . TYR A 1 60  ? 3.471   -13.325 0.418   1.00 19.22 ? 60  TYR A CE2 1 
ATOM   373  C  CZ  . TYR A 1 60  ? 4.712   -13.072 -0.136  1.00 20.16 ? 60  TYR A CZ  1 
ATOM   374  O  OH  . TYR A 1 60  ? 5.339   -14.009 -0.928  1.00 23.12 ? 60  TYR A OH  1 
ATOM   375  N  N   . ASP A 1 61  ? 2.578   -11.921 4.851   1.00 16.25 ? 61  ASP A N   1 
ATOM   376  C  CA  . ASP A 1 61  ? 2.600   -13.289 5.444   1.00 15.85 ? 61  ASP A CA  1 
ATOM   377  C  C   . ASP A 1 61  ? 2.718   -14.280 4.288   1.00 16.85 ? 61  ASP A C   1 
ATOM   378  O  O   . ASP A 1 61  ? 1.719   -14.438 3.536   1.00 18.30 ? 61  ASP A O   1 
ATOM   379  C  CB  . ASP A 1 61  ? 1.347   -13.523 6.271   1.00 16.60 ? 61  ASP A CB  1 
ATOM   380  C  CG  . ASP A 1 61  ? 1.254   -14.928 6.866   1.00 16.24 ? 61  ASP A CG  1 
ATOM   381  O  OD1 . ASP A 1 61  ? 2.216   -15.680 6.695   1.00 16.82 ? 61  ASP A OD1 1 
ATOM   382  O  OD2 . ASP A 1 61  ? 0.207   -15.239 7.416   1.00 16.30 ? 61  ASP A OD2 1 
ATOM   383  N  N   . SER A 1 62  ? 3.903   -14.857 4.091   1.00 18.29 ? 62  SER A N   1 
ATOM   384  C  CA  . SER A 1 62  ? 4.187   -15.789 2.962   1.00 20.64 ? 62  SER A CA  1 
ATOM   385  C  C   . SER A 1 62  ? 3.655   -17.200 3.282   1.00 21.26 ? 62  SER A C   1 
ATOM   386  O  O   . SER A 1 62  ? 3.697   -18.045 2.384   1.00 21.14 ? 62  SER A O   1 
ATOM   387  C  CB  . SER A 1 62  ? 5.655   -15.802 2.622   1.00 21.84 ? 62  SER A CB  1 
ATOM   388  O  OG  . SER A 1 62  ? 6.426   -16.134 3.761   1.00 22.90 ? 62  SER A OG  1 
ATOM   389  N  N   . ALA A 1 63  ? 3.093   -17.440 4.466   1.00 20.67 ? 63  ALA A N   1 
ATOM   390  C  CA  . ALA A 1 63  ? 2.507   -18.764 4.804   1.00 21.81 ? 63  ALA A CA  1 
ATOM   391  C  C   . ALA A 1 63  ? 1.213   -18.569 5.578   1.00 23.35 ? 63  ALA A C   1 
ATOM   392  O  O   . ALA A 1 63  ? 1.167   -18.830 6.786   1.00 27.41 ? 63  ALA A O   1 
ATOM   393  C  CB  . ALA A 1 63  ? 3.515   -19.580 5.584   1.00 23.22 ? 63  ALA A CB  1 
ATOM   394  N  N   . PRO A 1 64  ? 0.129   -18.081 4.927   1.00 26.60 ? 64  PRO A N   1 
ATOM   395  C  CA  . PRO A 1 64  ? -1.099  -17.729 5.645   1.00 26.52 ? 64  PRO A CA  1 
ATOM   396  C  C   . PRO A 1 64  ? -1.879  -18.966 6.083   1.00 26.72 ? 64  PRO A C   1 
ATOM   397  O  O   . PRO A 1 64  ? -1.540  -20.051 5.669   1.00 27.37 ? 64  PRO A O   1 
ATOM   398  C  CB  . PRO A 1 64  ? -1.933  -16.907 4.673   1.00 27.15 ? 64  PRO A CB  1 
ATOM   399  C  CG  . PRO A 1 64  ? -1.361  -17.234 3.309   1.00 28.18 ? 64  PRO A CG  1 
ATOM   400  C  CD  . PRO A 1 64  ? 0.056   -17.732 3.504   1.00 27.61 ? 64  PRO A CD  1 
ATOM   401  N  N   . ALA A 1 65  ? -2.888  -18.758 6.907   1.00 26.83 ? 65  ALA A N   1 
ATOM   402  C  CA  . ALA A 1 65  ? -3.764  -19.834 7.420   1.00 29.44 ? 65  ALA A CA  1 
ATOM   403  C  C   . ALA A 1 65  ? -4.467  -20.485 6.218   1.00 31.71 ? 65  ALA A C   1 
ATOM   404  O  O   . ALA A 1 65  ? -4.549  -19.857 5.146   1.00 31.09 ? 65  ALA A O   1 
ATOM   405  C  CB  . ALA A 1 65  ? -4.702  -19.254 8.452   1.00 30.17 ? 65  ALA A CB  1 
ATOM   406  N  N   . THR A 1 66  ? -4.853  -21.753 6.336   1.00 37.85 ? 66  THR A N   1 
ATOM   407  C  CA  . THR A 1 66  ? -5.368  -22.562 5.192   1.00 43.28 ? 66  THR A CA  1 
ATOM   408  C  C   . THR A 1 66  ? -6.899  -22.606 5.287   1.00 43.59 ? 66  THR A C   1 
ATOM   409  O  O   . THR A 1 66  ? -7.521  -23.342 4.495   1.00 53.13 ? 66  THR A O   1 
ATOM   410  C  CB  . THR A 1 66  ? -4.719  -23.956 5.192   1.00 41.93 ? 66  THR A CB  1 
ATOM   411  O  OG1 . THR A 1 66  ? -4.983  -24.515 6.478   1.00 49.67 ? 66  THR A OG1 1 
ATOM   412  C  CG2 . THR A 1 66  ? -3.223  -23.948 4.977   1.00 40.89 ? 66  THR A CG2 1 
ATOM   413  N  N   . ASP A 1 67  ? -7.473  -21.811 6.194   1.00 39.80 ? 67  ASP A N   1 
ATOM   414  C  CA  . ASP A 1 67  ? -8.881  -21.902 6.664   1.00 38.98 ? 67  ASP A CA  1 
ATOM   415  C  C   . ASP A 1 67  ? -9.772  -20.878 5.940   1.00 36.35 ? 67  ASP A C   1 
ATOM   416  O  O   . ASP A 1 67  ? -10.846 -20.553 6.481   1.00 39.05 ? 67  ASP A O   1 
ATOM   417  C  CB  . ASP A 1 67  ? -8.923  -21.677 8.177   1.00 36.78 ? 67  ASP A CB  1 
ATOM   418  C  CG  . ASP A 1 67  ? -8.513  -20.271 8.587   1.00 37.89 ? 67  ASP A CG  1 
ATOM   419  O  OD1 . ASP A 1 67  ? -8.187  -19.445 7.679   1.00 31.21 ? 67  ASP A OD1 1 
ATOM   420  O  OD2 . ASP A 1 67  ? -8.518  -20.011 9.795   1.00 36.85 ? 67  ASP A OD2 1 
ATOM   421  N  N   . GLY A 1 68  ? -9.324  -20.345 4.804   1.00 35.12 ? 68  GLY A N   1 
ATOM   422  C  CA  . GLY A 1 68  ? -10.051 -19.319 4.037   1.00 34.18 ? 68  GLY A CA  1 
ATOM   423  C  C   . GLY A 1 68  ? -9.822  -17.900 4.542   1.00 31.75 ? 68  GLY A C   1 
ATOM   424  O  O   . GLY A 1 68  ? -10.474 -16.999 4.011   1.00 31.92 ? 68  GLY A O   1 
ATOM   425  N  N   . SER A 1 69  ? -8.910  -17.692 5.493   1.00 26.25 ? 69  SER A N   1 
ATOM   426  C  CA  . SER A 1 69  ? -8.523  -16.351 5.989   1.00 23.62 ? 69  SER A CA  1 
ATOM   427  C  C   . SER A 1 69  ? -7.779  -15.605 4.885   1.00 20.98 ? 69  SER A C   1 
ATOM   428  O  O   . SER A 1 69  ? -7.128  -16.238 4.039   1.00 22.37 ? 69  SER A O   1 
ATOM   429  C  CB  . SER A 1 69  ? -7.697  -16.455 7.216   1.00 24.51 ? 69  SER A CB  1 
ATOM   430  O  OG  . SER A 1 69  ? -8.465  -16.981 8.271   1.00 27.95 ? 69  SER A OG  1 
ATOM   431  N  N   . GLY A 1 70  ? -7.839  -14.281 4.876   1.00 19.48 ? 70  GLY A N   1 
ATOM   432  C  CA  . GLY A 1 70  ? -6.986  -13.515 3.957   1.00 18.17 ? 70  GLY A CA  1 
ATOM   433  C  C   . GLY A 1 70  ? -5.520  -13.534 4.386   1.00 17.56 ? 70  GLY A C   1 
ATOM   434  O  O   . GLY A 1 70  ? -5.184  -14.152 5.416   1.00 17.07 ? 70  GLY A O   1 
ATOM   435  N  N   . THR A 1 71  ? -4.679  -12.803 3.657   1.00 16.61 ? 71  THR A N   1 
ATOM   436  C  CA  . THR A 1 71  ? -3.204  -12.794 3.841   1.00 16.86 ? 71  THR A CA  1 
ATOM   437  C  C   . THR A 1 71  ? -2.811  -11.412 4.341   1.00 16.61 ? 71  THR A C   1 
ATOM   438  O  O   . THR A 1 71  ? -2.986  -10.464 3.553   1.00 17.31 ? 71  THR A O   1 
ATOM   439  C  CB  . THR A 1 71  ? -2.496  -13.118 2.524   1.00 18.06 ? 71  THR A CB  1 
ATOM   440  O  OG1 . THR A 1 71  ? -2.907  -14.425 2.108   1.00 20.45 ? 71  THR A OG1 1 
ATOM   441  C  CG2 . THR A 1 71  ? -0.990  -13.040 2.634   1.00 19.79 ? 71  THR A CG2 1 
ATOM   442  N  N   . ALA A 1 72  ? -2.288  -11.304 5.563   1.00 16.33 ? 72  ALA A N   1 
ATOM   443  C  CA  . ALA A 1 72  ? -1.915  -9.995  6.134   1.00 15.66 ? 72  ALA A CA  1 
ATOM   444  C  C   . ALA A 1 72  ? -0.722  -9.408  5.388   1.00 14.68 ? 72  ALA A C   1 
ATOM   445  O  O   . ALA A 1 72  ? 0.174   -10.147 4.929   1.00 15.32 ? 72  ALA A O   1 
ATOM   446  C  CB  . ALA A 1 72  ? -1.635  -10.105 7.604   1.00 15.86 ? 72  ALA A CB  1 
ATOM   447  N  N   . LEU A 1 73  ? -0.728  -8.091  5.218   1.00 14.85 ? 73  LEU A N   1 
ATOM   448  C  CA  . LEU A 1 73  ? 0.393   -7.429  4.530   1.00 16.50 ? 73  LEU A CA  1 
ATOM   449  C  C   . LEU A 1 73  ? 0.386   -5.943  4.885   1.00 14.75 ? 73  LEU A C   1 
ATOM   450  O  O   . LEU A 1 73  ? -0.592  -5.469  5.481   1.00 16.60 ? 73  LEU A O   1 
ATOM   451  C  CB  . LEU A 1 73  ? 0.279   -7.688  3.018   1.00 18.57 ? 73  LEU A CB  1 
ATOM   452  C  CG  . LEU A 1 73  ? -0.598  -6.766  2.167   1.00 22.85 ? 73  LEU A CG  1 
ATOM   453  C  CD1 . LEU A 1 73  ? -0.641  -7.264  0.727   1.00 25.54 ? 73  LEU A CD1 1 
ATOM   454  C  CD2 . LEU A 1 73  ? -2.000  -6.665  2.688   1.00 24.88 ? 73  LEU A CD2 1 
ATOM   455  N  N   . GLY A 1 74  ? 1.467   -5.257  4.580   1.00 13.40 ? 74  GLY A N   1 
ATOM   456  C  CA  . GLY A 1 74  ? 1.507   -3.806  4.730   1.00 12.27 ? 74  GLY A CA  1 
ATOM   457  C  C   . GLY A 1 74  ? 2.632   -3.245  3.939   1.00 11.72 ? 74  GLY A C   1 
ATOM   458  O  O   . GLY A 1 74  ? 3.561   -3.992  3.587   1.00 13.79 ? 74  GLY A O   1 
ATOM   459  N  N   . TRP A 1 75  ? 2.577   -1.950  3.676   1.00 11.23 ? 75  TRP A N   1 
ATOM   460  C  CA  . TRP A 1 75  ? 3.679   -1.299  2.957   1.00 11.85 ? 75  TRP A CA  1 
ATOM   461  C  C   . TRP A 1 75  ? 3.670   0.186   3.270   1.00 11.94 ? 75  TRP A C   1 
ATOM   462  O  O   . TRP A 1 75  ? 2.653   0.681   3.758   1.00 12.31 ? 75  TRP A O   1 
ATOM   463  C  CB  . TRP A 1 75  ? 3.594   -1.547  1.440   1.00 12.81 ? 75  TRP A CB  1 
ATOM   464  C  CG  . TRP A 1 75  ? 2.448   -0.885  0.743   1.00 11.79 ? 75  TRP A CG  1 
ATOM   465  C  CD1 . TRP A 1 75  ? 2.447   0.366   0.171   1.00 13.52 ? 75  TRP A CD1 1 
ATOM   466  C  CD2 . TRP A 1 75  ? 1.157   -1.442  0.473   1.00 11.90 ? 75  TRP A CD2 1 
ATOM   467  N  NE1 . TRP A 1 75  ? 1.223   0.617   -0.390  1.00 13.23 ? 75  TRP A NE1 1 
ATOM   468  C  CE2 . TRP A 1 75  ? 0.414   -0.469  -0.214  1.00 12.59 ? 75  TRP A CE2 1 
ATOM   469  C  CE3 . TRP A 1 75  ? 0.547   -2.666  0.764   1.00 12.61 ? 75  TRP A CE3 1 
ATOM   470  C  CZ2 . TRP A 1 75  ? -0.921  -0.667  -0.603  1.00 13.65 ? 75  TRP A CZ2 1 
ATOM   471  C  CZ3 . TRP A 1 75  ? -0.761  -2.862  0.373   1.00 13.82 ? 75  TRP A CZ3 1 
ATOM   472  C  CH2 . TRP A 1 75  ? -1.494  -1.872  -0.278  1.00 13.59 ? 75  TRP A CH2 1 
ATOM   473  N  N   . THR A 1 76  ? 4.795   0.835   2.969   1.00 11.90 ? 76  THR A N   1 
ATOM   474  C  CA  . THR A 1 76  ? 5.011   2.271   3.197   1.00 12.04 ? 76  THR A CA  1 
ATOM   475  C  C   . THR A 1 76  ? 5.395   2.950   1.895   1.00 11.96 ? 76  THR A C   1 
ATOM   476  O  O   . THR A 1 76  ? 6.208   2.409   1.133   1.00 12.45 ? 76  THR A O   1 
ATOM   477  C  CB  . THR A 1 76  ? 6.124   2.485   4.228   1.00 12.90 ? 76  THR A CB  1 
ATOM   478  O  OG1 . THR A 1 76  ? 5.799   1.774   5.422   1.00 13.25 ? 76  THR A OG1 1 
ATOM   479  C  CG2 . THR A 1 76  ? 6.333   3.945   4.561   1.00 12.67 ? 76  THR A CG2 1 
ATOM   480  N  N   . VAL A 1 77  ? 4.934   4.182   1.736   1.00 11.80 ? 77  VAL A N   1 
ATOM   481  C  CA  . VAL A 1 77  ? 5.454   5.173   0.755   1.00 13.54 ? 77  VAL A CA  1 
ATOM   482  C  C   . VAL A 1 77  ? 5.807   6.415   1.544   1.00 13.86 ? 77  VAL A C   1 
ATOM   483  O  O   . VAL A 1 77  ? 4.938   6.935   2.240   1.00 14.00 ? 77  VAL A O   1 
ATOM   484  C  CB  . VAL A 1 77  ? 4.442   5.539   -0.343  1.00 14.38 ? 77  VAL A CB  1 
ATOM   485  C  CG1 . VAL A 1 77  ? 4.896   6.764   -1.150  1.00 14.57 ? 77  VAL A CG1 1 
ATOM   486  C  CG2 . VAL A 1 77  ? 4.125   4.356   -1.223  1.00 14.88 ? 77  VAL A CG2 1 
ATOM   487  N  N   . ALA A 1 78  ? 7.037   6.899   1.369   1.00 14.38 ? 78  ALA A N   1 
ATOM   488  C  CA  . ALA A 1 78  ? 7.465   8.271   1.724   1.00 14.07 ? 78  ALA A CA  1 
ATOM   489  C  C   . ALA A 1 78  ? 7.272   9.145   0.482   1.00 15.47 ? 78  ALA A C   1 
ATOM   490  O  O   . ALA A 1 78  ? 7.761   8.756   -0.582  1.00 15.04 ? 78  ALA A O   1 
ATOM   491  C  CB  . ALA A 1 78  ? 8.921   8.307   2.154   1.00 14.77 ? 78  ALA A CB  1 
ATOM   492  N  N   . TRP A 1 79  ? 6.597   10.269  0.629   1.00 15.59 ? 79  TRP A N   1 
ATOM   493  C  CA  . TRP A 1 79  ? 6.104   11.062  -0.514  1.00 15.66 ? 79  TRP A CA  1 
ATOM   494  C  C   . TRP A 1 79  ? 7.196   12.023  -0.987  1.00 16.98 ? 79  TRP A C   1 
ATOM   495  O  O   . TRP A 1 79  ? 6.893   13.208  -1.191  1.00 15.96 ? 79  TRP A O   1 
ATOM   496  C  CB  . TRP A 1 79  ? 4.797   11.769  -0.163  1.00 15.75 ? 79  TRP A CB  1 
ATOM   497  C  CG  . TRP A 1 79  ? 3.704   10.792  0.088   1.00 16.19 ? 79  TRP A CG  1 
ATOM   498  C  CD1 . TRP A 1 79  ? 3.163   10.472  1.299   1.00 17.34 ? 79  TRP A CD1 1 
ATOM   499  C  CD2 . TRP A 1 79  ? 3.044   9.970   -0.884  1.00 15.24 ? 79  TRP A CD2 1 
ATOM   500  N  NE1 . TRP A 1 79  ? 2.208   9.506   1.146   1.00 16.91 ? 79  TRP A NE1 1 
ATOM   501  C  CE2 . TRP A 1 79  ? 2.147   9.142   -0.173  1.00 16.17 ? 79  TRP A CE2 1 
ATOM   502  C  CE3 . TRP A 1 79  ? 3.151   9.806   -2.270  1.00 15.44 ? 79  TRP A CE3 1 
ATOM   503  C  CZ2 . TRP A 1 79  ? 1.276   8.266   -0.817  1.00 14.91 ? 79  TRP A CZ2 1 
ATOM   504  C  CZ3 . TRP A 1 79  ? 2.341   8.888   -2.900  1.00 15.18 ? 79  TRP A CZ3 1 
ATOM   505  C  CH2 . TRP A 1 79  ? 1.414   8.128   -2.187  1.00 16.15 ? 79  TRP A CH2 1 
ATOM   506  N  N   . LYS A 1 80  ? 8.388   11.479  -1.200  1.00 17.59 ? 80  LYS A N   1 
ATOM   507  C  CA  . LYS A 1 80  ? 9.541   12.160  -1.829  1.00 18.79 ? 80  LYS A CA  1 
ATOM   508  C  C   . LYS A 1 80  ? 9.962   11.323  -3.033  1.00 17.49 ? 80  LYS A C   1 
ATOM   509  O  O   . LYS A 1 80  ? 10.191  10.078  -2.896  1.00 16.73 ? 80  LYS A O   1 
ATOM   510  C  CB  . LYS A 1 80  ? 10.708  12.351  -0.855  1.00 20.52 ? 80  LYS A CB  1 
ATOM   511  C  CG  . LYS A 1 80  ? 12.025  12.800  -1.511  1.00 21.44 ? 80  LYS A CG  1 
ATOM   512  C  CD  . LYS A 1 80  ? 13.108  13.110  -0.527  1.00 23.98 ? 80  LYS A CD  1 
ATOM   513  C  CE  . LYS A 1 80  ? 14.343  13.660  -1.210  1.00 26.58 ? 80  LYS A CE  1 
ATOM   514  N  NZ  . LYS A 1 80  ? 14.892  12.657  -2.160  1.00 29.67 ? 80  LYS A NZ  1 
ATOM   515  N  N   . ASN A 1 81  ? 10.076  11.990  -4.171  1.00 15.67 ? 81  ASN A N   1 
ATOM   516  C  CA  . ASN A 1 81  ? 10.658  11.417  -5.405  1.00 17.27 ? 81  ASN A CA  1 
ATOM   517  C  C   . ASN A 1 81  ? 11.422  12.563  -6.083  1.00 18.96 ? 81  ASN A C   1 
ATOM   518  O  O   . ASN A 1 81  ? 11.661  13.553  -5.417  1.00 20.22 ? 81  ASN A O   1 
ATOM   519  C  CB  . ASN A 1 81  ? 9.576   10.749  -6.265  1.00 16.78 ? 81  ASN A CB  1 
ATOM   520  C  CG  . ASN A 1 81  ? 8.591   11.717  -6.882  1.00 16.79 ? 81  ASN A CG  1 
ATOM   521  O  OD1 . ASN A 1 81  ? 8.764   12.929  -6.776  1.00 16.89 ? 81  ASN A OD1 1 
ATOM   522  N  ND2 . ASN A 1 81  ? 7.566   11.188  -7.543  1.00 17.60 ? 81  ASN A ND2 1 
ATOM   523  N  N   . ASN A 1 82  ? 11.807  12.431  -7.336  1.00 21.34 ? 82  ASN A N   1 
ATOM   524  C  CA  . ASN A 1 82  ? 12.654  13.476  -7.989  1.00 25.10 ? 82  ASN A CA  1 
ATOM   525  C  C   . ASN A 1 82  ? 11.853  14.739  -8.261  1.00 23.89 ? 82  ASN A C   1 
ATOM   526  O  O   . ASN A 1 82  ? 12.500  15.787  -8.487  1.00 24.11 ? 82  ASN A O   1 
ATOM   527  C  CB  . ASN A 1 82  ? 13.293  12.953  -9.268  1.00 28.14 ? 82  ASN A CB  1 
ATOM   528  C  CG  . ASN A 1 82  ? 14.362  11.942  -8.943  1.00 34.63 ? 82  ASN A CG  1 
ATOM   529  O  OD1 . ASN A 1 82  ? 15.005  12.029  -7.892  1.00 41.53 ? 82  ASN A OD1 1 
ATOM   530  N  ND2 . ASN A 1 82  ? 14.545  10.979  -9.822  1.00 37.30 ? 82  ASN A ND2 1 
ATOM   531  N  N   . TYR A 1 83  ? 10.523  14.658  -8.289  1.00 24.14 ? 83  TYR A N   1 
ATOM   532  C  CA  . TYR A 1 83  ? 9.604   15.749  -8.712  1.00 25.42 ? 83  TYR A CA  1 
ATOM   533  C  C   . TYR A 1 83  ? 9.138   16.562  -7.502  1.00 25.07 ? 83  TYR A C   1 
ATOM   534  O  O   . TYR A 1 83  ? 8.986   17.811  -7.564  1.00 18.89 ? 83  TYR A O   1 
ATOM   535  C  CB  . TYR A 1 83  ? 8.425   15.141  -9.482  1.00 29.26 ? 83  TYR A CB  1 
ATOM   536  C  CG  . TYR A 1 83  ? 8.876   14.339  -10.670 1.00 31.00 ? 83  TYR A CG  1 
ATOM   537  C  CD1 . TYR A 1 83  ? 9.348   14.974  -11.811 1.00 40.53 ? 83  TYR A CD1 1 
ATOM   538  C  CD2 . TYR A 1 83  ? 8.944   12.961  -10.626 1.00 31.96 ? 83  TYR A CD2 1 
ATOM   539  C  CE1 . TYR A 1 83  ? 9.812   14.250  -12.905 1.00 42.68 ? 83  TYR A CE1 1 
ATOM   540  C  CE2 . TYR A 1 83  ? 9.426   12.222  -11.694 1.00 36.50 ? 83  TYR A CE2 1 
ATOM   541  C  CZ  . TYR A 1 83  ? 9.849   12.865  -12.847 1.00 42.82 ? 83  TYR A CZ  1 
ATOM   542  O  OH  . TYR A 1 83  ? 10.299  12.136  -13.908 1.00 41.97 ? 83  TYR A OH  1 
ATOM   543  N  N   . ARG A 1 84  ? 8.865   15.879  -6.400  1.00 22.11 ? 84  ARG A N   1 
ATOM   544  C  CA  . ARG A 1 84  ? 8.148   16.523  -5.275  1.00 23.71 ? 84  ARG A CA  1 
ATOM   545  C  C   . ARG A 1 84  ? 8.564   15.933  -3.938  1.00 21.23 ? 84  ARG A C   1 
ATOM   546  O  O   . ARG A 1 84  ? 8.999   14.781  -3.907  1.00 19.77 ? 84  ARG A O   1 
ATOM   547  C  CB  . ARG A 1 84  ? 6.641   16.335  -5.429  1.00 28.59 ? 84  ARG A CB  1 
ATOM   548  C  CG  . ARG A 1 84  ? 6.051   17.292  -6.448  1.00 35.63 ? 84  ARG A CG  1 
ATOM   549  C  CD  . ARG A 1 84  ? 4.594   17.511  -6.195  1.00 38.55 ? 84  ARG A CD  1 
ATOM   550  N  NE  . ARG A 1 84  ? 3.914   17.719  -7.456  1.00 37.80 ? 84  ARG A NE  1 
ATOM   551  C  CZ  . ARG A 1 84  ? 2.617   17.877  -7.565  1.00 38.04 ? 84  ARG A CZ  1 
ATOM   552  N  NH1 . ARG A 1 84  ? 2.085   18.040  -8.766  1.00 39.12 ? 84  ARG A NH1 1 
ATOM   553  N  NH2 . ARG A 1 84  ? 1.866   17.868  -6.470  1.00 36.35 ? 84  ARG A NH2 1 
ATOM   554  N  N   . ASN A 1 85  ? 8.336   16.704  -2.889  1.00 20.89 ? 85  ASN A N   1 
ATOM   555  C  CA  . ASN A 1 85  ? 8.484   16.205  -1.505  1.00 21.69 ? 85  ASN A CA  1 
ATOM   556  C  C   . ASN A 1 85  ? 7.325   16.750  -0.673  1.00 20.16 ? 85  ASN A C   1 
ATOM   557  O  O   . ASN A 1 85  ? 7.306   17.960  -0.411  1.00 18.22 ? 85  ASN A O   1 
ATOM   558  C  CB  . ASN A 1 85  ? 9.842   16.549  -0.927  1.00 19.69 ? 85  ASN A CB  1 
ATOM   559  C  CG  . ASN A 1 85  ? 10.098  15.767  0.334   1.00 19.75 ? 85  ASN A CG  1 
ATOM   560  O  OD1 . ASN A 1 85  ? 9.175   15.150  0.861   1.00 19.42 ? 85  ASN A OD1 1 
ATOM   561  N  ND2 . ASN A 1 85  ? 11.330  15.811  0.812   1.00 16.97 ? 85  ASN A ND2 1 
ATOM   562  N  N   . ALA A 1 86  ? 6.400   15.880  -0.270  1.00 17.19 ? 86  ALA A N   1 
ATOM   563  C  CA  . ALA A 1 86  ? 5.217   16.251  0.518   1.00 18.13 ? 86  ALA A CA  1 
ATOM   564  C  C   . ALA A 1 86  ? 5.483   16.052  2.021   1.00 17.83 ? 86  ALA A C   1 
ATOM   565  O  O   . ALA A 1 86  ? 4.504   16.170  2.796   1.00 17.68 ? 86  ALA A O   1 
ATOM   566  C  CB  . ALA A 1 86  ? 4.007   15.484  0.061   1.00 20.96 ? 86  ALA A CB  1 
ATOM   567  N  N   . HIS A 1 87  ? 6.733   15.787  2.408   1.00 15.98 ? 87  HIS A N   1 
ATOM   568  C  CA  . HIS A 1 87  ? 7.166   15.724  3.829   1.00 17.31 ? 87  HIS A CA  1 
ATOM   569  C  C   . HIS A 1 87  ? 6.180   14.857  4.600   1.00 16.13 ? 87  HIS A C   1 
ATOM   570  O  O   . HIS A 1 87  ? 5.605   15.311  5.622   1.00 14.82 ? 87  HIS A O   1 
ATOM   571  C  CB  . HIS A 1 87  ? 7.256   17.136  4.401   1.00 17.76 ? 87  HIS A CB  1 
ATOM   572  C  CG  . HIS A 1 87  ? 8.310   17.923  3.701   1.00 18.62 ? 87  HIS A CG  1 
ATOM   573  N  ND1 . HIS A 1 87  ? 9.586   17.397  3.459   1.00 17.38 ? 87  HIS A ND1 1 
ATOM   574  C  CD2 . HIS A 1 87  ? 8.290   19.177  3.177   1.00 18.45 ? 87  HIS A CD2 1 
ATOM   575  C  CE1 . HIS A 1 87  ? 10.298  18.318  2.818   1.00 19.50 ? 87  HIS A CE1 1 
ATOM   576  N  NE2 . HIS A 1 87  ? 9.538   19.408  2.659   1.00 17.89 ? 87  HIS A NE2 1 
ATOM   577  N  N   . SER A 1 88  ? 5.919   13.685  4.045   1.00 15.95 ? 88  SER A N   1 
ATOM   578  C  CA  . SER A 1 88  ? 4.894   12.788  4.615   1.00 15.20 ? 88  SER A CA  1 
ATOM   579  C  C   . SER A 1 88  ? 5.154   11.362  4.171   1.00 15.08 ? 88  SER A C   1 
ATOM   580  O  O   . SER A 1 88  ? 5.892   11.103  3.174   1.00 14.23 ? 88  SER A O   1 
ATOM   581  C  CB  . SER A 1 88  ? 3.490   13.295  4.241   1.00 16.28 ? 88  SER A CB  1 
ATOM   582  O  OG  . SER A 1 88  ? 3.322   13.488  2.842   1.00 15.81 ? 88  SER A OG  1 
ATOM   583  N  N   . ALA A 1 89  ? 4.541   10.433  4.886   1.00 14.19 ? 89  ALA A N   1 
ATOM   584  C  CA  . ALA A 1 89  ? 4.626   8.994   4.579   1.00 15.24 ? 89  ALA A CA  1 
ATOM   585  C  C   . ALA A 1 89  ? 3.254   8.369   4.852   1.00 13.07 ? 89  ALA A C   1 
ATOM   586  O  O   . ALA A 1 89  ? 2.621   8.725   5.871   1.00 14.21 ? 89  ALA A O   1 
ATOM   587  C  CB  . ALA A 1 89  ? 5.686   8.352   5.422   1.00 15.38 ? 89  ALA A CB  1 
ATOM   588  N  N   . THR A 1 90  ? 2.828   7.458   3.985   1.00 12.88 ? 90  THR A N   1 
ATOM   589  C  CA  . THR A 1 90  ? 1.625   6.653   4.239   1.00 12.08 ? 90  THR A CA  1 
ATOM   590  C  C   . THR A 1 90  ? 2.034   5.214   4.458   1.00 11.38 ? 90  THR A C   1 
ATOM   591  O  O   . THR A 1 90  ? 2.855   4.708   3.677   1.00 12.65 ? 90  THR A O   1 
ATOM   592  C  CB  . THR A 1 90  ? 0.659   6.780   3.061   1.00 12.46 ? 90  THR A CB  1 
ATOM   593  O  OG1 . THR A 1 90  ? 0.349   8.170   2.915   1.00 11.62 ? 90  THR A OG1 1 
ATOM   594  C  CG2 . THR A 1 90  ? -0.604  5.973   3.265   1.00 13.00 ? 90  THR A CG2 1 
ATOM   595  N  N   . THR A 1 91  ? 1.396   4.559   5.409   1.00 11.16 ? 91  THR A N   1 
ATOM   596  C  CA  . THR A 1 91  ? 1.456   3.096   5.585   1.00 10.97 ? 91  THR A CA  1 
ATOM   597  C  C   . THR A 1 91  ? 0.054   2.549   5.377   1.00 12.05 ? 91  THR A C   1 
ATOM   598  O  O   . THR A 1 91  ? -0.922  3.090   6.007   1.00 11.36 ? 91  THR A O   1 
ATOM   599  C  CB  . THR A 1 91  ? 2.032   2.675   6.934   1.00 11.79 ? 91  THR A CB  1 
ATOM   600  O  OG1 . THR A 1 91  ? 1.132   3.096   7.958   1.00 12.95 ? 91  THR A OG1 1 
ATOM   601  C  CG2 . THR A 1 91  ? 3.416   3.251   7.125   1.00 11.56 ? 91  THR A CG2 1 
ATOM   602  N  N   . TRP A 1 92  ? -0.045  1.532   4.492   1.00 12.00 ? 92  TRP A N   1 
ATOM   603  C  CA  . TRP A 1 92  ? -1.258  0.712   4.270   1.00 12.26 ? 92  TRP A CA  1 
ATOM   604  C  C   . TRP A 1 92  ? -1.088  -0.608  5.032   1.00 11.75 ? 92  TRP A C   1 
ATOM   605  O  O   . TRP A 1 92  ? -0.065  -1.238  4.894   1.00 11.96 ? 92  TRP A O   1 
ATOM   606  C  CB  . TRP A 1 92  ? -1.463  0.428   2.771   1.00 12.43 ? 92  TRP A CB  1 
ATOM   607  C  CG  . TRP A 1 92  ? -1.833  1.593   1.926   1.00 12.00 ? 92  TRP A CG  1 
ATOM   608  C  CD1 . TRP A 1 92  ? -3.083  1.851   1.442   1.00 12.94 ? 92  TRP A CD1 1 
ATOM   609  C  CD2 . TRP A 1 92  ? -0.961  2.598   1.372   1.00 12.13 ? 92  TRP A CD2 1 
ATOM   610  N  NE1 . TRP A 1 92  ? -3.053  2.982   0.664   1.00 12.87 ? 92  TRP A NE1 1 
ATOM   611  C  CE2 . TRP A 1 92  ? -1.760  3.431   0.575   1.00 12.82 ? 92  TRP A CE2 1 
ATOM   612  C  CE3 . TRP A 1 92  ? 0.418   2.833   1.411   1.00 12.46 ? 92  TRP A CE3 1 
ATOM   613  C  CZ2 . TRP A 1 92  ? -1.244  4.525   -0.118  1.00 13.20 ? 92  TRP A CZ2 1 
ATOM   614  C  CZ3 . TRP A 1 92  ? 0.935   3.902   0.715   1.00 13.21 ? 92  TRP A CZ3 1 
ATOM   615  C  CH2 . TRP A 1 92  ? 0.111   4.727   -0.050  1.00 12.73 ? 92  TRP A CH2 1 
ATOM   616  N  N   . SER A 1 93  ? -2.068  -0.946  5.827   1.00 12.89 ? 93  SER A N   1 
ATOM   617  C  CA  . SER A 1 93  ? -2.160  -2.206  6.606   1.00 12.67 ? 93  SER A CA  1 
ATOM   618  C  C   . SER A 1 93  ? -3.422  -2.915  6.134   1.00 13.03 ? 93  SER A C   1 
ATOM   619  O  O   . SER A 1 93  ? -4.489  -2.285  6.129   1.00 12.23 ? 93  SER A O   1 
ATOM   620  C  CB  . SER A 1 93  ? -2.155  -1.913  8.091   1.00 12.31 ? 93  SER A CB  1 
ATOM   621  O  OG  . SER A 1 93  ? -2.241  -3.146  8.821   1.00 13.17 ? 93  SER A OG  1 
ATOM   622  N  N   . GLY A 1 94  ? -3.351  -4.183  5.733   1.00 13.84 ? 94  GLY A N   1 
ATOM   623  C  CA  . GLY A 1 94  ? -4.594  -4.832  5.295   1.00 14.61 ? 94  GLY A CA  1 
ATOM   624  C  C   . GLY A 1 94  ? -4.413  -6.304  5.027   1.00 15.03 ? 94  GLY A C   1 
ATOM   625  O  O   . GLY A 1 94  ? -3.484  -6.897  5.558   1.00 15.19 ? 94  GLY A O   1 
ATOM   626  N  N   . GLN A 1 95  ? -5.303  -6.852  4.215   1.00 14.71 ? 95  GLN A N   1 
ATOM   627  C  CA  . GLN A 1 95  ? -5.196  -8.261  3.815   1.00 15.86 ? 95  GLN A CA  1 
ATOM   628  C  C   . GLN A 1 95  ? -5.567  -8.410  2.345   1.00 15.63 ? 95  GLN A C   1 
ATOM   629  O  O   . GLN A 1 95  ? -6.445  -7.693  1.833   1.00 16.61 ? 95  GLN A O   1 
ATOM   630  C  CB  . GLN A 1 95  ? -5.973  -9.146  4.792   1.00 15.57 ? 95  GLN A CB  1 
ATOM   631  C  CG  . GLN A 1 95  ? -7.459  -8.869  4.868   1.00 15.16 ? 95  GLN A CG  1 
ATOM   632  C  CD  . GLN A 1 95  ? -8.179  -9.807  5.809   1.00 17.02 ? 95  GLN A CD  1 
ATOM   633  O  OE1 . GLN A 1 95  ? -7.835  -10.980 5.897   1.00 16.17 ? 95  GLN A OE1 1 
ATOM   634  N  NE2 . GLN A 1 95  ? -9.172  -9.284  6.530   1.00 17.22 ? 95  GLN A NE2 1 
ATOM   635  N  N   . TYR A 1 96  ? -4.860  -9.327  1.713   1.00 17.19 ? 96  TYR A N   1 
ATOM   636  C  CA  . TYR A 1 96  ? -5.119  -9.802  0.346   1.00 16.84 ? 96  TYR A CA  1 
ATOM   637  C  C   . TYR A 1 96  ? -6.166  -10.907 0.445   1.00 18.01 ? 96  TYR A C   1 
ATOM   638  O  O   . TYR A 1 96  ? -5.993  -11.815 1.274   1.00 18.61 ? 96  TYR A O   1 
ATOM   639  C  CB  . TYR A 1 96  ? -3.808  -10.267 -0.274  1.00 18.03 ? 96  TYR A CB  1 
ATOM   640  C  CG  . TYR A 1 96  ? -3.988  -11.181 -1.448  1.00 18.95 ? 96  TYR A CG  1 
ATOM   641  C  CD1 . TYR A 1 96  ? -4.154  -10.666 -2.722  1.00 21.23 ? 96  TYR A CD1 1 
ATOM   642  C  CD2 . TYR A 1 96  ? -3.965  -12.547 -1.287  1.00 22.38 ? 96  TYR A CD2 1 
ATOM   643  C  CE1 . TYR A 1 96  ? -4.334  -11.484 -3.822  1.00 22.82 ? 96  TYR A CE1 1 
ATOM   644  C  CE2 . TYR A 1 96  ? -4.146  -13.386 -2.371  1.00 24.46 ? 96  TYR A CE2 1 
ATOM   645  C  CZ  . TYR A 1 96  ? -4.340  -12.851 -3.627  1.00 23.26 ? 96  TYR A CZ  1 
ATOM   646  O  OH  . TYR A 1 96  ? -4.487  -13.674 -4.681  1.00 25.99 ? 96  TYR A OH  1 
ATOM   647  N  N   . VAL A 1 97  ? -7.220  -10.811 -0.368  1.00 20.64 ? 97  VAL A N   1 
ATOM   648  C  CA  . VAL A 1 97  ? -8.273  -11.862 -0.460  1.00 22.86 ? 97  VAL A CA  1 
ATOM   649  C  C   . VAL A 1 97  ? -8.274  -12.373 -1.905  1.00 23.50 ? 97  VAL A C   1 
ATOM   650  O  O   . VAL A 1 97  ? -8.561  -11.541 -2.815  1.00 21.89 ? 97  VAL A O   1 
ATOM   651  C  CB  . VAL A 1 97  ? -9.650  -11.322 -0.036  1.00 24.55 ? 97  VAL A CB  1 
ATOM   652  C  CG1 . VAL A 1 97  ? -10.693 -12.430 -0.018  1.00 27.25 ? 97  VAL A CG1 1 
ATOM   653  C  CG2 . VAL A 1 97  ? -9.577  -10.663 1.330   1.00 27.78 ? 97  VAL A CG2 1 
ATOM   654  N  N   . GLY A 1 98  ? -7.960  -13.658 -2.087  1.00 24.48 ? 98  GLY A N   1 
ATOM   655  C  CA  . GLY A 1 98  ? -7.825  -14.304 -3.414  1.00 31.84 ? 98  GLY A CA  1 
ATOM   656  C  C   . GLY A 1 98  ? -9.175  -14.632 -4.056  1.00 34.47 ? 98  GLY A C   1 
ATOM   657  O  O   . GLY A 1 98  ? -10.239 -14.243 -3.501  1.00 34.54 ? 98  GLY A O   1 
ATOM   658  N  N   . GLY A 1 99  ? -9.147  -15.326 -5.197  1.00 43.07 ? 99  GLY A N   1 
ATOM   659  C  CA  . GLY A 1 99  ? -10.353 -15.798 -5.905  1.00 45.00 ? 99  GLY A CA  1 
ATOM   660  C  C   . GLY A 1 99  ? -10.737 -14.855 -7.031  1.00 48.94 ? 99  GLY A C   1 
ATOM   661  O  O   . GLY A 1 99  ? -9.949  -13.918 -7.335  1.00 49.17 ? 99  GLY A O   1 
ATOM   662  N  N   . ALA A 1 100 ? -11.921 -15.066 -7.612  1.00 50.43 ? 100 ALA A N   1 
ATOM   663  C  CA  . ALA A 1 100 ? -12.287 -14.594 -8.970  1.00 49.25 ? 100 ALA A CA  1 
ATOM   664  C  C   . ALA A 1 100 ? -12.103 -13.079 -9.049  1.00 49.00 ? 100 ALA A C   1 
ATOM   665  O  O   . ALA A 1 100 ? -11.561 -12.589 -10.082 1.00 50.01 ? 100 ALA A O   1 
ATOM   666  C  CB  . ALA A 1 100 ? -13.706 -15.012 -9.291  1.00 49.96 ? 100 ALA A CB  1 
ATOM   667  N  N   . GLU A 1 101 ? -12.517 -12.384 -7.982  1.00 42.57 ? 101 GLU A N   1 
ATOM   668  C  CA  . GLU A 1 101 ? -12.440 -10.909 -7.854  1.00 39.97 ? 101 GLU A CA  1 
ATOM   669  C  C   . GLU A 1 101 ? -11.479 -10.574 -6.695  1.00 37.46 ? 101 GLU A C   1 
ATOM   670  O  O   . GLU A 1 101 ? -11.960 -10.122 -5.625  1.00 32.45 ? 101 GLU A O   1 
ATOM   671  C  CB  . GLU A 1 101 ? -13.858 -10.363 -7.676  1.00 44.73 ? 101 GLU A CB  1 
ATOM   672  C  CG  . GLU A 1 101 ? -14.807 -10.804 -8.781  0.50 44.87 ? 101 GLU A CG  1 
ATOM   673  C  CD  . GLU A 1 101 ? -16.175 -10.157 -8.703  0.50 45.18 ? 101 GLU A CD  1 
ATOM   674  O  OE1 . GLU A 1 101 ? -17.106 -10.826 -8.228  0.50 48.58 ? 101 GLU A OE1 1 
ATOM   675  O  OE2 . GLU A 1 101 ? -16.299 -8.984  -9.106  0.50 47.80 ? 101 GLU A OE2 1 
ATOM   676  N  N   . ALA A 1 102 ? -10.174 -10.817 -6.901  1.00 29.05 ? 102 ALA A N   1 
ATOM   677  C  CA  . ALA A 1 102 ? -9.118  -10.638 -5.881  1.00 26.59 ? 102 ALA A CA  1 
ATOM   678  C  C   . ALA A 1 102 ? -9.149  -9.194  -5.370  1.00 22.13 ? 102 ALA A C   1 
ATOM   679  O  O   . ALA A 1 102 ? -9.379  -8.239  -6.179  1.00 20.32 ? 102 ALA A O   1 
ATOM   680  C  CB  . ALA A 1 102 ? -7.765  -10.993 -6.439  1.00 27.00 ? 102 ALA A CB  1 
ATOM   681  N  N   . ARG A 1 103 ? -8.941  -9.026  -4.060  1.00 21.43 ? 103 ARG A N   1 
ATOM   682  C  CA  . ARG A 1 103 ? -8.909  -7.678  -3.446  1.00 20.91 ? 103 ARG A CA  1 
ATOM   683  C  C   . ARG A 1 103 ? -7.743  -7.565  -2.481  1.00 19.87 ? 103 ARG A C   1 
ATOM   684  O  O   . ARG A 1 103 ? -7.357  -8.579  -1.866  1.00 17.79 ? 103 ARG A O   1 
ATOM   685  C  CB  . ARG A 1 103 ? -10.232 -7.385  -2.732  1.00 24.33 ? 103 ARG A CB  1 
ATOM   686  C  CG  . ARG A 1 103 ? -11.155 -6.536  -3.589  0.50 24.63 ? 103 ARG A CG  1 
ATOM   687  C  CD  . ARG A 1 103 ? -12.592 -6.631  -3.169  0.50 25.97 ? 103 ARG A CD  1 
ATOM   688  N  NE  . ARG A 1 103 ? -13.383 -5.605  -3.833  0.50 25.51 ? 103 ARG A NE  1 
ATOM   689  C  CZ  . ARG A 1 103 ? -13.735 -5.646  -5.102  0.50 27.15 ? 103 ARG A CZ  1 
ATOM   690  N  NH1 . ARG A 1 103 ? -14.487 -4.682  -5.593  0.50 27.74 ? 103 ARG A NH1 1 
ATOM   691  N  NH2 . ARG A 1 103 ? -13.343 -6.650  -5.872  0.50 28.26 ? 103 ARG A NH2 1 
ATOM   692  N  N   . ILE A 1 104 ? -7.233  -6.340  -2.340  1.00 17.26 ? 104 ILE A N   1 
ATOM   693  C  CA  . ILE A 1 104 ? -6.442  -5.961  -1.129  1.00 16.59 ? 104 ILE A CA  1 
ATOM   694  C  C   . ILE A 1 104 ? -7.235  -4.900  -0.381  1.00 14.10 ? 104 ILE A C   1 
ATOM   695  O  O   . ILE A 1 104 ? -7.383  -3.753  -0.881  1.00 14.46 ? 104 ILE A O   1 
ATOM   696  C  CB  . ILE A 1 104 ? -5.007  -5.526  -1.470  1.00 16.66 ? 104 ILE A CB  1 
ATOM   697  C  CG1 . ILE A 1 104 ? -4.245  -6.584  -2.274  1.00 18.64 ? 104 ILE A CG1 1 
ATOM   698  C  CG2 . ILE A 1 104 ? -4.253  -5.166  -0.200  1.00 16.44 ? 104 ILE A CG2 1 
ATOM   699  C  CD1 . ILE A 1 104 ? -2.933  -6.100  -2.856  1.00 19.04 ? 104 ILE A CD1 1 
ATOM   700  N  N   . ASN A 1 105 ? -7.731  -5.262  0.785   1.00 15.31 ? 105 ASN A N   1 
ATOM   701  C  CA  . ASN A 1 105 ? -8.556  -4.363  1.641   1.00 15.40 ? 105 ASN A CA  1 
ATOM   702  C  C   . ASN A 1 105 ? -7.629  -3.755  2.691   1.00 14.83 ? 105 ASN A C   1 
ATOM   703  O  O   . ASN A 1 105 ? -7.003  -4.517  3.405   1.00 14.88 ? 105 ASN A O   1 
ATOM   704  C  CB  . ASN A 1 105 ? -9.736  -5.096  2.260   1.00 18.27 ? 105 ASN A CB  1 
ATOM   705  C  CG  . ASN A 1 105 ? -10.706 -5.565  1.200   1.00 19.78 ? 105 ASN A CG  1 
ATOM   706  O  OD1 . ASN A 1 105 ? -11.010 -4.797  0.288   1.00 20.29 ? 105 ASN A OD1 1 
ATOM   707  N  ND2 . ASN A 1 105 ? -11.094 -6.829  1.292   1.00 18.12 ? 105 ASN A ND2 1 
ATOM   708  N  N   . THR A 1 106 ? -7.456  -2.435  2.664   1.00 13.46 ? 106 THR A N   1 
ATOM   709  C  CA  . THR A 1 106 ? -6.509  -1.742  3.552   1.00 13.16 ? 106 THR A CA  1 
ATOM   710  C  C   . THR A 1 106 ? -7.182  -0.639  4.363   1.00 12.63 ? 106 THR A C   1 
ATOM   711  O  O   . THR A 1 106 ? -8.217  -0.042  3.975   1.00 12.48 ? 106 THR A O   1 
ATOM   712  C  CB  . THR A 1 106 ? -5.325  -1.162  2.794   1.00 13.07 ? 106 THR A CB  1 
ATOM   713  O  OG1 . THR A 1 106 ? -5.751  0.015   2.087   1.00 12.29 ? 106 THR A OG1 1 
ATOM   714  C  CG2 . THR A 1 106 ? -4.702  -2.182  1.868   1.00 13.75 ? 106 THR A CG2 1 
ATOM   715  N  N   . GLN A 1 107 ? -6.519  -0.325  5.467   1.00 12.04 ? 107 GLN A N   1 
ATOM   716  C  CA  . GLN A 1 107 ? -6.644  0.971   6.155   1.00 13.72 ? 107 GLN A CA  1 
ATOM   717  C  C   . GLN A 1 107 ? -5.258  1.603   6.170   1.00 12.92 ? 107 GLN A C   1 
ATOM   718  O  O   . GLN A 1 107 ? -4.273  0.868   6.121   1.00 13.00 ? 107 GLN A O   1 
ATOM   719  C  CB  . GLN A 1 107 ? -7.203  0.712   7.538   1.00 15.52 ? 107 GLN A CB  1 
ATOM   720  C  CG  A GLN A 1 107 ? -8.618  0.147   7.420   0.50 14.83 ? 107 GLN A CG  1 
ATOM   721  C  CG  B GLN A 1 107 ? -8.660  0.273   7.497   0.50 17.72 ? 107 GLN A CG  1 
ATOM   722  C  CD  A GLN A 1 107 ? -9.316  0.010   8.738   0.50 13.00 ? 107 GLN A CD  1 
ATOM   723  C  CD  B GLN A 1 107 ? -9.489  1.152   8.397   0.50 18.45 ? 107 GLN A CD  1 
ATOM   724  O  OE1 A GLN A 1 107 ? -9.844  0.982   9.246   0.50 13.54 ? 107 GLN A OE1 1 
ATOM   725  O  OE1 B GLN A 1 107 ? -9.673  2.373   8.188   0.50 20.61 ? 107 GLN A OE1 1 
ATOM   726  N  NE2 A GLN A 1 107 ? -9.329  -1.189  9.291   0.50 12.29 ? 107 GLN A NE2 1 
ATOM   727  N  NE2 B GLN A 1 107 ? -9.989  0.513   9.432   0.50 21.30 ? 107 GLN A NE2 1 
ATOM   728  N  N   . TRP A 1 108 ? -5.182  2.922   6.149   1.00 12.02 ? 108 TRP A N   1 
ATOM   729  C  CA  . TRP A 1 108 ? -3.880  3.596   6.028   1.00 13.25 ? 108 TRP A CA  1 
ATOM   730  C  C   . TRP A 1 108 ? -3.752  4.734   7.034   1.00 13.07 ? 108 TRP A C   1 
ATOM   731  O  O   . TRP A 1 108 ? -4.796  5.275   7.482   1.00 12.79 ? 108 TRP A O   1 
ATOM   732  C  CB  . TRP A 1 108 ? -3.608  4.078   4.597   1.00 13.10 ? 108 TRP A CB  1 
ATOM   733  C  CG  . TRP A 1 108 ? -4.685  4.888   3.956   1.00 13.06 ? 108 TRP A CG  1 
ATOM   734  C  CD1 . TRP A 1 108 ? -5.563  4.477   3.004   1.00 13.44 ? 108 TRP A CD1 1 
ATOM   735  C  CD2 . TRP A 1 108 ? -4.907  6.295   4.117   1.00 13.02 ? 108 TRP A CD2 1 
ATOM   736  N  NE1 . TRP A 1 108 ? -6.369  5.508   2.620   1.00 13.93 ? 108 TRP A NE1 1 
ATOM   737  C  CE2 . TRP A 1 108 ? -5.997  6.639   3.285   1.00 13.75 ? 108 TRP A CE2 1 
ATOM   738  C  CE3 . TRP A 1 108 ? -4.367  7.264   4.956   1.00 13.26 ? 108 TRP A CE3 1 
ATOM   739  C  CZ2 . TRP A 1 108 ? -6.510  7.929   3.221   1.00 12.50 ? 108 TRP A CZ2 1 
ATOM   740  C  CZ3 . TRP A 1 108 ? -4.869  8.545   4.880   1.00 12.40 ? 108 TRP A CZ3 1 
ATOM   741  C  CH2 . TRP A 1 108 ? -5.924  8.860   4.037   1.00 13.19 ? 108 TRP A CH2 1 
ATOM   742  N  N   . LEU A 1 109 ? -2.501  5.022   7.399   1.00 12.71 ? 109 LEU A N   1 
ATOM   743  C  CA  . LEU A 1 109 ? -2.119  6.195   8.207   1.00 13.32 ? 109 LEU A CA  1 
ATOM   744  C  C   . LEU A 1 109 ? -1.171  7.030   7.373   1.00 14.10 ? 109 LEU A C   1 
ATOM   745  O  O   . LEU A 1 109 ? -0.147  6.486   6.931   1.00 14.93 ? 109 LEU A O   1 
ATOM   746  C  CB  . LEU A 1 109 ? -1.419  5.783   9.502   1.00 13.92 ? 109 LEU A CB  1 
ATOM   747  C  CG  . LEU A 1 109 ? -2.252  4.893   10.418  1.00 14.10 ? 109 LEU A CG  1 
ATOM   748  C  CD1 . LEU A 1 109 ? -1.347  4.335   11.481  1.00 13.98 ? 109 LEU A CD1 1 
ATOM   749  C  CD2 . LEU A 1 109 ? -3.434  5.657   10.995  1.00 14.93 ? 109 LEU A CD2 1 
ATOM   750  N  N   . LEU A 1 110 ? -1.502  8.293   7.204   1.00 13.39 ? 110 LEU A N   1 
ATOM   751  C  CA  . LEU A 1 110 ? -0.636  9.293   6.525   1.00 14.25 ? 110 LEU A CA  1 
ATOM   752  C  C   . LEU A 1 110 ? -0.133  10.286  7.578   1.00 13.29 ? 110 LEU A C   1 
ATOM   753  O  O   . LEU A 1 110 ? -0.931  11.083  8.095   1.00 14.07 ? 110 LEU A O   1 
ATOM   754  C  CB  . LEU A 1 110 ? -1.435  9.993   5.432   1.00 15.73 ? 110 LEU A CB  1 
ATOM   755  C  CG  . LEU A 1 110 ? -0.669  10.963  4.526   1.00 18.84 ? 110 LEU A CG  1 
ATOM   756  C  CD1 . LEU A 1 110 ? -1.583  11.469  3.434   1.00 19.74 ? 110 LEU A CD1 1 
ATOM   757  C  CD2 . LEU A 1 110 ? -0.080  12.114  5.278   1.00 20.95 ? 110 LEU A CD2 1 
ATOM   758  N  N   . THR A 1 111 ? 1.148   10.250  7.889   1.00 14.01 ? 111 THR A N   1 
ATOM   759  C  CA  . THR A 1 111 ? 1.768   11.191  8.843   1.00 13.63 ? 111 THR A CA  1 
ATOM   760  C  C   . THR A 1 111 ? 2.576   12.236  8.068   1.00 13.65 ? 111 THR A C   1 
ATOM   761  O  O   . THR A 1 111 ? 3.409   11.853  7.227   1.00 13.41 ? 111 THR A O   1 
ATOM   762  C  CB  . THR A 1 111 ? 2.619   10.490  9.896   1.00 14.70 ? 111 THR A CB  1 
ATOM   763  O  OG1 . THR A 1 111 ? 1.822   9.511   10.564  1.00 14.88 ? 111 THR A OG1 1 
ATOM   764  C  CG2 . THR A 1 111 ? 3.161   11.459  10.915  1.00 15.82 ? 111 THR A CG2 1 
ATOM   765  N  N   . SER A 1 112 ? 2.378   13.498  8.430   1.00 12.81 ? 112 SER A N   1 
ATOM   766  C  CA  . SER A 1 112 ? 3.188   14.627  7.935   1.00 13.70 ? 112 SER A CA  1 
ATOM   767  C  C   . SER A 1 112 ? 4.249   14.966  8.982   1.00 15.50 ? 112 SER A C   1 
ATOM   768  O  O   . SER A 1 112 ? 3.951   14.947  10.197  1.00 16.85 ? 112 SER A O   1 
ATOM   769  C  CB  . SER A 1 112 ? 2.341   15.805  7.600   1.00 13.74 ? 112 SER A CB  1 
ATOM   770  O  OG  . SER A 1 112 ? 1.562   15.579  6.440   1.00 14.72 ? 112 SER A OG  1 
ATOM   771  N  N   . GLY A 1 113 ? 5.460   15.310  8.553   1.00 17.35 ? 113 GLY A N   1 
ATOM   772  C  CA  . GLY A 1 113 ? 6.385   16.033  9.455   1.00 18.67 ? 113 GLY A CA  1 
ATOM   773  C  C   . GLY A 1 113 ? 5.736   17.318  9.952   1.00 19.72 ? 113 GLY A C   1 
ATOM   774  O  O   . GLY A 1 113 ? 5.260   18.081  9.117   1.00 23.30 ? 113 GLY A O   1 
ATOM   775  N  N   . THR A 1 114 ? 5.681   17.570  11.258  1.00 21.89 ? 114 THR A N   1 
ATOM   776  C  CA  . THR A 1 114 ? 5.085   18.821  11.804  1.00 20.17 ? 114 THR A CA  1 
ATOM   777  C  C   . THR A 1 114 ? 5.997   19.413  12.874  1.00 21.87 ? 114 THR A C   1 
ATOM   778  O  O   . THR A 1 114 ? 6.875   18.696  13.375  1.00 18.74 ? 114 THR A O   1 
ATOM   779  C  CB  . THR A 1 114 ? 3.715   18.575  12.446  1.00 20.29 ? 114 THR A CB  1 
ATOM   780  O  OG1 . THR A 1 114 ? 3.885   17.809  13.637  1.00 18.74 ? 114 THR A OG1 1 
ATOM   781  C  CG2 . THR A 1 114 ? 2.752   17.853  11.531  1.00 21.63 ? 114 THR A CG2 1 
ATOM   782  N  N   . THR A 1 115 ? 5.693   20.633  13.309  1.00 22.43 ? 115 THR A N   1 
ATOM   783  C  CA  . THR A 1 115 ? 6.233   21.181  14.577  1.00 23.20 ? 115 THR A CA  1 
ATOM   784  C  C   . THR A 1 115 ? 5.561   20.441  15.745  1.00 24.70 ? 115 THR A C   1 
ATOM   785  O  O   . THR A 1 115 ? 4.518   19.790  15.539  1.00 22.43 ? 115 THR A O   1 
ATOM   786  C  CB  . THR A 1 115 ? 6.063   22.701  14.591  1.00 24.95 ? 115 THR A CB  1 
ATOM   787  O  OG1 . THR A 1 115 ? 4.665   22.960  14.543  1.00 27.52 ? 115 THR A OG1 1 
ATOM   788  C  CG2 . THR A 1 115 ? 6.726   23.365  13.405  1.00 25.12 ? 115 THR A CG2 1 
ATOM   789  N  N   . GLU A 1 116 ? 6.139   20.523  16.948  1.00 25.96 ? 116 GLU A N   1 
ATOM   790  C  CA  . GLU A 1 116 ? 5.569   19.897  18.166  1.00 29.96 ? 116 GLU A CA  1 
ATOM   791  C  C   . GLU A 1 116 ? 4.194   20.531  18.448  1.00 28.54 ? 116 GLU A C   1 
ATOM   792  O  O   . GLU A 1 116 ? 3.285   19.785  18.791  1.00 26.15 ? 116 GLU A O   1 
ATOM   793  C  CB  . GLU A 1 116 ? 6.587   19.945  19.323  1.00 33.54 ? 116 GLU A CB  1 
ATOM   794  C  CG  . GLU A 1 116 ? 7.753   18.969  19.093  0.50 34.96 ? 116 GLU A CG  1 
ATOM   795  C  CD  . GLU A 1 116 ? 9.000   19.075  19.968  0.50 35.60 ? 116 GLU A CD  1 
ATOM   796  O  OE1 . GLU A 1 116 ? 10.058  19.493  19.455  0.50 34.38 ? 116 GLU A OE1 1 
ATOM   797  O  OE2 . GLU A 1 116 ? 8.940   18.655  21.132  0.50 36.66 ? 116 GLU A OE2 1 
ATOM   798  N  N   . ALA A 1 117 ? 4.016   21.826  18.202  1.00 27.05 ? 117 ALA A N   1 
ATOM   799  C  CA  . ALA A 1 117 ? 2.728   22.530  18.371  1.00 29.77 ? 117 ALA A CA  1 
ATOM   800  C  C   . ALA A 1 117 ? 1.623   21.851  17.543  1.00 29.93 ? 117 ALA A C   1 
ATOM   801  O  O   . ALA A 1 117 ? 0.504   21.733  18.066  1.00 31.67 ? 117 ALA A O   1 
ATOM   802  C  CB  . ALA A 1 117 ? 2.863   23.981  17.985  1.00 32.81 ? 117 ALA A CB  1 
ATOM   803  N  N   . ASN A 1 118 ? 1.932   21.418  16.316  1.00 25.74 ? 118 ASN A N   1 
ATOM   804  C  CA  . ASN A 1 118 ? 0.956   20.890  15.328  1.00 23.77 ? 118 ASN A CA  1 
ATOM   805  C  C   . ASN A 1 118 ? 0.942   19.344  15.306  1.00 20.41 ? 118 ASN A C   1 
ATOM   806  O  O   . ASN A 1 118 ? 0.250   18.770  14.449  1.00 20.52 ? 118 ASN A O   1 
ATOM   807  C  CB  . ASN A 1 118 ? 1.237   21.447  13.941  1.00 23.84 ? 118 ASN A CB  1 
ATOM   808  C  CG  . ASN A 1 118 ? 1.037   22.946  13.894  1.00 31.34 ? 118 ASN A CG  1 
ATOM   809  O  OD1 . ASN A 1 118 ? 0.335   23.515  14.733  1.00 32.83 ? 118 ASN A OD1 1 
ATOM   810  N  ND2 . ASN A 1 118 ? 1.657   23.580  12.917  1.00 30.51 ? 118 ASN A ND2 1 
ATOM   811  N  N   . ALA A 1 119 ? 1.699   18.691  16.161  1.00 19.98 ? 119 ALA A N   1 
ATOM   812  C  CA  . ALA A 1 119 ? 1.868   17.213  16.150  1.00 21.10 ? 119 ALA A CA  1 
ATOM   813  C  C   . ALA A 1 119 ? 0.515   16.535  16.340  1.00 19.02 ? 119 ALA A C   1 
ATOM   814  O  O   . ALA A 1 119 ? 0.322   15.426  15.785  1.00 18.42 ? 119 ALA A O   1 
ATOM   815  C  CB  . ALA A 1 119 ? 2.843   16.753  17.204  1.00 21.84 ? 119 ALA A CB  1 
ATOM   816  N  N   . TRP A 1 120 ? -0.395  17.156  17.091  1.00 17.91 ? 120 TRP A N   1 
ATOM   817  C  CA  . TRP A 1 120 ? -1.716  16.550  17.395  1.00 18.10 ? 120 TRP A CA  1 
ATOM   818  C  C   . TRP A 1 120 ? -2.481  16.314  16.087  1.00 16.86 ? 120 TRP A C   1 
ATOM   819  O  O   . TRP A 1 120 ? -3.270  15.359  16.047  1.00 16.81 ? 120 TRP A O   1 
ATOM   820  C  CB  . TRP A 1 120 ? -2.520  17.395  18.389  1.00 17.12 ? 120 TRP A CB  1 
ATOM   821  C  CG  . TRP A 1 120 ? -2.895  18.712  17.815  1.00 17.32 ? 120 TRP A CG  1 
ATOM   822  C  CD1 . TRP A 1 120 ? -2.154  19.854  17.790  1.00 18.10 ? 120 TRP A CD1 1 
ATOM   823  C  CD2 . TRP A 1 120 ? -4.086  18.988  17.066  1.00 17.88 ? 120 TRP A CD2 1 
ATOM   824  N  NE1 . TRP A 1 120 ? -2.817  20.835  17.103  1.00 18.21 ? 120 TRP A NE1 1 
ATOM   825  C  CE2 . TRP A 1 120 ? -3.987  20.323  16.613  1.00 18.73 ? 120 TRP A CE2 1 
ATOM   826  C  CE3 . TRP A 1 120 ? -5.209  18.234  16.717  1.00 18.47 ? 120 TRP A CE3 1 
ATOM   827  C  CZ2 . TRP A 1 120 ? -5.024  20.942  15.918  1.00 19.24 ? 120 TRP A CZ2 1 
ATOM   828  C  CZ3 . TRP A 1 120 ? -6.204  18.828  15.976  1.00 18.50 ? 120 TRP A CZ3 1 
ATOM   829  C  CH2 . TRP A 1 120 ? -6.108  20.162  15.580  1.00 19.76 ? 120 TRP A CH2 1 
ATOM   830  N  N   . ALA A 1 121 ? -2.256  17.141  15.060  1.00 16.31 ? 121 ALA A N   1 
ATOM   831  C  CA  . ALA A 1 121 ? -2.885  17.027  13.720  1.00 18.16 ? 121 ALA A CA  1 
ATOM   832  C  C   . ALA A 1 121 ? -1.918  16.442  12.688  1.00 17.46 ? 121 ALA A C   1 
ATOM   833  O  O   . ALA A 1 121 ? -2.054  16.792  11.503  1.00 18.31 ? 121 ALA A O   1 
ATOM   834  C  CB  . ALA A 1 121 ? -3.357  18.392  13.254  1.00 20.94 ? 121 ALA A CB  1 
ATOM   835  N  N   . SER A 1 122 ? -0.987  15.579  13.071  1.00 16.30 ? 122 SER A N   1 
ATOM   836  C  CA  . SER A 1 122 ? 0.054   15.080  12.133  1.00 15.44 ? 122 SER A CA  1 
ATOM   837  C  C   . SER A 1 122 ? -0.517  13.989  11.214  1.00 15.28 ? 122 SER A C   1 
ATOM   838  O  O   . SER A 1 122 ? 0.111   13.701  10.164  1.00 13.46 ? 122 SER A O   1 
ATOM   839  C  CB  . SER A 1 122 ? 1.259   14.560  12.879  1.00 14.70 ? 122 SER A CB  1 
ATOM   840  O  OG  . SER A 1 122 ? 0.909   13.375  13.588  1.00 16.41 ? 122 SER A OG  1 
ATOM   841  N  N   . THR A 1 123 ? -1.556  13.277  11.643  1.00 13.39 ? 123 THR A N   1 
ATOM   842  C  CA  . THR A 1 123 ? -1.865  11.950  11.053  1.00 13.72 ? 123 THR A CA  1 
ATOM   843  C  C   . THR A 1 123 ? -3.309  11.837  10.568  1.00 13.74 ? 123 THR A C   1 
ATOM   844  O  O   . THR A 1 123 ? -4.246  12.035  11.366  1.00 13.28 ? 123 THR A O   1 
ATOM   845  C  CB  . THR A 1 123 ? -1.543  10.828  12.041  1.00 14.00 ? 123 THR A CB  1 
ATOM   846  O  OG1 . THR A 1 123 ? -0.200  11.022  12.493  1.00 16.03 ? 123 THR A OG1 1 
ATOM   847  C  CG2 . THR A 1 123 ? -1.638  9.466   11.394  1.00 14.00 ? 123 THR A CG2 1 
ATOM   848  N  N   . TYR A 1 124 ? -3.472  11.512  9.277   1.00 14.99 ? 124 TYR A N   1 
ATOM   849  C  CA  . TYR A 1 124 ? -4.764  11.157  8.647   1.00 15.50 ? 124 TYR A CA  1 
ATOM   850  C  C   . TYR A 1 124 ? -4.954  9.648   8.731   1.00 14.68 ? 124 TYR A C   1 
ATOM   851  O  O   . TYR A 1 124 ? -3.935  8.902   8.618   1.00 13.68 ? 124 TYR A O   1 
ATOM   852  C  CB  . TYR A 1 124 ? -4.796  11.481  7.174   1.00 18.40 ? 124 TYR A CB  1 
ATOM   853  C  CG  . TYR A 1 124 ? -4.720  12.937  6.839   1.00 23.67 ? 124 TYR A CG  1 
ATOM   854  C  CD1 . TYR A 1 124 ? -5.789  13.780  7.029   1.00 31.12 ? 124 TYR A CD1 1 
ATOM   855  C  CD2 . TYR A 1 124 ? -3.578  13.449  6.279   1.00 32.82 ? 124 TYR A CD2 1 
ATOM   856  C  CE1 . TYR A 1 124 ? -5.711  15.122  6.683   1.00 39.48 ? 124 TYR A CE1 1 
ATOM   857  C  CE2 . TYR A 1 124 ? -3.473  14.778  5.931   1.00 36.32 ? 124 TYR A CE2 1 
ATOM   858  C  CZ  . TYR A 1 124 ? -4.538  15.615  6.143   1.00 38.28 ? 124 TYR A CZ  1 
ATOM   859  O  OH  . TYR A 1 124 ? -4.416  16.902  5.754   1.00 47.60 ? 124 TYR A OH  1 
ATOM   860  N  N   . VAL A 1 125 ? -6.205  9.220   8.790   1.00 13.37 ? 125 VAL A N   1 
ATOM   861  C  CA  . VAL A 1 125 ? -6.561  7.787   8.664   1.00 13.08 ? 125 VAL A CA  1 
ATOM   862  C  C   . VAL A 1 125 ? -7.641  7.674   7.568   1.00 12.93 ? 125 VAL A C   1 
ATOM   863  O  O   . VAL A 1 125 ? -8.447  8.599   7.389   1.00 12.40 ? 125 VAL A O   1 
ATOM   864  C  CB  . VAL A 1 125 ? -7.007  7.191   10.013  1.00 12.97 ? 125 VAL A CB  1 
ATOM   865  C  CG1 . VAL A 1 125 ? -8.264  7.841   10.568  1.00 13.37 ? 125 VAL A CG1 1 
ATOM   866  C  CG2 . VAL A 1 125 ? -7.219  5.689   9.952   1.00 13.40 ? 125 VAL A CG2 1 
ATOM   867  N  N   . GLY A 1 126 ? -7.516  6.637   6.756   1.00 12.20 ? 126 GLY A N   1 
ATOM   868  C  CA  . GLY A 1 126 ? -8.460  6.322   5.682   1.00 12.72 ? 126 GLY A CA  1 
ATOM   869  C  C   . GLY A 1 126 ? -8.432  4.852   5.337   1.00 13.24 ? 126 GLY A C   1 
ATOM   870  O  O   . GLY A 1 126 ? -7.837  4.047   6.082   1.00 11.94 ? 126 GLY A O   1 
ATOM   871  N  N   . HIS A 1 127 ? -9.155  4.486   4.282   1.00 13.42 ? 127 HIS A N   1 
ATOM   872  C  CA  . HIS A 1 127 ? -9.232  3.085   3.836   1.00 14.43 ? 127 HIS A CA  1 
ATOM   873  C  C   . HIS A 1 127 ? -9.231  3.070   2.307   1.00 14.57 ? 127 HIS A C   1 
ATOM   874  O  O   . HIS A 1 127 ? -9.895  3.896   1.681   1.00 16.51 ? 127 HIS A O   1 
ATOM   875  C  CB  . HIS A 1 127 ? -10.440 2.413   4.480   1.00 14.93 ? 127 HIS A CB  1 
ATOM   876  C  CG  . HIS A 1 127 ? -11.702 3.166   4.255   1.00 16.98 ? 127 HIS A CG  1 
ATOM   877  N  ND1 . HIS A 1 127 ? -12.556 2.868   3.197   1.00 18.83 ? 127 HIS A ND1 1 
ATOM   878  C  CD2 . HIS A 1 127 ? -12.238 4.234   4.902   1.00 19.31 ? 127 HIS A CD2 1 
ATOM   879  C  CE1 . HIS A 1 127 ? -13.596 3.693   3.254   1.00 20.36 ? 127 HIS A CE1 1 
ATOM   880  N  NE2 . HIS A 1 127 ? -13.437 4.534   4.292   1.00 19.46 ? 127 HIS A NE2 1 
ATOM   881  N  N   . ASP A 1 128 ? -8.435  2.188   1.740   1.00 14.61 ? 128 ASP A N   1 
ATOM   882  C  CA  . ASP A 1 128 ? -8.349  1.975   0.273   1.00 13.65 ? 128 ASP A CA  1 
ATOM   883  C  C   . ASP A 1 128 ? -8.669  0.514   -0.004  1.00 14.50 ? 128 ASP A C   1 
ATOM   884  O  O   . ASP A 1 128 ? -8.118  -0.335  0.678   1.00 12.66 ? 128 ASP A O   1 
ATOM   885  C  CB  . ASP A 1 128 ? -6.957  2.310   -0.228  1.00 13.25 ? 128 ASP A CB  1 
ATOM   886  C  CG  . ASP A 1 128 ? -6.640  3.785   -0.329  1.00 13.44 ? 128 ASP A CG  1 
ATOM   887  O  OD1 . ASP A 1 128 ? -7.540  4.586   -0.145  1.00 14.96 ? 128 ASP A OD1 1 
ATOM   888  O  OD2 . ASP A 1 128 ? -5.478  4.114   -0.534  1.00 12.91 ? 128 ASP A OD2 1 
ATOM   889  N  N   . THR A 1 129 ? -9.452  0.255   -1.064  1.00 15.29 ? 129 THR A N   1 
ATOM   890  C  CA  . THR A 1 129 ? -9.703  -1.109  -1.589  1.00 15.90 ? 129 THR A CA  1 
ATOM   891  C  C   . THR A 1 129 ? -9.113  -1.191  -2.988  1.00 15.25 ? 129 THR A C   1 
ATOM   892  O  O   . THR A 1 129 ? -9.398  -0.297  -3.795  1.00 16.24 ? 129 THR A O   1 
ATOM   893  C  CB  . THR A 1 129 ? -11.192 -1.476  -1.676  1.00 18.90 ? 129 THR A CB  1 
ATOM   894  O  OG1 . THR A 1 129 ? -11.767 -1.145  -0.417  1.00 24.78 ? 129 THR A OG1 1 
ATOM   895  C  CG2 . THR A 1 129 ? -11.374 -2.952  -1.944  1.00 17.81 ? 129 THR A CG2 1 
ATOM   896  N  N   . PHE A 1 130 ? -8.231  -2.157  -3.173  1.00 15.08 ? 130 PHE A N   1 
ATOM   897  C  CA  . PHE A 1 130 ? -7.434  -2.383  -4.405  1.00 15.00 ? 130 PHE A CA  1 
ATOM   898  C  C   . PHE A 1 130 ? -7.997  -3.585  -5.138  1.00 16.40 ? 130 PHE A C   1 
ATOM   899  O  O   . PHE A 1 130 ? -8.265  -4.663  -4.510  1.00 15.13 ? 130 PHE A O   1 
ATOM   900  C  CB  . PHE A 1 130 ? -5.954  -2.562  -4.082  1.00 14.45 ? 130 PHE A CB  1 
ATOM   901  C  CG  . PHE A 1 130 ? -5.269  -1.360  -3.484  1.00 14.28 ? 130 PHE A CG  1 
ATOM   902  C  CD1 . PHE A 1 130 ? -4.700  -0.407  -4.298  1.00 14.32 ? 130 PHE A CD1 1 
ATOM   903  C  CD2 . PHE A 1 130 ? -5.187  -1.194  -2.099  1.00 15.03 ? 130 PHE A CD2 1 
ATOM   904  C  CE1 . PHE A 1 130 ? -4.055  0.684   -3.753  1.00 13.80 ? 130 PHE A CE1 1 
ATOM   905  C  CE2 . PHE A 1 130 ? -4.550  -0.102  -1.544  1.00 14.02 ? 130 PHE A CE2 1 
ATOM   906  C  CZ  . PHE A 1 130 ? -4.017  0.851   -2.379  1.00 14.77 ? 130 PHE A CZ  1 
ATOM   907  N  N   . THR A 1 131 ? -8.149  -3.402  -6.456  1.00 18.27 ? 131 THR A N   1 
ATOM   908  C  CA  . THR A 1 131 ? -8.603  -4.448  -7.399  1.00 19.85 ? 131 THR A CA  1 
ATOM   909  C  C   . THR A 1 131 ? -7.599  -4.553  -8.550  1.00 20.85 ? 131 THR A C   1 
ATOM   910  O  O   . THR A 1 131 ? -6.850  -3.583  -8.784  1.00 18.48 ? 131 THR A O   1 
ATOM   911  C  CB  . THR A 1 131 ? -10.022 -4.183  -7.922  1.00 21.43 ? 131 THR A CB  1 
ATOM   912  O  OG1 . THR A 1 131 ? -10.082 -2.883  -8.504  1.00 24.03 ? 131 THR A OG1 1 
ATOM   913  C  CG2 . THR A 1 131 ? -11.066 -4.270  -6.835  1.00 23.88 ? 131 THR A CG2 1 
ATOM   914  N  N   . LYS A 1 132 ? -7.638  -5.680  -9.269  1.00 23.98 ? 132 LYS A N   1 
ATOM   915  C  CA  . LYS A 1 132 ? -6.750  -5.970  -10.425 1.00 25.87 ? 132 LYS A CA  1 
ATOM   916  C  C   . LYS A 1 132 ? -7.290  -5.253  -11.669 1.00 29.61 ? 132 LYS A C   1 
ATOM   917  O  O   . LYS A 1 132 ? -6.505  -5.077  -12.590 1.00 26.87 ? 132 LYS A O   1 
ATOM   918  C  CB  . LYS A 1 132 ? -6.586  -7.482  -10.611 1.00 29.25 ? 132 LYS A CB  1 
ATOM   919  C  CG  . LYS A 1 132 ? -5.741  -8.167  -9.539  1.00 34.91 ? 132 LYS A CG  1 
ATOM   920  C  CD  . LYS A 1 132 ? -4.254  -8.446  -9.852  1.00 43.52 ? 132 LYS A CD  1 
ATOM   921  C  CE  . LYS A 1 132 ? -3.703  -9.661  -9.093  1.00 50.39 ? 132 LYS A CE  1 
ATOM   922  N  NZ  . LYS A 1 132 ? -2.210  -9.826  -9.128  1.00 44.44 ? 132 LYS A NZ  1 
ATOM   923  N  N   . VAL A 1 133 ? -8.540  -4.765  -11.662 1.00 33.12 ? 133 VAL A N   1 
ATOM   924  C  CA  . VAL A 1 133 ? -9.126  -4.022  -12.821 1.00 41.91 ? 133 VAL A CA  1 
ATOM   925  C  C   . VAL A 1 133 ? -9.543  -2.603  -12.420 1.00 46.69 ? 133 VAL A C   1 
ATOM   926  O  O   . VAL A 1 133 ? -9.736  -2.357  -11.223 1.00 48.40 ? 133 VAL A O   1 
ATOM   927  C  CB  . VAL A 1 133 ? -10.292 -4.800  -13.454 1.00 44.14 ? 133 VAL A CB  1 
ATOM   928  C  CG1 . VAL A 1 133 ? -9.885  -6.237  -13.771 1.00 44.65 ? 133 VAL A CG1 1 
ATOM   929  C  CG2 . VAL A 1 133 ? -11.536 -4.766  -12.583 1.00 48.01 ? 133 VAL A CG2 1 
ATOM   930  N  N   . LYS A 1 134 ? -9.675  -1.727  -13.425 1.00 58.33 ? 134 LYS A N   1 
ATOM   931  C  CA  . LYS A 1 134 ? -10.259 -0.355  -13.360 1.00 62.55 ? 134 LYS A CA  1 
ATOM   932  C  C   . LYS A 1 134 ? -9.272  0.557   -12.628 1.00 58.48 ? 134 LYS A C   1 
ATOM   933  O  O   . LYS A 1 134 ? -8.423  1.126   -13.319 1.00 57.18 ? 134 LYS A O   1 
ATOM   934  C  CB  . LYS A 1 134 ? -11.671 -0.392  -12.759 1.00 65.85 ? 134 LYS A CB  1 
ATOM   935  C  CG  . LYS A 1 134 ? -11.978 0.660   -11.699 1.00 71.22 ? 134 LYS A CG  1 
ATOM   936  C  CD  . LYS A 1 134 ? -11.407 0.325   -10.329 1.00 75.58 ? 134 LYS A CD  1 
ATOM   937  C  CE  . LYS A 1 134 ? -12.060 1.110   -9.211  1.00 78.47 ? 134 LYS A CE  1 
ATOM   938  N  NZ  . LYS A 1 134 ? -12.170 2.548   -9.559  1.00 79.81 ? 134 LYS A NZ  1 
HETATM 939  O  O3  . KM3 B 2 .   ? -4.024  6.359   -3.233  1.00 13.15 ? 201 KM3 A O3  1 
HETATM 940  C  C9  . KM3 B 2 .   ? -4.160  7.146   -2.250  1.00 12.79 ? 201 KM3 A C9  1 
HETATM 941  N  N1  . KM3 B 2 .   ? -4.537  6.698   -1.025  1.00 12.95 ? 201 KM3 A N1  1 
HETATM 942  N  N2  . KM3 B 2 .   ? -3.900  8.467   -2.237  1.00 11.95 ? 201 KM3 A N2  1 
HETATM 943  C  C10 . KM3 B 2 .   ? -4.207  9.045   -0.889  1.00 12.51 ? 201 KM3 A C10 1 
HETATM 944  C  C8  . KM3 B 2 .   ? -4.677  7.769   -0.033  1.00 12.02 ? 201 KM3 A C8  1 
HETATM 945  C  C7  . KM3 B 2 .   ? -3.641  7.527   1.076   1.00 13.84 ? 201 KM3 A C7  1 
HETATM 946  S  S1  . KM3 B 2 .   ? -2.051  8.100   0.511   1.00 15.09 ? 201 KM3 A S1  1 
HETATM 947  C  C6  . KM3 B 2 .   ? -2.912  9.522   -0.159  1.00 13.88 ? 201 KM3 A C6  1 
HETATM 948  C  C5  . KM3 B 2 .   ? -1.977  10.397  -0.994  1.00 14.15 ? 201 KM3 A C5  1 
HETATM 949  C  C4  . KM3 B 2 .   ? -0.940  11.224  -0.241  1.00 15.19 ? 201 KM3 A C4  1 
HETATM 950  C  C3  . KM3 B 2 .   ? -0.210  12.181  -1.208  1.00 16.87 ? 201 KM3 A C3  1 
HETATM 951  C  C2  . KM3 B 2 .   ? 0.902   12.928  -0.498  1.00 16.17 ? 201 KM3 A C2  1 
HETATM 952  C  C01 . KM3 B 2 .   ? 0.268   13.992  0.359   1.00 16.77 ? 201 KM3 A C01 1 
HETATM 953  C  C25 . KM3 B 2 .   ? -0.610  15.566  3.225   1.00 30.98 ? 201 KM3 A C25 1 
HETATM 954  N  N6  . KM3 B 2 .   ? 0.874   14.349  1.569   1.00 18.03 ? 201 KM3 A N6  1 
HETATM 955  C  C26 . KM3 B 2 .   ? -0.675  16.860  4.059   1.00 37.18 ? 201 KM3 A C26 1 
HETATM 956  O  O1  . KM3 B 2 .   ? -0.632  14.717  -0.093  1.00 16.92 ? 201 KM3 A O1  1 
HETATM 957  C  C23 . KM3 B 2 .   ? -1.863  17.708  3.611   1.00 42.20 ? 201 KM3 A C23 1 
HETATM 958  C  C24 . KM3 B 2 .   ? 0.583   15.609  2.262   1.00 23.67 ? 201 KM3 A C24 1 
HETATM 959  N  N3  . KM3 B 2 .   ? -2.248  18.975  4.346   1.00 48.83 ? 201 KM3 A N3  1 
HETATM 960  C  C11 . KM3 B 2 .   ? -1.077  19.689  4.927   1.00 44.00 ? 201 KM3 A C11 1 
HETATM 961  C  C17 . KM3 B 2 .   ? -2.701  19.868  3.254   1.00 44.74 ? 201 KM3 A C17 1 
HETATM 962  FE FE1 . KM3 B 2 .   ? -3.725  18.593  5.755   1.00 45.99 ? 201 KM3 A FE1 1 
HETATM 963  N  N4  . KM3 B 2 .   ? -2.078  18.560  6.784   1.00 51.24 ? 201 KM3 A N4  1 
HETATM 964  C  C16 . KM3 B 2 .   ? -1.984  18.022  7.961   1.00 54.22 ? 201 KM3 A C16 1 
HETATM 965  C  C15 . KM3 B 2 .   ? -0.845  18.048  8.587   1.00 54.51 ? 201 KM3 A C15 1 
HETATM 966  C  C14 . KM3 B 2 .   ? 0.168   18.563  8.125   1.00 53.92 ? 201 KM3 A C14 1 
HETATM 967  C  C13 . KM3 B 2 .   ? 0.191   19.074  7.024   1.00 52.77 ? 201 KM3 A C13 1 
HETATM 968  C  C12 . KM3 B 2 .   ? -0.890  19.109  6.314   1.00 51.60 ? 201 KM3 A C12 1 
HETATM 969  N  N5  . KM3 B 2 .   ? -4.728  18.817  4.026   1.00 56.75 ? 201 KM3 A N5  1 
HETATM 970  C  C18 . KM3 B 2 .   ? -4.114  19.455  2.883   1.00 52.69 ? 201 KM3 A C18 1 
HETATM 971  C  C22 . KM3 B 2 .   ? -6.017  18.390  3.880   1.00 56.52 ? 201 KM3 A C22 1 
HETATM 972  C  C21 . KM3 B 2 .   ? -6.721  18.534  2.664   1.00 57.57 ? 201 KM3 A C21 1 
HETATM 973  C  C20 . KM3 B 2 .   ? -6.123  19.139  1.547   1.00 57.50 ? 201 KM3 A C20 1 
HETATM 974  C  C19 . KM3 B 2 .   ? -4.805  19.604  1.664   1.00 57.14 ? 201 KM3 A C19 1 
HETATM 975  C  C   . CYN C 3 .   ? -5.347  21.262  6.249   0.50 18.06 ? 202 CYN A C   1 
HETATM 976  N  N   . CYN C 3 .   ? -4.046  21.018  6.128   0.50 15.91 ? 202 CYN A N   1 
HETATM 977  C  C   . ACT D 4 .   ? 12.275  19.119  -5.595  0.50 53.96 ? 203 ACT A C   1 
HETATM 978  O  O   . ACT D 4 .   ? 11.904  19.981  -6.423  0.50 49.28 ? 203 ACT A O   1 
HETATM 979  O  OXT . ACT D 4 .   ? 11.504  18.319  -5.021  0.50 49.25 ? 203 ACT A OXT 1 
HETATM 980  C  CH3 . ACT D 4 .   ? 13.764  19.040  -5.262  0.50 54.32 ? 203 ACT A CH3 1 
HETATM 981  O  O   . HOH E 5 .   ? -5.065  18.542  7.291   0.50 46.15 ? 301 HOH A O   1 
HETATM 982  O  O   . HOH E 5 .   ? 12.128  16.097  -3.960  1.00 38.10 ? 302 HOH A O   1 
HETATM 983  O  O   . HOH E 5 .   ? 1.618   2.723   -14.169 1.00 33.55 ? 303 HOH A O   1 
HETATM 984  O  O   . HOH E 5 .   ? 1.124   11.048  -11.538 1.00 30.04 ? 304 HOH A O   1 
HETATM 985  O  O   . HOH E 5 .   ? -3.992  -5.607  -12.681 1.00 25.62 ? 305 HOH A O   1 
HETATM 986  O  O   . HOH E 5 .   ? -12.281 1.026   1.397   1.00 25.98 ? 306 HOH A O   1 
HETATM 987  O  O   . HOH E 5 .   ? -9.477  -7.862  -8.740  1.00 21.48 ? 307 HOH A O   1 
HETATM 988  O  O   . HOH E 5 .   ? -2.203  0.643   -15.606 1.00 35.91 ? 308 HOH A O   1 
HETATM 989  O  O   . HOH E 5 .   ? 8.975   19.210  -9.761  1.00 20.80 ? 309 HOH A O   1 
HETATM 990  O  O   . HOH E 5 .   ? 11.606  -4.066  -0.404  1.00 37.64 ? 310 HOH A O   1 
HETATM 991  O  O   . HOH E 5 .   ? -8.967  10.678  5.880   1.00 15.39 ? 311 HOH A O   1 
HETATM 992  O  O   . HOH E 5 .   ? 6.251   -13.456 5.701   1.00 18.75 ? 312 HOH A O   1 
HETATM 993  O  O   . HOH E 5 .   ? -6.274  -4.292  -15.113 1.00 36.02 ? 313 HOH A O   1 
HETATM 994  O  O   . HOH E 5 .   ? 5.163   14.255  -3.256  1.00 18.02 ? 314 HOH A O   1 
HETATM 995  O  O   . HOH E 5 .   ? -0.655  14.666  7.580   1.00 26.06 ? 315 HOH A O   1 
HETATM 996  O  O   . HOH E 5 .   ? 9.025   6.135   -0.669  1.00 13.71 ? 316 HOH A O   1 
HETATM 997  O  O   . HOH E 5 .   ? 2.753   17.201  4.670   1.00 29.04 ? 317 HOH A O   1 
HETATM 998  O  O   . HOH E 5 .   ? 6.894   -0.763  4.910   0.50 12.72 ? 318 HOH A O   1 
HETATM 999  O  O   . HOH E 5 .   ? 1.402   -12.329 -10.671 1.00 48.16 ? 319 HOH A O   1 
HETATM 1000 O  O   . HOH E 5 .   ? 1.731   10.123  -7.522  1.00 16.57 ? 320 HOH A O   1 
HETATM 1001 O  O   . HOH E 5 .   ? -11.103 -7.794  3.857   1.00 39.50 ? 321 HOH A O   1 
HETATM 1002 O  O   . HOH E 5 .   ? 10.292  7.696   -4.257  1.00 19.04 ? 322 HOH A O   1 
HETATM 1003 O  O   . HOH E 5 .   ? 10.797  0.236   -6.250  1.00 29.86 ? 323 HOH A O   1 
HETATM 1004 O  O   . HOH E 5 .   ? 9.817   -7.872  -3.451  1.00 23.93 ? 324 HOH A O   1 
HETATM 1005 O  O   . HOH E 5 .   ? 12.485  -11.103 -2.112  1.00 44.48 ? 325 HOH A O   1 
HETATM 1006 O  O   . HOH E 5 .   ? 8.198   12.938  2.203   1.00 16.51 ? 326 HOH A O   1 
HETATM 1007 O  O   . HOH E 5 .   ? 9.123   9.054   -10.151 1.00 28.97 ? 327 HOH A O   1 
HETATM 1008 O  O   . HOH E 5 .   ? -2.070  -13.673 6.985   1.00 15.85 ? 328 HOH A O   1 
HETATM 1009 O  O   . HOH E 5 .   ? 1.100   -15.608 0.924   1.00 22.59 ? 329 HOH A O   1 
HETATM 1010 O  O   . HOH E 5 .   ? -5.308  -15.855 1.946   1.00 33.78 ? 330 HOH A O   1 
HETATM 1011 O  O   . HOH E 5 .   ? 11.831  -7.175  3.218   1.00 23.51 ? 331 HOH A O   1 
HETATM 1012 O  O   . HOH E 5 .   ? -15.620 5.937   5.363   1.00 36.55 ? 332 HOH A O   1 
HETATM 1013 O  O   . HOH E 5 .   ? 11.086  8.405   -0.825  1.00 18.29 ? 333 HOH A O   1 
HETATM 1014 O  O   . HOH E 5 .   ? -8.790  6.938   0.778   1.00 27.49 ? 334 HOH A O   1 
HETATM 1015 O  O   . HOH E 5 .   ? 2.174   3.790   -11.825 1.00 22.87 ? 335 HOH A O   1 
HETATM 1016 O  O   . HOH E 5 .   ? -2.205  23.546  15.975  1.00 36.16 ? 336 HOH A O   1 
HETATM 1017 O  O   . HOH E 5 .   ? -10.991 -0.197  -6.134  1.00 39.82 ? 337 HOH A O   1 
HETATM 1018 O  O   . HOH E 5 .   ? -7.125  -15.176 0.162   1.00 36.29 ? 338 HOH A O   1 
HETATM 1019 O  O   . HOH E 5 .   ? 11.276  -14.237 -4.470  1.00 38.47 ? 339 HOH A O   1 
HETATM 1020 O  O   . HOH E 5 .   ? 0.979   -21.450 7.902   1.00 41.01 ? 340 HOH A O   1 
HETATM 1021 O  O   . HOH E 5 .   ? 0.648   18.880  19.409  1.00 22.85 ? 341 HOH A O   1 
HETATM 1022 O  O   . HOH E 5 .   ? -6.090  15.901  -4.608  1.00 30.14 ? 342 HOH A O   1 
HETATM 1023 O  O   . HOH E 5 .   ? 7.242   18.543  -11.323 1.00 41.19 ? 343 HOH A O   1 
HETATM 1024 O  O   . HOH E 5 .   ? -6.968  -2.842  7.455   1.00 22.63 ? 344 HOH A O   1 
HETATM 1025 O  O   . HOH E 5 .   ? 6.493   -12.902 -7.397  1.00 40.85 ? 345 HOH A O   1 
HETATM 1026 O  O   . HOH E 5 .   ? 4.751   8.936   -14.324 1.00 38.96 ? 346 HOH A O   1 
HETATM 1027 O  O   . HOH E 5 .   ? 3.751   21.872  11.562  1.00 25.55 ? 347 HOH A O   1 
HETATM 1028 O  O   . HOH E 5 .   ? -3.848  -15.971 7.293   1.00 21.58 ? 348 HOH A O   1 
HETATM 1029 O  O   . HOH E 5 .   ? 3.057   2.908   -9.579  1.00 30.08 ? 349 HOH A O   1 
HETATM 1030 O  O   . HOH E 5 .   ? -9.897  -6.440  6.294   1.00 23.86 ? 350 HOH A O   1 
HETATM 1031 O  O   . HOH E 5 .   ? 11.467  10.018  -8.988  1.00 29.84 ? 351 HOH A O   1 
HETATM 1032 O  O   . HOH E 5 .   ? 8.642   22.158  16.940  1.00 32.97 ? 352 HOH A O   1 
HETATM 1033 O  O   . HOH E 5 .   ? -2.057  3.111   -14.256 1.00 38.45 ? 353 HOH A O   1 
HETATM 1034 O  O   . HOH E 5 .   ? 7.470   -4.142  -8.734  1.00 35.29 ? 354 HOH A O   1 
HETATM 1035 O  O   . HOH E 5 .   ? -2.580  16.960  0.289   1.00 35.10 ? 355 HOH A O   1 
HETATM 1036 O  O   . HOH E 5 .   ? -10.329 6.969   3.078   1.00 19.84 ? 356 HOH A O   1 
HETATM 1037 O  O   . HOH E 5 .   ? -6.675  -18.002 11.046  1.00 34.28 ? 357 HOH A O   1 
HETATM 1038 O  O   . HOH E 5 .   ? -9.161  -10.763 -9.903  1.00 33.16 ? 358 HOH A O   1 
HETATM 1039 O  O   . HOH E 5 .   ? -8.642  -4.327  5.962   1.00 32.23 ? 359 HOH A O   1 
HETATM 1040 O  O   . HOH E 5 .   ? 13.116  17.705  -0.821  1.00 36.50 ? 360 HOH A O   1 
HETATM 1041 O  O   . HOH E 5 .   ? -12.166 5.967   1.380   1.00 34.50 ? 361 HOH A O   1 
HETATM 1042 O  O   . HOH E 5 .   ? -13.976 -5.357  -0.372  1.00 39.96 ? 362 HOH A O   1 
HETATM 1043 O  O   . HOH E 5 .   ? 0.362   21.319  21.174  1.00 35.76 ? 363 HOH A O   1 
HETATM 1044 O  O   . HOH E 5 .   ? 0.909   13.973  18.762  1.00 43.61 ? 364 HOH A O   1 
HETATM 1045 O  O   . HOH E 5 .   ? 10.730  -12.348 -6.049  1.00 41.73 ? 365 HOH A O   1 
HETATM 1046 O  O   . HOH E 5 .   ? 10.412  -1.509  -8.269  1.00 40.32 ? 366 HOH A O   1 
HETATM 1047 O  O   . HOH E 5 .   ? 13.601  -2.716  -1.336  1.00 35.86 ? 367 HOH A O   1 
HETATM 1048 O  O   . HOH E 5 .   ? 12.930  -0.602  -2.199  1.00 44.25 ? 368 HOH A O   1 
HETATM 1049 O  O   . HOH E 5 .   ? 12.884  -0.100  -4.853  1.00 39.17 ? 369 HOH A O   1 
HETATM 1050 O  O   . HOH E 5 .   ? 14.294  -2.523  -6.027  1.00 45.00 ? 370 HOH A O   1 
# 
loop_
_pdbx_poly_seq_scheme.asym_id 
_pdbx_poly_seq_scheme.entity_id 
_pdbx_poly_seq_scheme.seq_id 
_pdbx_poly_seq_scheme.mon_id 
_pdbx_poly_seq_scheme.ndb_seq_num 
_pdbx_poly_seq_scheme.pdb_seq_num 
_pdbx_poly_seq_scheme.auth_seq_num 
_pdbx_poly_seq_scheme.pdb_mon_id 
_pdbx_poly_seq_scheme.auth_mon_id 
_pdbx_poly_seq_scheme.pdb_strand_id 
_pdbx_poly_seq_scheme.pdb_ins_code 
_pdbx_poly_seq_scheme.hetero 
A 1 1   MET 1   1   ?   ?   ?   A . n 
A 1 2   ALA 2   2   ?   ?   ?   A . n 
A 1 3   SER 3   3   ?   ?   ?   A . n 
A 1 4   MET 4   4   ?   ?   ?   A . n 
A 1 5   THR 5   5   ?   ?   ?   A . n 
A 1 6   GLY 6   6   ?   ?   ?   A . n 
A 1 7   GLY 7   7   ?   ?   ?   A . n 
A 1 8   GLN 8   8   ?   ?   ?   A . n 
A 1 9   GLN 9   9   ?   ?   ?   A . n 
A 1 10  MET 10  10  ?   ?   ?   A . n 
A 1 11  GLY 11  11  11  GLY GLY A . n 
A 1 12  ARG 12  12  12  ARG ARG A . n 
A 1 13  ASP 13  13  13  ASP ASP A . n 
A 1 14  GLU 14  14  14  GLU GLU A . n 
A 1 15  ALA 15  15  15  ALA ALA A . n 
A 1 16  GLY 16  16  16  GLY GLY A . n 
A 1 17  ILE 17  17  17  ILE ILE A . n 
A 1 18  THR 18  18  18  THR THR A . n 
A 1 19  GLY 19  19  19  GLY GLY A . n 
A 1 20  THR 20  20  20  THR THR A . n 
A 1 21  TRP 21  21  21  TRP TRP A . n 
A 1 22  TYR 22  22  22  TYR TYR A . n 
A 1 23  ASN 23  23  23  ASN ASN A . n 
A 1 24  GLN 24  24  24  GLN GLN A . n 
A 1 25  LEU 25  25  25  LEU LEU A . n 
A 1 26  GLY 26  26  26  GLY GLY A . n 
A 1 27  SER 27  27  27  SER SER A . n 
A 1 28  THR 28  28  28  THR THR A . n 
A 1 29  PHE 29  29  29  PHE PHE A . n 
A 1 30  ILE 30  30  30  ILE ILE A . n 
A 1 31  VAL 31  31  31  VAL VAL A . n 
A 1 32  THR 32  32  32  THR THR A . n 
A 1 33  ALA 33  33  33  ALA ALA A . n 
A 1 34  GLY 34  34  34  GLY GLY A . n 
A 1 35  ALA 35  35  35  ALA ALA A . n 
A 1 36  ASP 36  36  36  ASP ASP A . n 
A 1 37  GLY 37  37  37  GLY GLY A . n 
A 1 38  ALA 38  38  38  ALA ALA A . n 
A 1 39  LEU 39  39  39  LEU LEU A . n 
A 1 40  THR 40  40  40  THR THR A . n 
A 1 41  GLY 41  41  41  GLY GLY A . n 
A 1 42  THR 42  42  42  THR THR A . n 
A 1 43  TYR 43  43  43  TYR TYR A . n 
A 1 44  GLU 44  44  44  GLU GLU A . n 
A 1 45  SER 45  45  45  SER SER A . n 
A 1 46  ALA 46  46  46  ALA ALA A . n 
A 1 47  VAL 47  47  47  VAL VAL A . n 
A 1 48  GLY 48  48  48  GLY GLY A . n 
A 1 49  ASN 49  49  49  ASN ASN A . n 
A 1 50  ALA 50  50  50  ALA ALA A . n 
A 1 51  GLU 51  51  51  GLU GLU A . n 
A 1 52  SER 52  52  52  SER SER A . n 
A 1 53  ARG 53  53  53  ARG ARG A . n 
A 1 54  TYR 54  54  54  TYR TYR A . n 
A 1 55  VAL 55  55  55  VAL VAL A . n 
A 1 56  LEU 56  56  56  LEU LEU A . n 
A 1 57  THR 57  57  57  THR THR A . n 
A 1 58  GLY 58  58  58  GLY GLY A . n 
A 1 59  ARG 59  59  59  ARG ARG A . n 
A 1 60  TYR 60  60  60  TYR TYR A . n 
A 1 61  ASP 61  61  61  ASP ASP A . n 
A 1 62  SER 62  62  62  SER SER A . n 
A 1 63  ALA 63  63  63  ALA ALA A . n 
A 1 64  PRO 64  64  64  PRO PRO A . n 
A 1 65  ALA 65  65  65  ALA ALA A . n 
A 1 66  THR 66  66  66  THR THR A . n 
A 1 67  ASP 67  67  67  ASP ASP A . n 
A 1 68  GLY 68  68  68  GLY GLY A . n 
A 1 69  SER 69  69  69  SER SER A . n 
A 1 70  GLY 70  70  70  GLY GLY A . n 
A 1 71  THR 71  71  71  THR THR A . n 
A 1 72  ALA 72  72  72  ALA ALA A . n 
A 1 73  LEU 73  73  73  LEU LEU A . n 
A 1 74  GLY 74  74  74  GLY GLY A . n 
A 1 75  TRP 75  75  75  TRP TRP A . n 
A 1 76  THR 76  76  76  THR THR A . n 
A 1 77  VAL 77  77  77  VAL VAL A . n 
A 1 78  ALA 78  78  78  ALA ALA A . n 
A 1 79  TRP 79  79  79  TRP TRP A . n 
A 1 80  LYS 80  80  80  LYS LYS A . n 
A 1 81  ASN 81  81  81  ASN ASN A . n 
A 1 82  ASN 82  82  82  ASN ASN A . n 
A 1 83  TYR 83  83  83  TYR TYR A . n 
A 1 84  ARG 84  84  84  ARG ARG A . n 
A 1 85  ASN 85  85  85  ASN ASN A . n 
A 1 86  ALA 86  86  86  ALA ALA A . n 
A 1 87  HIS 87  87  87  HIS HIS A . n 
A 1 88  SER 88  88  88  SER SER A . n 
A 1 89  ALA 89  89  89  ALA ALA A . n 
A 1 90  THR 90  90  90  THR THR A . n 
A 1 91  THR 91  91  91  THR THR A . n 
A 1 92  TRP 92  92  92  TRP TRP A . n 
A 1 93  SER 93  93  93  SER SER A . n 
A 1 94  GLY 94  94  94  GLY GLY A . n 
A 1 95  GLN 95  95  95  GLN GLN A . n 
A 1 96  TYR 96  96  96  TYR TYR A . n 
A 1 97  VAL 97  97  97  VAL VAL A . n 
A 1 98  GLY 98  98  98  GLY GLY A . n 
A 1 99  GLY 99  99  99  GLY GLY A . n 
A 1 100 ALA 100 100 100 ALA ALA A . n 
A 1 101 GLU 101 101 101 GLU GLU A . n 
A 1 102 ALA 102 102 102 ALA ALA A . n 
A 1 103 ARG 103 103 103 ARG ARG A . n 
A 1 104 ILE 104 104 104 ILE ILE A . n 
A 1 105 ASN 105 105 105 ASN ASN A . n 
A 1 106 THR 106 106 106 THR THR A . n 
A 1 107 GLN 107 107 107 GLN GLN A . n 
A 1 108 TRP 108 108 108 TRP TRP A . n 
A 1 109 LEU 109 109 109 LEU LEU A . n 
A 1 110 LEU 110 110 110 LEU LEU A . n 
A 1 111 THR 111 111 111 THR THR A . n 
A 1 112 SER 112 112 112 SER SER A . n 
A 1 113 GLY 113 113 113 GLY GLY A . n 
A 1 114 THR 114 114 114 THR THR A . n 
A 1 115 THR 115 115 115 THR THR A . n 
A 1 116 GLU 116 116 116 GLU GLU A . n 
A 1 117 ALA 117 117 117 ALA ALA A . n 
A 1 118 ASN 118 118 118 ASN ASN A . n 
A 1 119 ALA 119 119 119 ALA ALA A . n 
A 1 120 TRP 120 120 120 TRP TRP A . n 
A 1 121 ALA 121 121 121 ALA ALA A . n 
A 1 122 SER 122 122 122 SER SER A . n 
A 1 123 THR 123 123 123 THR THR A . n 
A 1 124 TYR 124 124 124 TYR TYR A . n 
A 1 125 VAL 125 125 125 VAL VAL A . n 
A 1 126 GLY 126 126 126 GLY GLY A . n 
A 1 127 HIS 127 127 127 HIS HIS A . n 
A 1 128 ASP 128 128 128 ASP ASP A . n 
A 1 129 THR 129 129 129 THR THR A . n 
A 1 130 PHE 130 130 130 PHE PHE A . n 
A 1 131 THR 131 131 131 THR THR A . n 
A 1 132 LYS 132 132 132 LYS LYS A . n 
A 1 133 VAL 133 133 133 VAL VAL A . n 
A 1 134 LYS 134 134 134 LYS LYS A . n 
A 1 135 PRO 135 135 ?   ?   ?   A . n 
A 1 136 SER 136 136 ?   ?   ?   A . n 
A 1 137 ALA 137 137 ?   ?   ?   A . n 
A 1 138 ALA 138 138 ?   ?   ?   A . n 
A 1 139 SER 139 139 ?   ?   ?   A . n 
A 1 140 ILE 140 140 ?   ?   ?   A . n 
A 1 141 ASP 141 141 ?   ?   ?   A . n 
A 1 142 ALA 142 142 ?   ?   ?   A . n 
A 1 143 ALA 143 143 ?   ?   ?   A . n 
A 1 144 LYS 144 144 ?   ?   ?   A . n 
A 1 145 LYS 145 145 ?   ?   ?   A . n 
A 1 146 ALA 146 146 ?   ?   ?   A . n 
A 1 147 GLY 147 147 ?   ?   ?   A . n 
A 1 148 VAL 148 148 ?   ?   ?   A . n 
A 1 149 ASN 149 149 ?   ?   ?   A . n 
A 1 150 ASN 150 150 ?   ?   ?   A . n 
A 1 151 GLY 151 151 ?   ?   ?   A . n 
A 1 152 ASN 152 152 ?   ?   ?   A . n 
A 1 153 PRO 153 153 ?   ?   ?   A . n 
A 1 154 LEU 154 154 ?   ?   ?   A . n 
A 1 155 ASP 155 155 ?   ?   ?   A . n 
A 1 156 ALA 156 156 ?   ?   ?   A . n 
A 1 157 VAL 157 157 ?   ?   ?   A . n 
A 1 158 GLN 158 158 ?   ?   ?   A . n 
A 1 159 GLN 159 159 ?   ?   ?   A . n 
# 
loop_
_pdbx_nonpoly_scheme.asym_id 
_pdbx_nonpoly_scheme.entity_id 
_pdbx_nonpoly_scheme.mon_id 
_pdbx_nonpoly_scheme.ndb_seq_num 
_pdbx_nonpoly_scheme.pdb_seq_num 
_pdbx_nonpoly_scheme.auth_seq_num 
_pdbx_nonpoly_scheme.pdb_mon_id 
_pdbx_nonpoly_scheme.auth_mon_id 
_pdbx_nonpoly_scheme.pdb_strand_id 
_pdbx_nonpoly_scheme.pdb_ins_code 
B 2 KM3 1  201 1   KM3 KM3 A . 
C 3 CYN 1  202 1   CYN CYN A . 
D 4 ACT 1  203 1   ACT ACT A . 
E 5 HOH 1  301 1   HOH HOH A . 
E 5 HOH 2  302 128 HOH HOH A . 
E 5 HOH 3  303 73  HOH HOH A . 
E 5 HOH 4  304 33  HOH HOH A . 
E 5 HOH 5  305 3   HOH HOH A . 
E 5 HOH 6  306 7   HOH HOH A . 
E 5 HOH 7  307 32  HOH HOH A . 
E 5 HOH 8  308 43  HOH HOH A . 
E 5 HOH 9  309 24  HOH HOH A . 
E 5 HOH 10 310 8   HOH HOH A . 
E 5 HOH 11 311 20  HOH HOH A . 
E 5 HOH 12 312 11  HOH HOH A . 
E 5 HOH 13 313 5   HOH HOH A . 
E 5 HOH 14 314 16  HOH HOH A . 
E 5 HOH 15 315 2   HOH HOH A . 
E 5 HOH 16 316 12  HOH HOH A . 
E 5 HOH 17 317 29  HOH HOH A . 
E 5 HOH 18 318 6   HOH HOH A . 
E 5 HOH 19 319 121 HOH HOH A . 
E 5 HOH 20 320 10  HOH HOH A . 
E 5 HOH 21 321 109 HOH HOH A . 
E 5 HOH 22 322 18  HOH HOH A . 
E 5 HOH 23 323 42  HOH HOH A . 
E 5 HOH 24 324 31  HOH HOH A . 
E 5 HOH 25 325 76  HOH HOH A . 
E 5 HOH 26 326 129 HOH HOH A . 
E 5 HOH 27 327 37  HOH HOH A . 
E 5 HOH 28 328 130 HOH HOH A . 
E 5 HOH 29 329 15  HOH HOH A . 
E 5 HOH 30 330 58  HOH HOH A . 
E 5 HOH 31 331 21  HOH HOH A . 
E 5 HOH 32 332 36  HOH HOH A . 
E 5 HOH 33 333 17  HOH HOH A . 
E 5 HOH 34 334 55  HOH HOH A . 
E 5 HOH 35 335 25  HOH HOH A . 
E 5 HOH 36 336 113 HOH HOH A . 
E 5 HOH 37 337 50  HOH HOH A . 
E 5 HOH 38 338 46  HOH HOH A . 
E 5 HOH 39 339 62  HOH HOH A . 
E 5 HOH 40 340 45  HOH HOH A . 
E 5 HOH 41 341 13  HOH HOH A . 
E 5 HOH 42 342 41  HOH HOH A . 
E 5 HOH 43 343 80  HOH HOH A . 
E 5 HOH 44 344 26  HOH HOH A . 
E 5 HOH 45 345 79  HOH HOH A . 
E 5 HOH 46 346 64  HOH HOH A . 
E 5 HOH 47 347 30  HOH HOH A . 
E 5 HOH 48 348 4   HOH HOH A . 
E 5 HOH 49 349 19  HOH HOH A . 
E 5 HOH 50 350 35  HOH HOH A . 
E 5 HOH 51 351 40  HOH HOH A . 
E 5 HOH 52 352 34  HOH HOH A . 
E 5 HOH 53 353 68  HOH HOH A . 
E 5 HOH 54 354 39  HOH HOH A . 
E 5 HOH 55 355 23  HOH HOH A . 
E 5 HOH 56 356 22  HOH HOH A . 
E 5 HOH 57 357 44  HOH HOH A . 
E 5 HOH 58 358 47  HOH HOH A . 
E 5 HOH 59 359 48  HOH HOH A . 
E 5 HOH 60 360 38  HOH HOH A . 
E 5 HOH 61 361 9   HOH HOH A . 
E 5 HOH 62 362 53  HOH HOH A . 
E 5 HOH 63 363 120 HOH HOH A . 
E 5 HOH 64 364 61  HOH HOH A . 
E 5 HOH 65 365 104 HOH HOH A . 
E 5 HOH 66 366 69  HOH HOH A . 
E 5 HOH 67 367 57  HOH HOH A . 
E 5 HOH 68 368 72  HOH HOH A . 
E 5 HOH 69 369 97  HOH HOH A . 
E 5 HOH 70 370 127 HOH HOH A . 
# 
_pdbx_struct_assembly.id                   1 
_pdbx_struct_assembly.details              author_defined_assembly 
_pdbx_struct_assembly.method_details       ? 
_pdbx_struct_assembly.oligomeric_details   tetrameric 
_pdbx_struct_assembly.oligomeric_count     4 
# 
_pdbx_struct_assembly_gen.assembly_id       1 
_pdbx_struct_assembly_gen.oper_expression   1,2,3,4 
_pdbx_struct_assembly_gen.asym_id_list      A,B,C,D,E 
# 
loop_
_pdbx_struct_oper_list.id 
_pdbx_struct_oper_list.type 
_pdbx_struct_oper_list.name 
_pdbx_struct_oper_list.symmetry_operation 
_pdbx_struct_oper_list.matrix[1][1] 
_pdbx_struct_oper_list.matrix[1][2] 
_pdbx_struct_oper_list.matrix[1][3] 
_pdbx_struct_oper_list.vector[1] 
_pdbx_struct_oper_list.matrix[2][1] 
_pdbx_struct_oper_list.matrix[2][2] 
_pdbx_struct_oper_list.matrix[2][3] 
_pdbx_struct_oper_list.vector[2] 
_pdbx_struct_oper_list.matrix[3][1] 
_pdbx_struct_oper_list.matrix[3][2] 
_pdbx_struct_oper_list.matrix[3][3] 
_pdbx_struct_oper_list.vector[3] 
1 'identity operation'         1_555  x,y,z        1.0000000000  0.0000000000  0.0000000000  0.0000000000   0.0000000000  1.0000000000  0.0000000000  0.0000000000  0.0000000000  0.0000000000  1.0000000000  0.0000000000  
2 'crystal symmetry operation' 8_665  -y+1,-x+1,-z -0.3654075808 0.2837424670  0.8865480880  -22.7121317941 0.2837424670  -0.8731315012 0.3963982771  5.8371582444  0.8865480880  0.3963982771  0.2385390820  14.3891765742 
3 'crystal symmetry operation' 10_665 -x+1,-y+1,z  -0.9634234161 0.2465221077  -0.1050817380 -13.7493414899 0.2465221077  0.6615315913  -0.7082392281 12.6882977893 -0.1050817380 -0.7082392281 -0.6981081751 24.9809531463 
4 'crystal symmetry operation' 15_555 y,x,-z       0.3288309969  -0.5302645747 -0.7814663500 8.0590069821   -0.5302645747 -0.7884000901 0.3118409510  0.7597404610  -0.7814663500 0.3118409510  -0.5404309069 13.1882771788 
# 
loop_
_pdbx_struct_special_symmetry.id 
_pdbx_struct_special_symmetry.PDB_model_num 
_pdbx_struct_special_symmetry.auth_asym_id 
_pdbx_struct_special_symmetry.auth_comp_id 
_pdbx_struct_special_symmetry.auth_seq_id 
_pdbx_struct_special_symmetry.PDB_ins_code 
_pdbx_struct_special_symmetry.label_asym_id 
_pdbx_struct_special_symmetry.label_comp_id 
_pdbx_struct_special_symmetry.label_seq_id 
1 1 A ACT 203 ? D ACT . 
2 1 A ACT 203 ? D ACT . 
3 1 A HOH 301 ? E HOH . 
4 1 A HOH 318 ? E HOH . 
# 
loop_
_pdbx_struct_conn_angle.id 
_pdbx_struct_conn_angle.ptnr1_label_atom_id 
_pdbx_struct_conn_angle.ptnr1_label_alt_id 
_pdbx_struct_conn_angle.ptnr1_label_asym_id 
_pdbx_struct_conn_angle.ptnr1_label_comp_id 
_pdbx_struct_conn_angle.ptnr1_label_seq_id 
_pdbx_struct_conn_angle.ptnr1_auth_atom_id 
_pdbx_struct_conn_angle.ptnr1_auth_asym_id 
_pdbx_struct_conn_angle.ptnr1_auth_comp_id 
_pdbx_struct_conn_angle.ptnr1_auth_seq_id 
_pdbx_struct_conn_angle.ptnr1_PDB_ins_code 
_pdbx_struct_conn_angle.ptnr1_symmetry 
_pdbx_struct_conn_angle.ptnr2_label_atom_id 
_pdbx_struct_conn_angle.ptnr2_label_alt_id 
_pdbx_struct_conn_angle.ptnr2_label_asym_id 
_pdbx_struct_conn_angle.ptnr2_label_comp_id 
_pdbx_struct_conn_angle.ptnr2_label_seq_id 
_pdbx_struct_conn_angle.ptnr2_auth_atom_id 
_pdbx_struct_conn_angle.ptnr2_auth_asym_id 
_pdbx_struct_conn_angle.ptnr2_auth_comp_id 
_pdbx_struct_conn_angle.ptnr2_auth_seq_id 
_pdbx_struct_conn_angle.ptnr2_PDB_ins_code 
_pdbx_struct_conn_angle.ptnr2_symmetry 
_pdbx_struct_conn_angle.ptnr3_label_atom_id 
_pdbx_struct_conn_angle.ptnr3_label_alt_id 
_pdbx_struct_conn_angle.ptnr3_label_asym_id 
_pdbx_struct_conn_angle.ptnr3_label_comp_id 
_pdbx_struct_conn_angle.ptnr3_label_seq_id 
_pdbx_struct_conn_angle.ptnr3_auth_atom_id 
_pdbx_struct_conn_angle.ptnr3_auth_asym_id 
_pdbx_struct_conn_angle.ptnr3_auth_comp_id 
_pdbx_struct_conn_angle.ptnr3_auth_seq_id 
_pdbx_struct_conn_angle.ptnr3_PDB_ins_code 
_pdbx_struct_conn_angle.ptnr3_symmetry 
_pdbx_struct_conn_angle.value 
_pdbx_struct_conn_angle.value_esd 
1  OH ? A TYR 124 ? A TYR 124 ? 1_555 FE1 ? B KM3 . ? A KM3 201 ? 1_555 N3 ? B KM3 . ? A KM3 201 ? 1_555  116.0 ? 
2  OH ? A TYR 124 ? A TYR 124 ? 1_555 FE1 ? B KM3 . ? A KM3 201 ? 1_555 N5 ? B KM3 . ? A KM3 201 ? 1_555  85.1  ? 
3  N3 ? B KM3 .   ? A KM3 201 ? 1_555 FE1 ? B KM3 . ? A KM3 201 ? 1_555 N5 ? B KM3 . ? A KM3 201 ? 1_555  75.6  ? 
4  OH ? A TYR 124 ? A TYR 124 ? 1_555 FE1 ? B KM3 . ? A KM3 201 ? 1_555 N4 ? B KM3 . ? A KM3 201 ? 1_555  107.8 ? 
5  N3 ? B KM3 .   ? A KM3 201 ? 1_555 FE1 ? B KM3 . ? A KM3 201 ? 1_555 N4 ? B KM3 . ? A KM3 201 ? 1_555  76.1  ? 
6  N5 ? B KM3 .   ? A KM3 201 ? 1_555 FE1 ? B KM3 . ? A KM3 201 ? 1_555 N4 ? B KM3 . ? A KM3 201 ? 1_555  151.6 ? 
7  OH ? A TYR 124 ? A TYR 124 ? 1_555 FE1 ? B KM3 . ? A KM3 201 ? 1_555 N  ? C CYN . ? A CYN 202 ? 1_555  149.1 ? 
8  N3 ? B KM3 .   ? A KM3 201 ? 1_555 FE1 ? B KM3 . ? A KM3 201 ? 1_555 N  ? C CYN . ? A CYN 202 ? 1_555  90.8  ? 
9  N5 ? B KM3 .   ? A KM3 201 ? 1_555 FE1 ? B KM3 . ? A KM3 201 ? 1_555 N  ? C CYN . ? A CYN 202 ? 1_555  87.5  ? 
10 N4 ? B KM3 .   ? A KM3 201 ? 1_555 FE1 ? B KM3 . ? A KM3 201 ? 1_555 N  ? C CYN . ? A CYN 202 ? 1_555  92.7  ? 
11 OH ? A TYR 124 ? A TYR 124 ? 1_555 FE1 ? B KM3 . ? A KM3 201 ? 1_555 O  ? E HOH . ? A HOH 301 ? 1_555  74.3  ? 
12 N3 ? B KM3 .   ? A KM3 201 ? 1_555 FE1 ? B KM3 . ? A KM3 201 ? 1_555 O  ? E HOH . ? A HOH 301 ? 1_555  169.4 ? 
13 N5 ? B KM3 .   ? A KM3 201 ? 1_555 FE1 ? B KM3 . ? A KM3 201 ? 1_555 O  ? E HOH . ? A HOH 301 ? 1_555  108.8 ? 
14 N4 ? B KM3 .   ? A KM3 201 ? 1_555 FE1 ? B KM3 . ? A KM3 201 ? 1_555 O  ? E HOH . ? A HOH 301 ? 1_555  99.1  ? 
15 N  ? C CYN .   ? A CYN 202 ? 1_555 FE1 ? B KM3 . ? A KM3 201 ? 1_555 O  ? E HOH . ? A HOH 301 ? 1_555  80.0  ? 
16 OH ? A TYR 124 ? A TYR 124 ? 1_555 FE1 ? B KM3 . ? A KM3 201 ? 1_555 O  ? E HOH . ? A HOH 301 ? 10_665 74.3  ? 
17 N3 ? B KM3 .   ? A KM3 201 ? 1_555 FE1 ? B KM3 . ? A KM3 201 ? 1_555 O  ? E HOH . ? A HOH 301 ? 10_665 169.4 ? 
18 N5 ? B KM3 .   ? A KM3 201 ? 1_555 FE1 ? B KM3 . ? A KM3 201 ? 1_555 O  ? E HOH . ? A HOH 301 ? 10_665 108.8 ? 
19 N4 ? B KM3 .   ? A KM3 201 ? 1_555 FE1 ? B KM3 . ? A KM3 201 ? 1_555 O  ? E HOH . ? A HOH 301 ? 10_665 99.1  ? 
20 N  ? C CYN .   ? A CYN 202 ? 1_555 FE1 ? B KM3 . ? A KM3 201 ? 1_555 O  ? E HOH . ? A HOH 301 ? 10_665 80.0  ? 
21 O  ? E HOH .   ? A HOH 301 ? 1_555 FE1 ? B KM3 . ? A KM3 201 ? 1_555 O  ? E HOH . ? A HOH 301 ? 10_665 0.0   ? 
# 
loop_
_pdbx_audit_revision_history.ordinal 
_pdbx_audit_revision_history.data_content_type 
_pdbx_audit_revision_history.major_revision 
_pdbx_audit_revision_history.minor_revision 
_pdbx_audit_revision_history.revision_date 
1 'Structure model' 1 0 2021-02-03 
2 'Structure model' 1 1 2021-02-17 
3 'Structure model' 1 2 2021-02-24 
4 'Structure model' 1 3 2023-10-18 
# 
_pdbx_audit_revision_details.ordinal             1 
_pdbx_audit_revision_details.revision_ordinal    1 
_pdbx_audit_revision_details.data_content_type   'Structure model' 
_pdbx_audit_revision_details.provider            repository 
_pdbx_audit_revision_details.type                'Initial release' 
_pdbx_audit_revision_details.description         ? 
_pdbx_audit_revision_details.details             ? 
# 
loop_
_pdbx_audit_revision_group.ordinal 
_pdbx_audit_revision_group.revision_ordinal 
_pdbx_audit_revision_group.data_content_type 
_pdbx_audit_revision_group.group 
1 2 'Structure model' 'Database references'    
2 3 'Structure model' 'Database references'    
3 4 'Structure model' 'Data collection'        
4 4 'Structure model' 'Database references'    
5 4 'Structure model' 'Refinement description' 
# 
loop_
_pdbx_audit_revision_category.ordinal 
_pdbx_audit_revision_category.revision_ordinal 
_pdbx_audit_revision_category.data_content_type 
_pdbx_audit_revision_category.category 
1 2 'Structure model' citation                      
2 2 'Structure model' citation_author               
3 3 'Structure model' citation                      
4 4 'Structure model' chem_comp_atom                
5 4 'Structure model' chem_comp_bond                
6 4 'Structure model' database_2                    
7 4 'Structure model' pdbx_initial_refinement_model 
# 
loop_
_pdbx_audit_revision_item.ordinal 
_pdbx_audit_revision_item.revision_ordinal 
_pdbx_audit_revision_item.data_content_type 
_pdbx_audit_revision_item.item 
1  2 'Structure model' '_citation.country'                   
2  2 'Structure model' '_citation.journal_abbrev'            
3  2 'Structure model' '_citation.journal_id_ASTM'           
4  2 'Structure model' '_citation.journal_id_CSD'            
5  2 'Structure model' '_citation.journal_id_ISSN'           
6  2 'Structure model' '_citation.pdbx_database_id_DOI'      
7  2 'Structure model' '_citation.pdbx_database_id_PubMed'   
8  2 'Structure model' '_citation.title'                     
9  2 'Structure model' '_citation.year'                      
10 2 'Structure model' '_citation_author.identifier_ORCID'   
11 2 'Structure model' '_citation_author.name'               
12 3 'Structure model' '_citation.journal_volume'            
13 3 'Structure model' '_citation.page_first'                
14 3 'Structure model' '_citation.page_last'                 
15 4 'Structure model' '_database_2.pdbx_DOI'                
16 4 'Structure model' '_database_2.pdbx_database_accession' 
# 
loop_
_software.citation_id 
_software.classification 
_software.compiler_name 
_software.compiler_version 
_software.contact_author 
_software.contact_author_email 
_software.date 
_software.description 
_software.dependencies 
_software.hardware 
_software.language 
_software.location 
_software.mods 
_software.name 
_software.os 
_software.os_version 
_software.type 
_software.version 
_software.pdbx_ordinal 
? 'data scaling'    ? ? ? ? ? ? ? ? ? ? ? Aimless     ? ? ? 0.7.4    1 
? refinement        ? ? ? ? ? ? ? ? ? ? ? REFMAC      ? ? ? 5.8.0258 2 
? 'data extraction' ? ? ? ? ? ? ? ? ? ? ? PDB_EXTRACT ? ? ? 3.25     3 
? 'data reduction'  ? ? ? ? ? ? ? ? ? ? ? iMOSFLM     ? ? ? .        4 
? phasing           ? ? ? ? ? ? ? ? ? ? ? PHASER      ? ? ? .        5 
# 
_pdbx_entry_details.entry_id                 7KBY 
_pdbx_entry_details.has_ligand_of_interest   Y 
_pdbx_entry_details.compound_details         ? 
_pdbx_entry_details.source_details           ? 
_pdbx_entry_details.nonpolymer_details       ? 
_pdbx_entry_details.sequence_details         ? 
# 
loop_
_pdbx_validate_rmsd_angle.id 
_pdbx_validate_rmsd_angle.PDB_model_num 
_pdbx_validate_rmsd_angle.auth_atom_id_1 
_pdbx_validate_rmsd_angle.auth_asym_id_1 
_pdbx_validate_rmsd_angle.auth_comp_id_1 
_pdbx_validate_rmsd_angle.auth_seq_id_1 
_pdbx_validate_rmsd_angle.PDB_ins_code_1 
_pdbx_validate_rmsd_angle.label_alt_id_1 
_pdbx_validate_rmsd_angle.auth_atom_id_2 
_pdbx_validate_rmsd_angle.auth_asym_id_2 
_pdbx_validate_rmsd_angle.auth_comp_id_2 
_pdbx_validate_rmsd_angle.auth_seq_id_2 
_pdbx_validate_rmsd_angle.PDB_ins_code_2 
_pdbx_validate_rmsd_angle.label_alt_id_2 
_pdbx_validate_rmsd_angle.auth_atom_id_3 
_pdbx_validate_rmsd_angle.auth_asym_id_3 
_pdbx_validate_rmsd_angle.auth_comp_id_3 
_pdbx_validate_rmsd_angle.auth_seq_id_3 
_pdbx_validate_rmsd_angle.PDB_ins_code_3 
_pdbx_validate_rmsd_angle.label_alt_id_3 
_pdbx_validate_rmsd_angle.angle_value 
_pdbx_validate_rmsd_angle.angle_target_value 
_pdbx_validate_rmsd_angle.angle_deviation 
_pdbx_validate_rmsd_angle.angle_standard_deviation 
_pdbx_validate_rmsd_angle.linker_flag 
1 1 NE A ARG 12 ? ? CZ A ARG 12 ? ? NH1 A ARG 12 ? ? 123.40 120.30 3.10   0.50 N 
2 1 CG A ARG 53 ? ? CD A ARG 53 ? ? NE  A ARG 53 ? A 89.38  111.80 -22.42 2.10 N 
3 1 CG A ARG 53 ? ? CD A ARG 53 ? ? NE  A ARG 53 ? B 83.90  111.80 -27.90 2.10 N 
# 
loop_
_pdbx_validate_torsion.id 
_pdbx_validate_torsion.PDB_model_num 
_pdbx_validate_torsion.auth_comp_id 
_pdbx_validate_torsion.auth_asym_id 
_pdbx_validate_torsion.auth_seq_id 
_pdbx_validate_torsion.PDB_ins_code 
_pdbx_validate_torsion.label_alt_id 
_pdbx_validate_torsion.phi 
_pdbx_validate_torsion.psi 
1 1 SER A 52  ? ? 68.77   -154.40 
2 1 GLU A 101 ? ? -115.81 70.40   
# 
loop_
_pdbx_unobs_or_zero_occ_residues.id 
_pdbx_unobs_or_zero_occ_residues.PDB_model_num 
_pdbx_unobs_or_zero_occ_residues.polymer_flag 
_pdbx_unobs_or_zero_occ_residues.occupancy_flag 
_pdbx_unobs_or_zero_occ_residues.auth_asym_id 
_pdbx_unobs_or_zero_occ_residues.auth_comp_id 
_pdbx_unobs_or_zero_occ_residues.auth_seq_id 
_pdbx_unobs_or_zero_occ_residues.PDB_ins_code 
_pdbx_unobs_or_zero_occ_residues.label_asym_id 
_pdbx_unobs_or_zero_occ_residues.label_comp_id 
_pdbx_unobs_or_zero_occ_residues.label_seq_id 
1  1 Y 1 A MET 1   ? A MET 1   
2  1 Y 1 A ALA 2   ? A ALA 2   
3  1 Y 1 A SER 3   ? A SER 3   
4  1 Y 1 A MET 4   ? A MET 4   
5  1 Y 1 A THR 5   ? A THR 5   
6  1 Y 1 A GLY 6   ? A GLY 6   
7  1 Y 1 A GLY 7   ? A GLY 7   
8  1 Y 1 A GLN 8   ? A GLN 8   
9  1 Y 1 A GLN 9   ? A GLN 9   
10 1 Y 1 A MET 10  ? A MET 10  
11 1 Y 1 A PRO 135 ? A PRO 135 
12 1 Y 1 A SER 136 ? A SER 136 
13 1 Y 1 A ALA 137 ? A ALA 137 
14 1 Y 1 A ALA 138 ? A ALA 138 
15 1 Y 1 A SER 139 ? A SER 139 
16 1 Y 1 A ILE 140 ? A ILE 140 
17 1 Y 1 A ASP 141 ? A ASP 141 
18 1 Y 1 A ALA 142 ? A ALA 142 
19 1 Y 1 A ALA 143 ? A ALA 143 
20 1 Y 1 A LYS 144 ? A LYS 144 
21 1 Y 1 A LYS 145 ? A LYS 145 
22 1 Y 1 A ALA 146 ? A ALA 146 
23 1 Y 1 A GLY 147 ? A GLY 147 
24 1 Y 1 A VAL 148 ? A VAL 148 
25 1 Y 1 A ASN 149 ? A ASN 149 
26 1 Y 1 A ASN 150 ? A ASN 150 
27 1 Y 1 A GLY 151 ? A GLY 151 
28 1 Y 1 A ASN 152 ? A ASN 152 
29 1 Y 1 A PRO 153 ? A PRO 153 
30 1 Y 1 A LEU 154 ? A LEU 154 
31 1 Y 1 A ASP 155 ? A ASP 155 
32 1 Y 1 A ALA 156 ? A ALA 156 
33 1 Y 1 A VAL 157 ? A VAL 157 
34 1 Y 1 A GLN 158 ? A GLN 158 
35 1 Y 1 A GLN 159 ? A GLN 159 
# 
loop_
_chem_comp_atom.comp_id 
_chem_comp_atom.atom_id 
_chem_comp_atom.type_symbol 
_chem_comp_atom.pdbx_aromatic_flag 
_chem_comp_atom.pdbx_stereo_config 
_chem_comp_atom.pdbx_ordinal 
ACT C    C  N N 1   
ACT O    O  N N 2   
ACT OXT  O  N N 3   
ACT CH3  C  N N 4   
ACT H1   H  N N 5   
ACT H2   H  N N 6   
ACT H3   H  N N 7   
ALA N    N  N N 8   
ALA CA   C  N S 9   
ALA C    C  N N 10  
ALA O    O  N N 11  
ALA CB   C  N N 12  
ALA OXT  O  N N 13  
ALA H    H  N N 14  
ALA H2   H  N N 15  
ALA HA   H  N N 16  
ALA HB1  H  N N 17  
ALA HB2  H  N N 18  
ALA HB3  H  N N 19  
ALA HXT  H  N N 20  
ARG N    N  N N 21  
ARG CA   C  N S 22  
ARG C    C  N N 23  
ARG O    O  N N 24  
ARG CB   C  N N 25  
ARG CG   C  N N 26  
ARG CD   C  N N 27  
ARG NE   N  N N 28  
ARG CZ   C  N N 29  
ARG NH1  N  N N 30  
ARG NH2  N  N N 31  
ARG OXT  O  N N 32  
ARG H    H  N N 33  
ARG H2   H  N N 34  
ARG HA   H  N N 35  
ARG HB2  H  N N 36  
ARG HB3  H  N N 37  
ARG HG2  H  N N 38  
ARG HG3  H  N N 39  
ARG HD2  H  N N 40  
ARG HD3  H  N N 41  
ARG HE   H  N N 42  
ARG HH11 H  N N 43  
ARG HH12 H  N N 44  
ARG HH21 H  N N 45  
ARG HH22 H  N N 46  
ARG HXT  H  N N 47  
ASN N    N  N N 48  
ASN CA   C  N S 49  
ASN C    C  N N 50  
ASN O    O  N N 51  
ASN CB   C  N N 52  
ASN CG   C  N N 53  
ASN OD1  O  N N 54  
ASN ND2  N  N N 55  
ASN OXT  O  N N 56  
ASN H    H  N N 57  
ASN H2   H  N N 58  
ASN HA   H  N N 59  
ASN HB2  H  N N 60  
ASN HB3  H  N N 61  
ASN HD21 H  N N 62  
ASN HD22 H  N N 63  
ASN HXT  H  N N 64  
ASP N    N  N N 65  
ASP CA   C  N S 66  
ASP C    C  N N 67  
ASP O    O  N N 68  
ASP CB   C  N N 69  
ASP CG   C  N N 70  
ASP OD1  O  N N 71  
ASP OD2  O  N N 72  
ASP OXT  O  N N 73  
ASP H    H  N N 74  
ASP H2   H  N N 75  
ASP HA   H  N N 76  
ASP HB2  H  N N 77  
ASP HB3  H  N N 78  
ASP HD2  H  N N 79  
ASP HXT  H  N N 80  
CYN C    C  N N 81  
CYN N    N  N N 82  
GLN N    N  N N 83  
GLN CA   C  N S 84  
GLN C    C  N N 85  
GLN O    O  N N 86  
GLN CB   C  N N 87  
GLN CG   C  N N 88  
GLN CD   C  N N 89  
GLN OE1  O  N N 90  
GLN NE2  N  N N 91  
GLN OXT  O  N N 92  
GLN H    H  N N 93  
GLN H2   H  N N 94  
GLN HA   H  N N 95  
GLN HB2  H  N N 96  
GLN HB3  H  N N 97  
GLN HG2  H  N N 98  
GLN HG3  H  N N 99  
GLN HE21 H  N N 100 
GLN HE22 H  N N 101 
GLN HXT  H  N N 102 
GLU N    N  N N 103 
GLU CA   C  N S 104 
GLU C    C  N N 105 
GLU O    O  N N 106 
GLU CB   C  N N 107 
GLU CG   C  N N 108 
GLU CD   C  N N 109 
GLU OE1  O  N N 110 
GLU OE2  O  N N 111 
GLU OXT  O  N N 112 
GLU H    H  N N 113 
GLU H2   H  N N 114 
GLU HA   H  N N 115 
GLU HB2  H  N N 116 
GLU HB3  H  N N 117 
GLU HG2  H  N N 118 
GLU HG3  H  N N 119 
GLU HE2  H  N N 120 
GLU HXT  H  N N 121 
GLY N    N  N N 122 
GLY CA   C  N N 123 
GLY C    C  N N 124 
GLY O    O  N N 125 
GLY OXT  O  N N 126 
GLY H    H  N N 127 
GLY H2   H  N N 128 
GLY HA2  H  N N 129 
GLY HA3  H  N N 130 
GLY HXT  H  N N 131 
HIS N    N  N N 132 
HIS CA   C  N S 133 
HIS C    C  N N 134 
HIS O    O  N N 135 
HIS CB   C  N N 136 
HIS CG   C  Y N 137 
HIS ND1  N  Y N 138 
HIS CD2  C  Y N 139 
HIS CE1  C  Y N 140 
HIS NE2  N  Y N 141 
HIS OXT  O  N N 142 
HIS H    H  N N 143 
HIS H2   H  N N 144 
HIS HA   H  N N 145 
HIS HB2  H  N N 146 
HIS HB3  H  N N 147 
HIS HD1  H  N N 148 
HIS HD2  H  N N 149 
HIS HE1  H  N N 150 
HIS HE2  H  N N 151 
HIS HXT  H  N N 152 
HOH O    O  N N 153 
HOH H1   H  N N 154 
HOH H2   H  N N 155 
ILE N    N  N N 156 
ILE CA   C  N S 157 
ILE C    C  N N 158 
ILE O    O  N N 159 
ILE CB   C  N S 160 
ILE CG1  C  N N 161 
ILE CG2  C  N N 162 
ILE CD1  C  N N 163 
ILE OXT  O  N N 164 
ILE H    H  N N 165 
ILE H2   H  N N 166 
ILE HA   H  N N 167 
ILE HB   H  N N 168 
ILE HG12 H  N N 169 
ILE HG13 H  N N 170 
ILE HG21 H  N N 171 
ILE HG22 H  N N 172 
ILE HG23 H  N N 173 
ILE HD11 H  N N 174 
ILE HD12 H  N N 175 
ILE HD13 H  N N 176 
ILE HXT  H  N N 177 
KM3 O3   O  N N 178 
KM3 C9   C  N N 179 
KM3 N1   N  N N 180 
KM3 N2   N  N N 181 
KM3 C10  C  N S 182 
KM3 C8   C  N R 183 
KM3 C7   C  N N 184 
KM3 S1   S  N N 185 
KM3 C6   C  N S 186 
KM3 C5   C  N N 187 
KM3 C4   C  N N 188 
KM3 C3   C  N N 189 
KM3 C2   C  N N 190 
KM3 C01  C  N N 191 
KM3 C25  C  N N 192 
KM3 N6   N  N N 193 
KM3 C26  C  N N 194 
KM3 O1   O  N N 195 
KM3 C23  C  N N 196 
KM3 C24  C  N N 197 
KM3 N3   N  N N 198 
KM3 C11  C  N N 199 
KM3 C17  C  N N 200 
KM3 FE1  FE N N 201 
KM3 N4   N  Y N 202 
KM3 C16  C  Y N 203 
KM3 C15  C  Y N 204 
KM3 C14  C  Y N 205 
KM3 C13  C  Y N 206 
KM3 C12  C  Y N 207 
KM3 N5   N  Y N 208 
KM3 C18  C  Y N 209 
KM3 C22  C  Y N 210 
KM3 C21  C  Y N 211 
KM3 C20  C  Y N 212 
KM3 C19  C  Y N 213 
KM3 H1   H  N N 214 
KM3 H2   H  N N 215 
KM3 H3   H  N N 216 
KM3 H4   H  N N 217 
KM3 H5   H  N N 218 
KM3 H6   H  N N 219 
KM3 H7   H  N N 220 
KM3 H8   H  N N 221 
KM3 H9   H  N N 222 
KM3 H10  H  N N 223 
KM3 H11  H  N N 224 
KM3 H12  H  N N 225 
KM3 H13  H  N N 226 
KM3 H14  H  N N 227 
KM3 H15  H  N N 228 
KM3 H16  H  N N 229 
KM3 H17  H  N N 230 
KM3 H18  H  N N 231 
KM3 H19  H  N N 232 
KM3 H20  H  N N 233 
KM3 H21  H  N N 234 
KM3 H22  H  N N 235 
KM3 H23  H  N N 236 
KM3 H24  H  N N 237 
KM3 H25  H  N N 238 
KM3 H26  H  N N 239 
KM3 H27  H  N N 240 
KM3 H28  H  N N 241 
KM3 H29  H  N N 242 
KM3 H30  H  N N 243 
KM3 H31  H  N N 244 
KM3 H32  H  N N 245 
KM3 H33  H  N N 246 
KM3 H34  H  N N 247 
KM3 H35  H  N N 248 
KM3 H36  H  N N 249 
LEU N    N  N N 250 
LEU CA   C  N S 251 
LEU C    C  N N 252 
LEU O    O  N N 253 
LEU CB   C  N N 254 
LEU CG   C  N N 255 
LEU CD1  C  N N 256 
LEU CD2  C  N N 257 
LEU OXT  O  N N 258 
LEU H    H  N N 259 
LEU H2   H  N N 260 
LEU HA   H  N N 261 
LEU HB2  H  N N 262 
LEU HB3  H  N N 263 
LEU HG   H  N N 264 
LEU HD11 H  N N 265 
LEU HD12 H  N N 266 
LEU HD13 H  N N 267 
LEU HD21 H  N N 268 
LEU HD22 H  N N 269 
LEU HD23 H  N N 270 
LEU HXT  H  N N 271 
LYS N    N  N N 272 
LYS CA   C  N S 273 
LYS C    C  N N 274 
LYS O    O  N N 275 
LYS CB   C  N N 276 
LYS CG   C  N N 277 
LYS CD   C  N N 278 
LYS CE   C  N N 279 
LYS NZ   N  N N 280 
LYS OXT  O  N N 281 
LYS H    H  N N 282 
LYS H2   H  N N 283 
LYS HA   H  N N 284 
LYS HB2  H  N N 285 
LYS HB3  H  N N 286 
LYS HG2  H  N N 287 
LYS HG3  H  N N 288 
LYS HD2  H  N N 289 
LYS HD3  H  N N 290 
LYS HE2  H  N N 291 
LYS HE3  H  N N 292 
LYS HZ1  H  N N 293 
LYS HZ2  H  N N 294 
LYS HZ3  H  N N 295 
LYS HXT  H  N N 296 
MET N    N  N N 297 
MET CA   C  N S 298 
MET C    C  N N 299 
MET O    O  N N 300 
MET CB   C  N N 301 
MET CG   C  N N 302 
MET SD   S  N N 303 
MET CE   C  N N 304 
MET OXT  O  N N 305 
MET H    H  N N 306 
MET H2   H  N N 307 
MET HA   H  N N 308 
MET HB2  H  N N 309 
MET HB3  H  N N 310 
MET HG2  H  N N 311 
MET HG3  H  N N 312 
MET HE1  H  N N 313 
MET HE2  H  N N 314 
MET HE3  H  N N 315 
MET HXT  H  N N 316 
PHE N    N  N N 317 
PHE CA   C  N S 318 
PHE C    C  N N 319 
PHE O    O  N N 320 
PHE CB   C  N N 321 
PHE CG   C  Y N 322 
PHE CD1  C  Y N 323 
PHE CD2  C  Y N 324 
PHE CE1  C  Y N 325 
PHE CE2  C  Y N 326 
PHE CZ   C  Y N 327 
PHE OXT  O  N N 328 
PHE H    H  N N 329 
PHE H2   H  N N 330 
PHE HA   H  N N 331 
PHE HB2  H  N N 332 
PHE HB3  H  N N 333 
PHE HD1  H  N N 334 
PHE HD2  H  N N 335 
PHE HE1  H  N N 336 
PHE HE2  H  N N 337 
PHE HZ   H  N N 338 
PHE HXT  H  N N 339 
PRO N    N  N N 340 
PRO CA   C  N S 341 
PRO C    C  N N 342 
PRO O    O  N N 343 
PRO CB   C  N N 344 
PRO CG   C  N N 345 
PRO CD   C  N N 346 
PRO OXT  O  N N 347 
PRO H    H  N N 348 
PRO HA   H  N N 349 
PRO HB2  H  N N 350 
PRO HB3  H  N N 351 
PRO HG2  H  N N 352 
PRO HG3  H  N N 353 
PRO HD2  H  N N 354 
PRO HD3  H  N N 355 
PRO HXT  H  N N 356 
SER N    N  N N 357 
SER CA   C  N S 358 
SER C    C  N N 359 
SER O    O  N N 360 
SER CB   C  N N 361 
SER OG   O  N N 362 
SER OXT  O  N N 363 
SER H    H  N N 364 
SER H2   H  N N 365 
SER HA   H  N N 366 
SER HB2  H  N N 367 
SER HB3  H  N N 368 
SER HG   H  N N 369 
SER HXT  H  N N 370 
THR N    N  N N 371 
THR CA   C  N S 372 
THR C    C  N N 373 
THR O    O  N N 374 
THR CB   C  N R 375 
THR OG1  O  N N 376 
THR CG2  C  N N 377 
THR OXT  O  N N 378 
THR H    H  N N 379 
THR H2   H  N N 380 
THR HA   H  N N 381 
THR HB   H  N N 382 
THR HG1  H  N N 383 
THR HG21 H  N N 384 
THR HG22 H  N N 385 
THR HG23 H  N N 386 
THR HXT  H  N N 387 
TRP N    N  N N 388 
TRP CA   C  N S 389 
TRP C    C  N N 390 
TRP O    O  N N 391 
TRP CB   C  N N 392 
TRP CG   C  Y N 393 
TRP CD1  C  Y N 394 
TRP CD2  C  Y N 395 
TRP NE1  N  Y N 396 
TRP CE2  C  Y N 397 
TRP CE3  C  Y N 398 
TRP CZ2  C  Y N 399 
TRP CZ3  C  Y N 400 
TRP CH2  C  Y N 401 
TRP OXT  O  N N 402 
TRP H    H  N N 403 
TRP H2   H  N N 404 
TRP HA   H  N N 405 
TRP HB2  H  N N 406 
TRP HB3  H  N N 407 
TRP HD1  H  N N 408 
TRP HE1  H  N N 409 
TRP HE3  H  N N 410 
TRP HZ2  H  N N 411 
TRP HZ3  H  N N 412 
TRP HH2  H  N N 413 
TRP HXT  H  N N 414 
TYR N    N  N N 415 
TYR CA   C  N S 416 
TYR C    C  N N 417 
TYR O    O  N N 418 
TYR CB   C  N N 419 
TYR CG   C  Y N 420 
TYR CD1  C  Y N 421 
TYR CD2  C  Y N 422 
TYR CE1  C  Y N 423 
TYR CE2  C  Y N 424 
TYR CZ   C  Y N 425 
TYR OH   O  N N 426 
TYR OXT  O  N N 427 
TYR H    H  N N 428 
TYR H2   H  N N 429 
TYR HA   H  N N 430 
TYR HB2  H  N N 431 
TYR HB3  H  N N 432 
TYR HD1  H  N N 433 
TYR HD2  H  N N 434 
TYR HE1  H  N N 435 
TYR HE2  H  N N 436 
TYR HH   H  N N 437 
TYR HXT  H  N N 438 
VAL N    N  N N 439 
VAL CA   C  N S 440 
VAL C    C  N N 441 
VAL O    O  N N 442 
VAL CB   C  N N 443 
VAL CG1  C  N N 444 
VAL CG2  C  N N 445 
VAL OXT  O  N N 446 
VAL H    H  N N 447 
VAL H2   H  N N 448 
VAL HA   H  N N 449 
VAL HB   H  N N 450 
VAL HG11 H  N N 451 
VAL HG12 H  N N 452 
VAL HG13 H  N N 453 
VAL HG21 H  N N 454 
VAL HG22 H  N N 455 
VAL HG23 H  N N 456 
VAL HXT  H  N N 457 
# 
loop_
_chem_comp_bond.comp_id 
_chem_comp_bond.atom_id_1 
_chem_comp_bond.atom_id_2 
_chem_comp_bond.value_order 
_chem_comp_bond.pdbx_aromatic_flag 
_chem_comp_bond.pdbx_stereo_config 
_chem_comp_bond.pdbx_ordinal 
ACT C   O    doub N N 1   
ACT C   OXT  sing N N 2   
ACT C   CH3  sing N N 3   
ACT CH3 H1   sing N N 4   
ACT CH3 H2   sing N N 5   
ACT CH3 H3   sing N N 6   
ALA N   CA   sing N N 7   
ALA N   H    sing N N 8   
ALA N   H2   sing N N 9   
ALA CA  C    sing N N 10  
ALA CA  CB   sing N N 11  
ALA CA  HA   sing N N 12  
ALA C   O    doub N N 13  
ALA C   OXT  sing N N 14  
ALA CB  HB1  sing N N 15  
ALA CB  HB2  sing N N 16  
ALA CB  HB3  sing N N 17  
ALA OXT HXT  sing N N 18  
ARG N   CA   sing N N 19  
ARG N   H    sing N N 20  
ARG N   H2   sing N N 21  
ARG CA  C    sing N N 22  
ARG CA  CB   sing N N 23  
ARG CA  HA   sing N N 24  
ARG C   O    doub N N 25  
ARG C   OXT  sing N N 26  
ARG CB  CG   sing N N 27  
ARG CB  HB2  sing N N 28  
ARG CB  HB3  sing N N 29  
ARG CG  CD   sing N N 30  
ARG CG  HG2  sing N N 31  
ARG CG  HG3  sing N N 32  
ARG CD  NE   sing N N 33  
ARG CD  HD2  sing N N 34  
ARG CD  HD3  sing N N 35  
ARG NE  CZ   sing N N 36  
ARG NE  HE   sing N N 37  
ARG CZ  NH1  sing N N 38  
ARG CZ  NH2  doub N N 39  
ARG NH1 HH11 sing N N 40  
ARG NH1 HH12 sing N N 41  
ARG NH2 HH21 sing N N 42  
ARG NH2 HH22 sing N N 43  
ARG OXT HXT  sing N N 44  
ASN N   CA   sing N N 45  
ASN N   H    sing N N 46  
ASN N   H2   sing N N 47  
ASN CA  C    sing N N 48  
ASN CA  CB   sing N N 49  
ASN CA  HA   sing N N 50  
ASN C   O    doub N N 51  
ASN C   OXT  sing N N 52  
ASN CB  CG   sing N N 53  
ASN CB  HB2  sing N N 54  
ASN CB  HB3  sing N N 55  
ASN CG  OD1  doub N N 56  
ASN CG  ND2  sing N N 57  
ASN ND2 HD21 sing N N 58  
ASN ND2 HD22 sing N N 59  
ASN OXT HXT  sing N N 60  
ASP N   CA   sing N N 61  
ASP N   H    sing N N 62  
ASP N   H2   sing N N 63  
ASP CA  C    sing N N 64  
ASP CA  CB   sing N N 65  
ASP CA  HA   sing N N 66  
ASP C   O    doub N N 67  
ASP C   OXT  sing N N 68  
ASP CB  CG   sing N N 69  
ASP CB  HB2  sing N N 70  
ASP CB  HB3  sing N N 71  
ASP CG  OD1  doub N N 72  
ASP CG  OD2  sing N N 73  
ASP OD2 HD2  sing N N 74  
ASP OXT HXT  sing N N 75  
CYN C   N    trip N N 76  
GLN N   CA   sing N N 77  
GLN N   H    sing N N 78  
GLN N   H2   sing N N 79  
GLN CA  C    sing N N 80  
GLN CA  CB   sing N N 81  
GLN CA  HA   sing N N 82  
GLN C   O    doub N N 83  
GLN C   OXT  sing N N 84  
GLN CB  CG   sing N N 85  
GLN CB  HB2  sing N N 86  
GLN CB  HB3  sing N N 87  
GLN CG  CD   sing N N 88  
GLN CG  HG2  sing N N 89  
GLN CG  HG3  sing N N 90  
GLN CD  OE1  doub N N 91  
GLN CD  NE2  sing N N 92  
GLN NE2 HE21 sing N N 93  
GLN NE2 HE22 sing N N 94  
GLN OXT HXT  sing N N 95  
GLU N   CA   sing N N 96  
GLU N   H    sing N N 97  
GLU N   H2   sing N N 98  
GLU CA  C    sing N N 99  
GLU CA  CB   sing N N 100 
GLU CA  HA   sing N N 101 
GLU C   O    doub N N 102 
GLU C   OXT  sing N N 103 
GLU CB  CG   sing N N 104 
GLU CB  HB2  sing N N 105 
GLU CB  HB3  sing N N 106 
GLU CG  CD   sing N N 107 
GLU CG  HG2  sing N N 108 
GLU CG  HG3  sing N N 109 
GLU CD  OE1  doub N N 110 
GLU CD  OE2  sing N N 111 
GLU OE2 HE2  sing N N 112 
GLU OXT HXT  sing N N 113 
GLY N   CA   sing N N 114 
GLY N   H    sing N N 115 
GLY N   H2   sing N N 116 
GLY CA  C    sing N N 117 
GLY CA  HA2  sing N N 118 
GLY CA  HA3  sing N N 119 
GLY C   O    doub N N 120 
GLY C   OXT  sing N N 121 
GLY OXT HXT  sing N N 122 
HIS N   CA   sing N N 123 
HIS N   H    sing N N 124 
HIS N   H2   sing N N 125 
HIS CA  C    sing N N 126 
HIS CA  CB   sing N N 127 
HIS CA  HA   sing N N 128 
HIS C   O    doub N N 129 
HIS C   OXT  sing N N 130 
HIS CB  CG   sing N N 131 
HIS CB  HB2  sing N N 132 
HIS CB  HB3  sing N N 133 
HIS CG  ND1  sing Y N 134 
HIS CG  CD2  doub Y N 135 
HIS ND1 CE1  doub Y N 136 
HIS ND1 HD1  sing N N 137 
HIS CD2 NE2  sing Y N 138 
HIS CD2 HD2  sing N N 139 
HIS CE1 NE2  sing Y N 140 
HIS CE1 HE1  sing N N 141 
HIS NE2 HE2  sing N N 142 
HIS OXT HXT  sing N N 143 
HOH O   H1   sing N N 144 
HOH O   H2   sing N N 145 
ILE N   CA   sing N N 146 
ILE N   H    sing N N 147 
ILE N   H2   sing N N 148 
ILE CA  C    sing N N 149 
ILE CA  CB   sing N N 150 
ILE CA  HA   sing N N 151 
ILE C   O    doub N N 152 
ILE C   OXT  sing N N 153 
ILE CB  CG1  sing N N 154 
ILE CB  CG2  sing N N 155 
ILE CB  HB   sing N N 156 
ILE CG1 CD1  sing N N 157 
ILE CG1 HG12 sing N N 158 
ILE CG1 HG13 sing N N 159 
ILE CG2 HG21 sing N N 160 
ILE CG2 HG22 sing N N 161 
ILE CG2 HG23 sing N N 162 
ILE CD1 HD11 sing N N 163 
ILE CD1 HD12 sing N N 164 
ILE CD1 HD13 sing N N 165 
ILE OXT HXT  sing N N 166 
KM3 C19 C18  doub Y N 167 
KM3 C19 C20  sing Y N 168 
KM3 C17 C18  sing N N 169 
KM3 C17 N3   sing N N 170 
KM3 C18 N5   sing Y N 171 
KM3 C20 C21  doub Y N 172 
KM3 C11 N3   sing N N 173 
KM3 C11 C12  sing N N 174 
KM3 N3  C23  sing N N 175 
KM3 N3  FE1  sing N N 176 
KM3 C12 C13  doub Y N 177 
KM3 C12 N4   sing Y N 178 
KM3 N5  C22  doub Y N 179 
KM3 N5  FE1  sing N N 180 
KM3 C21 C22  sing Y N 181 
KM3 C13 C14  sing Y N 182 
KM3 C23 C26  sing N N 183 
KM3 FE1 N4   sing N N 184 
KM3 N4  C16  doub Y N 185 
KM3 C14 C15  doub Y N 186 
KM3 C26 C25  sing N N 187 
KM3 C24 C25  sing N N 188 
KM3 C24 N6   sing N N 189 
KM3 O1  C01  doub N N 190 
KM3 C16 C15  sing Y N 191 
KM3 C01 N6   sing N N 192 
KM3 C01 C2   sing N N 193 
KM3 C2  C3   sing N N 194 
KM3 C3  C4   sing N N 195 
KM3 C4  C5   sing N N 196 
KM3 C5  C6   sing N N 197 
KM3 C6  C10  sing N N 198 
KM3 C6  S1   sing N N 199 
KM3 N2  C10  sing N N 200 
KM3 N2  C9   sing N N 201 
KM3 C10 C8   sing N N 202 
KM3 S1  C7   sing N N 203 
KM3 C9  O3   doub N N 204 
KM3 C9  N1   sing N N 205 
KM3 C8  C7   sing N N 206 
KM3 C8  N1   sing N N 207 
KM3 N1  H1   sing N N 208 
KM3 N2  H2   sing N N 209 
KM3 C10 H3   sing N N 210 
KM3 C8  H4   sing N N 211 
KM3 C7  H5   sing N N 212 
KM3 C7  H6   sing N N 213 
KM3 C6  H7   sing N N 214 
KM3 C5  H8   sing N N 215 
KM3 C5  H9   sing N N 216 
KM3 C4  H10  sing N N 217 
KM3 C4  H11  sing N N 218 
KM3 C3  H12  sing N N 219 
KM3 C3  H13  sing N N 220 
KM3 C2  H14  sing N N 221 
KM3 C2  H15  sing N N 222 
KM3 C25 H16  sing N N 223 
KM3 C25 H17  sing N N 224 
KM3 N6  H18  sing N N 225 
KM3 C26 H19  sing N N 226 
KM3 C26 H20  sing N N 227 
KM3 C23 H21  sing N N 228 
KM3 C23 H22  sing N N 229 
KM3 C24 H23  sing N N 230 
KM3 C24 H24  sing N N 231 
KM3 C11 H25  sing N N 232 
KM3 C11 H26  sing N N 233 
KM3 C17 H27  sing N N 234 
KM3 C17 H28  sing N N 235 
KM3 C16 H29  sing N N 236 
KM3 C15 H30  sing N N 237 
KM3 C14 H31  sing N N 238 
KM3 C13 H32  sing N N 239 
KM3 C22 H33  sing N N 240 
KM3 C21 H34  sing N N 241 
KM3 C20 H35  sing N N 242 
KM3 C19 H36  sing N N 243 
LEU N   CA   sing N N 244 
LEU N   H    sing N N 245 
LEU N   H2   sing N N 246 
LEU CA  C    sing N N 247 
LEU CA  CB   sing N N 248 
LEU CA  HA   sing N N 249 
LEU C   O    doub N N 250 
LEU C   OXT  sing N N 251 
LEU CB  CG   sing N N 252 
LEU CB  HB2  sing N N 253 
LEU CB  HB3  sing N N 254 
LEU CG  CD1  sing N N 255 
LEU CG  CD2  sing N N 256 
LEU CG  HG   sing N N 257 
LEU CD1 HD11 sing N N 258 
LEU CD1 HD12 sing N N 259 
LEU CD1 HD13 sing N N 260 
LEU CD2 HD21 sing N N 261 
LEU CD2 HD22 sing N N 262 
LEU CD2 HD23 sing N N 263 
LEU OXT HXT  sing N N 264 
LYS N   CA   sing N N 265 
LYS N   H    sing N N 266 
LYS N   H2   sing N N 267 
LYS CA  C    sing N N 268 
LYS CA  CB   sing N N 269 
LYS CA  HA   sing N N 270 
LYS C   O    doub N N 271 
LYS C   OXT  sing N N 272 
LYS CB  CG   sing N N 273 
LYS CB  HB2  sing N N 274 
LYS CB  HB3  sing N N 275 
LYS CG  CD   sing N N 276 
LYS CG  HG2  sing N N 277 
LYS CG  HG3  sing N N 278 
LYS CD  CE   sing N N 279 
LYS CD  HD2  sing N N 280 
LYS CD  HD3  sing N N 281 
LYS CE  NZ   sing N N 282 
LYS CE  HE2  sing N N 283 
LYS CE  HE3  sing N N 284 
LYS NZ  HZ1  sing N N 285 
LYS NZ  HZ2  sing N N 286 
LYS NZ  HZ3  sing N N 287 
LYS OXT HXT  sing N N 288 
MET N   CA   sing N N 289 
MET N   H    sing N N 290 
MET N   H2   sing N N 291 
MET CA  C    sing N N 292 
MET CA  CB   sing N N 293 
MET CA  HA   sing N N 294 
MET C   O    doub N N 295 
MET C   OXT  sing N N 296 
MET CB  CG   sing N N 297 
MET CB  HB2  sing N N 298 
MET CB  HB3  sing N N 299 
MET CG  SD   sing N N 300 
MET CG  HG2  sing N N 301 
MET CG  HG3  sing N N 302 
MET SD  CE   sing N N 303 
MET CE  HE1  sing N N 304 
MET CE  HE2  sing N N 305 
MET CE  HE3  sing N N 306 
MET OXT HXT  sing N N 307 
PHE N   CA   sing N N 308 
PHE N   H    sing N N 309 
PHE N   H2   sing N N 310 
PHE CA  C    sing N N 311 
PHE CA  CB   sing N N 312 
PHE CA  HA   sing N N 313 
PHE C   O    doub N N 314 
PHE C   OXT  sing N N 315 
PHE CB  CG   sing N N 316 
PHE CB  HB2  sing N N 317 
PHE CB  HB3  sing N N 318 
PHE CG  CD1  doub Y N 319 
PHE CG  CD2  sing Y N 320 
PHE CD1 CE1  sing Y N 321 
PHE CD1 HD1  sing N N 322 
PHE CD2 CE2  doub Y N 323 
PHE CD2 HD2  sing N N 324 
PHE CE1 CZ   doub Y N 325 
PHE CE1 HE1  sing N N 326 
PHE CE2 CZ   sing Y N 327 
PHE CE2 HE2  sing N N 328 
PHE CZ  HZ   sing N N 329 
PHE OXT HXT  sing N N 330 
PRO N   CA   sing N N 331 
PRO N   CD   sing N N 332 
PRO N   H    sing N N 333 
PRO CA  C    sing N N 334 
PRO CA  CB   sing N N 335 
PRO CA  HA   sing N N 336 
PRO C   O    doub N N 337 
PRO C   OXT  sing N N 338 
PRO CB  CG   sing N N 339 
PRO CB  HB2  sing N N 340 
PRO CB  HB3  sing N N 341 
PRO CG  CD   sing N N 342 
PRO CG  HG2  sing N N 343 
PRO CG  HG3  sing N N 344 
PRO CD  HD2  sing N N 345 
PRO CD  HD3  sing N N 346 
PRO OXT HXT  sing N N 347 
SER N   CA   sing N N 348 
SER N   H    sing N N 349 
SER N   H2   sing N N 350 
SER CA  C    sing N N 351 
SER CA  CB   sing N N 352 
SER CA  HA   sing N N 353 
SER C   O    doub N N 354 
SER C   OXT  sing N N 355 
SER CB  OG   sing N N 356 
SER CB  HB2  sing N N 357 
SER CB  HB3  sing N N 358 
SER OG  HG   sing N N 359 
SER OXT HXT  sing N N 360 
THR N   CA   sing N N 361 
THR N   H    sing N N 362 
THR N   H2   sing N N 363 
THR CA  C    sing N N 364 
THR CA  CB   sing N N 365 
THR CA  HA   sing N N 366 
THR C   O    doub N N 367 
THR C   OXT  sing N N 368 
THR CB  OG1  sing N N 369 
THR CB  CG2  sing N N 370 
THR CB  HB   sing N N 371 
THR OG1 HG1  sing N N 372 
THR CG2 HG21 sing N N 373 
THR CG2 HG22 sing N N 374 
THR CG2 HG23 sing N N 375 
THR OXT HXT  sing N N 376 
TRP N   CA   sing N N 377 
TRP N   H    sing N N 378 
TRP N   H2   sing N N 379 
TRP CA  C    sing N N 380 
TRP CA  CB   sing N N 381 
TRP CA  HA   sing N N 382 
TRP C   O    doub N N 383 
TRP C   OXT  sing N N 384 
TRP CB  CG   sing N N 385 
TRP CB  HB2  sing N N 386 
TRP CB  HB3  sing N N 387 
TRP CG  CD1  doub Y N 388 
TRP CG  CD2  sing Y N 389 
TRP CD1 NE1  sing Y N 390 
TRP CD1 HD1  sing N N 391 
TRP CD2 CE2  doub Y N 392 
TRP CD2 CE3  sing Y N 393 
TRP NE1 CE2  sing Y N 394 
TRP NE1 HE1  sing N N 395 
TRP CE2 CZ2  sing Y N 396 
TRP CE3 CZ3  doub Y N 397 
TRP CE3 HE3  sing N N 398 
TRP CZ2 CH2  doub Y N 399 
TRP CZ2 HZ2  sing N N 400 
TRP CZ3 CH2  sing Y N 401 
TRP CZ3 HZ3  sing N N 402 
TRP CH2 HH2  sing N N 403 
TRP OXT HXT  sing N N 404 
TYR N   CA   sing N N 405 
TYR N   H    sing N N 406 
TYR N   H2   sing N N 407 
TYR CA  C    sing N N 408 
TYR CA  CB   sing N N 409 
TYR CA  HA   sing N N 410 
TYR C   O    doub N N 411 
TYR C   OXT  sing N N 412 
TYR CB  CG   sing N N 413 
TYR CB  HB2  sing N N 414 
TYR CB  HB3  sing N N 415 
TYR CG  CD1  doub Y N 416 
TYR CG  CD2  sing Y N 417 
TYR CD1 CE1  sing Y N 418 
TYR CD1 HD1  sing N N 419 
TYR CD2 CE2  doub Y N 420 
TYR CD2 HD2  sing N N 421 
TYR CE1 CZ   doub Y N 422 
TYR CE1 HE1  sing N N 423 
TYR CE2 CZ   sing Y N 424 
TYR CE2 HE2  sing N N 425 
TYR CZ  OH   sing N N 426 
TYR OH  HH   sing N N 427 
TYR OXT HXT  sing N N 428 
VAL N   CA   sing N N 429 
VAL N   H    sing N N 430 
VAL N   H2   sing N N 431 
VAL CA  C    sing N N 432 
VAL CA  CB   sing N N 433 
VAL CA  HA   sing N N 434 
VAL C   O    doub N N 435 
VAL C   OXT  sing N N 436 
VAL CB  CG1  sing N N 437 
VAL CB  CG2  sing N N 438 
VAL CB  HB   sing N N 439 
VAL CG1 HG11 sing N N 440 
VAL CG1 HG12 sing N N 441 
VAL CG1 HG13 sing N N 442 
VAL CG2 HG21 sing N N 443 
VAL CG2 HG22 sing N N 444 
VAL CG2 HG23 sing N N 445 
VAL OXT HXT  sing N N 446 
# 
_pdbx_audit_support.funding_organization   
'National Institutes of Health/National Institute of General Medical Sciences (NIH/NIGMS)' 
_pdbx_audit_support.country                'United States' 
_pdbx_audit_support.grant_number           GM120349 
_pdbx_audit_support.ordinal                1 
# 
_pdbx_entity_instance_feature.ordinal        1 
_pdbx_entity_instance_feature.comp_id        KM3 
_pdbx_entity_instance_feature.asym_id        ? 
_pdbx_entity_instance_feature.seq_num        ? 
_pdbx_entity_instance_feature.auth_comp_id   KM3 
_pdbx_entity_instance_feature.auth_asym_id   ? 
_pdbx_entity_instance_feature.auth_seq_num   ? 
_pdbx_entity_instance_feature.feature_type   'SUBJECT OF INVESTIGATION' 
_pdbx_entity_instance_feature.details        ? 
# 
loop_
_pdbx_entity_nonpoly.entity_id 
_pdbx_entity_nonpoly.name 
_pdbx_entity_nonpoly.comp_id 
2 
;{N-(4-{bis[(pyridin-2-yl-kappaN)methyl]amino-kappaN}butyl)-5-[(3aS,4S,6aR)-2-oxohexahydro-1H-thieno[3,4-d]imidazol-4-yl]pentanamide}iron(3+)
;
KM3 
3 'CYANIDE ION' CYN 
4 'ACETATE ION' ACT 
5 water HOH 
# 
_pdbx_initial_refinement_model.id               1 
_pdbx_initial_refinement_model.entity_id_list   ? 
_pdbx_initial_refinement_model.type             'experimental model' 
_pdbx_initial_refinement_model.source_name      PDB 
_pdbx_initial_refinement_model.accession_code   2QCB 
_pdbx_initial_refinement_model.details          ? 
# 
_pdbx_struct_assembly_auth_evidence.id                     1 
_pdbx_struct_assembly_auth_evidence.assembly_id            1 
_pdbx_struct_assembly_auth_evidence.experimental_support   'gel filtration' 
_pdbx_struct_assembly_auth_evidence.details                ? 
# 
